data_2WDO
# 
_entry.id   2WDO 
# 
_audit_conform.dict_name       mmcif_pdbx.dic 
_audit_conform.dict_version    5.382 
_audit_conform.dict_location   http://mmcif.pdb.org/dictionaries/ascii/mmcif_pdbx.dic 
# 
loop_
_database_2.database_id 
_database_2.database_code 
_database_2.pdbx_database_accession 
_database_2.pdbx_DOI 
PDB   2WDO         pdb_00002wdo 10.2210/pdb2wdo/pdb 
PDBE  EBI-39200    ?            ?                   
WWPDB D_1290039200 ?            ?                   
# 
loop_
_pdbx_database_related.db_name 
_pdbx_database_related.db_id 
_pdbx_database_related.content_type 
_pdbx_database_related.details 
PDB 2WDS unspecified 'CRYSTAL STRUCTURE OF THE STREPTOMYCES COELICOLOR H110A ACPS MUTANT IN COMPLEX WITH COFACTOR COA AT 1.3 A' 
PDB 2WDY unspecified 'CRYSTAL STRUCTURE OF THE STREPTOMYCES COELICOLOR D111A ACPS MUTANT IN COMPLEX WITH COFACTOR COA AT 1.4 A' 
PDB 2JBZ unspecified 
'CRYSTAL STRUCTURE OF THE STREPTOMYCES COELICOLOR HOLO- [ACYL-CARRIER-PROTEIN] SYNTHASE (ACPS) IN COMPLEX WITH COENZYME A AT 1.6 A' 
PDB 2JCA unspecified 'CRYSTAL STRUCTURE OF THE STREPTOMYCES COELICOLOR HOLO- [ACYL-CARRIER-PROTEIN] SYNTHASE (ACPS) AT 2 A.' 
# 
_pdbx_database_status.status_code                     REL 
_pdbx_database_status.entry_id                        2WDO 
_pdbx_database_status.deposit_site                    PDBE 
_pdbx_database_status.process_site                    PDBE 
_pdbx_database_status.SG_entry                        . 
_pdbx_database_status.recvd_initial_deposition_date   2009-03-25 
_pdbx_database_status.pdb_format_compatible           Y 
_pdbx_database_status.status_code_sf                  REL 
_pdbx_database_status.status_code_mr                  ? 
_pdbx_database_status.status_code_cs                  ? 
_pdbx_database_status.methods_development_category    ? 
_pdbx_database_status.status_code_nmr_data            ? 
# 
loop_
_audit_author.name 
_audit_author.pdbx_ordinal 
;Dall'Aglio, P.
;
1 
'Arthur, C.'     2 
'Crump, M.P.'    3 
'Crosby, J.'     4 
'Hadfield, A.T.' 5 
# 
_citation.id                        primary 
_citation.title                     
'Analysis of Streptomyces Coelicolor Phosphopantetheinyl Transferase, Acps, Reveals the Basis for Relaxed Substrate Specificity.' 
_citation.journal_abbrev            Biochemistry 
_citation.journal_volume            50 
_citation.page_first                5704 
_citation.page_last                 ? 
_citation.year                      2011 
_citation.journal_id_ASTM           BICHAW 
_citation.country                   US 
_citation.journal_id_ISSN           0006-2960 
_citation.journal_id_CSD            0033 
_citation.book_publisher            ? 
_citation.pdbx_database_id_PubMed   21595442 
_citation.pdbx_database_id_DOI      10.1021/BI2003668 
# 
loop_
_citation_author.citation_id 
_citation_author.name 
_citation_author.ordinal 
_citation_author.identifier_ORCID 
primary 
;Dall'Aglio, P.
;
1 ? 
primary 'Arthur, C.'     2 ? 
primary 'Williams, C.'   3 ? 
primary 'Vasilakis, K.'  4 ? 
primary 'Maple, H.J.'    5 ? 
primary 'Crosby, J.'     6 ? 
primary 'Crump, M.P.'    7 ? 
primary 'Hadfield, A.T.' 8 ? 
# 
_cell.entry_id           2WDO 
_cell.length_a           72.833 
_cell.length_b           72.833 
_cell.length_c           72.833 
_cell.angle_alpha        90.00 
_cell.angle_beta         90.00 
_cell.angle_gamma        90.00 
_cell.Z_PDB              12 
_cell.pdbx_unique_axis   ? 
# 
_symmetry.entry_id                         2WDO 
_symmetry.space_group_name_H-M             'P 21 3' 
_symmetry.pdbx_full_space_group_name_H-M   ? 
_symmetry.cell_setting                     ? 
_symmetry.Int_Tables_number                198 
# 
loop_
_entity.id 
_entity.type 
_entity.src_method 
_entity.pdbx_description 
_entity.formula_weight 
_entity.pdbx_number_of_molecules 
_entity.pdbx_ec 
_entity.pdbx_mutation 
_entity.pdbx_fragment 
_entity.details 
1 polymer     man 'HOLO-[ACYL-CARRIER-PROTEIN] SYNTHASE' 14751.777 1   2.7.8.7 ? ? 
'ACETYL-COA AND COA ARE PRESENT IN THE ACTIVE SITE' 
2 non-polymer syn 'MAGNESIUM ION'                        24.305    1   ?       ? ? ? 
3 non-polymer syn 'ACETYL COENZYME *A'                   809.571   1   ?       ? ? ? 
4 non-polymer syn 'COENZYME A'                           767.534   1   ?       ? ? ? 
5 non-polymer syn GLYCEROL                               92.094    1   ?       ? ? ? 
6 non-polymer syn 'SULFATE ION'                          96.063    1   ?       ? ? ? 
7 water       nat water                                  18.015    237 ?       ? ? ? 
# 
_entity_name_com.entity_id   1 
_entity_name_com.name        
;4'-PHOSPHOPANTETHEINYL TRANSFERASE ACPS, HOLO-ACP SYNTHASE, ACYL CARRIER PROTEIN SYNTHASE
;
# 
_entity_poly.entity_id                      1 
_entity_poly.type                           'polypeptide(L)' 
_entity_poly.nstd_linkage                   no 
_entity_poly.nstd_monomer                   no 
_entity_poly.pdbx_seq_one_letter_code       
;MGSSHHHHHHSSGLVPRGSHMSIIGVGIDVAEVERFGAALERTPALAGRLFLESELLLPGGERRGVASLAARFAAKEALA
KALGAPAGLLWTDAEVWVEAGGRPRLRVTGTVAARAAELGVASWHVSLSHDAGIASAVVIAEG
;
_entity_poly.pdbx_seq_one_letter_code_can   
;MGSSHHHHHHSSGLVPRGSHMSIIGVGIDVAEVERFGAALERTPALAGRLFLESELLLPGGERRGVASLAARFAAKEALA
KALGAPAGLLWTDAEVWVEAGGRPRLRVTGTVAARAAELGVASWHVSLSHDAGIASAVVIAEG
;
_entity_poly.pdbx_strand_id                 A 
_entity_poly.pdbx_target_identifier         ? 
# 
loop_
_entity_poly_seq.entity_id 
_entity_poly_seq.num 
_entity_poly_seq.mon_id 
_entity_poly_seq.hetero 
1 1   MET n 
1 2   GLY n 
1 3   SER n 
1 4   SER n 
1 5   HIS n 
1 6   HIS n 
1 7   HIS n 
1 8   HIS n 
1 9   HIS n 
1 10  HIS n 
1 11  SER n 
1 12  SER n 
1 13  GLY n 
1 14  LEU n 
1 15  VAL n 
1 16  PRO n 
1 17  ARG n 
1 18  GLY n 
1 19  SER n 
1 20  HIS n 
1 21  MET n 
1 22  SER n 
1 23  ILE n 
1 24  ILE n 
1 25  GLY n 
1 26  VAL n 
1 27  GLY n 
1 28  ILE n 
1 29  ASP n 
1 30  VAL n 
1 31  ALA n 
1 32  GLU n 
1 33  VAL n 
1 34  GLU n 
1 35  ARG n 
1 36  PHE n 
1 37  GLY n 
1 38  ALA n 
1 39  ALA n 
1 40  LEU n 
1 41  GLU n 
1 42  ARG n 
1 43  THR n 
1 44  PRO n 
1 45  ALA n 
1 46  LEU n 
1 47  ALA n 
1 48  GLY n 
1 49  ARG n 
1 50  LEU n 
1 51  PHE n 
1 52  LEU n 
1 53  GLU n 
1 54  SER n 
1 55  GLU n 
1 56  LEU n 
1 57  LEU n 
1 58  LEU n 
1 59  PRO n 
1 60  GLY n 
1 61  GLY n 
1 62  GLU n 
1 63  ARG n 
1 64  ARG n 
1 65  GLY n 
1 66  VAL n 
1 67  ALA n 
1 68  SER n 
1 69  LEU n 
1 70  ALA n 
1 71  ALA n 
1 72  ARG n 
1 73  PHE n 
1 74  ALA n 
1 75  ALA n 
1 76  LYS n 
1 77  GLU n 
1 78  ALA n 
1 79  LEU n 
1 80  ALA n 
1 81  LYS n 
1 82  ALA n 
1 83  LEU n 
1 84  GLY n 
1 85  ALA n 
1 86  PRO n 
1 87  ALA n 
1 88  GLY n 
1 89  LEU n 
1 90  LEU n 
1 91  TRP n 
1 92  THR n 
1 93  ASP n 
1 94  ALA n 
1 95  GLU n 
1 96  VAL n 
1 97  TRP n 
1 98  VAL n 
1 99  GLU n 
1 100 ALA n 
1 101 GLY n 
1 102 GLY n 
1 103 ARG n 
1 104 PRO n 
1 105 ARG n 
1 106 LEU n 
1 107 ARG n 
1 108 VAL n 
1 109 THR n 
1 110 GLY n 
1 111 THR n 
1 112 VAL n 
1 113 ALA n 
1 114 ALA n 
1 115 ARG n 
1 116 ALA n 
1 117 ALA n 
1 118 GLU n 
1 119 LEU n 
1 120 GLY n 
1 121 VAL n 
1 122 ALA n 
1 123 SER n 
1 124 TRP n 
1 125 HIS n 
1 126 VAL n 
1 127 SER n 
1 128 LEU n 
1 129 SER n 
1 130 HIS n 
1 131 ASP n 
1 132 ALA n 
1 133 GLY n 
1 134 ILE n 
1 135 ALA n 
1 136 SER n 
1 137 ALA n 
1 138 VAL n 
1 139 VAL n 
1 140 ILE n 
1 141 ALA n 
1 142 GLU n 
1 143 GLY n 
# 
_entity_src_gen.entity_id                          1 
_entity_src_gen.pdbx_src_id                        1 
_entity_src_gen.pdbx_alt_source_flag               sample 
_entity_src_gen.pdbx_seq_type                      ? 
_entity_src_gen.pdbx_beg_seq_num                   ? 
_entity_src_gen.pdbx_end_seq_num                   ? 
_entity_src_gen.gene_src_common_name               ? 
_entity_src_gen.gene_src_genus                     ? 
_entity_src_gen.pdbx_gene_src_gene                 ? 
_entity_src_gen.gene_src_species                   ? 
_entity_src_gen.gene_src_strain                    ? 
_entity_src_gen.gene_src_tissue                    ? 
_entity_src_gen.gene_src_tissue_fraction           ? 
_entity_src_gen.gene_src_details                   ? 
_entity_src_gen.pdbx_gene_src_fragment             ? 
_entity_src_gen.pdbx_gene_src_scientific_name      'STREPTOMYCES COELICOLOR' 
_entity_src_gen.pdbx_gene_src_ncbi_taxonomy_id     1902 
_entity_src_gen.pdbx_gene_src_variant              ? 
_entity_src_gen.pdbx_gene_src_cell_line            ? 
_entity_src_gen.pdbx_gene_src_atcc                 ? 
_entity_src_gen.pdbx_gene_src_organ                ? 
_entity_src_gen.pdbx_gene_src_organelle            ? 
_entity_src_gen.pdbx_gene_src_cell                 ? 
_entity_src_gen.pdbx_gene_src_cellular_location    ? 
_entity_src_gen.host_org_common_name               ? 
_entity_src_gen.pdbx_host_org_scientific_name      'ESCHERICHIA COLI' 
_entity_src_gen.pdbx_host_org_ncbi_taxonomy_id     469008 
_entity_src_gen.host_org_genus                     ? 
_entity_src_gen.pdbx_host_org_gene                 ? 
_entity_src_gen.pdbx_host_org_organ                ? 
_entity_src_gen.host_org_species                   ? 
_entity_src_gen.pdbx_host_org_tissue               ? 
_entity_src_gen.pdbx_host_org_tissue_fraction      ? 
_entity_src_gen.pdbx_host_org_strain               'BL21(DE3)' 
_entity_src_gen.pdbx_host_org_variant              ? 
_entity_src_gen.pdbx_host_org_cell_line            ? 
_entity_src_gen.pdbx_host_org_atcc                 ? 
_entity_src_gen.pdbx_host_org_culture_collection   ? 
_entity_src_gen.pdbx_host_org_cell                 ? 
_entity_src_gen.pdbx_host_org_organelle            ? 
_entity_src_gen.pdbx_host_org_cellular_location    ? 
_entity_src_gen.pdbx_host_org_vector_type          ? 
_entity_src_gen.pdbx_host_org_vector               PET15B 
_entity_src_gen.host_org_details                   ? 
_entity_src_gen.expression_system_id               ? 
_entity_src_gen.plasmid_name                       ? 
_entity_src_gen.plasmid_details                    ? 
_entity_src_gen.pdbx_description                   ? 
# 
loop_
_struct_ref.id 
_struct_ref.db_name 
_struct_ref.db_code 
_struct_ref.entity_id 
_struct_ref.pdbx_seq_one_letter_code 
_struct_ref.pdbx_align_begin 
_struct_ref.pdbx_db_accession 
_struct_ref.pdbx_db_isoform 
1 PDB 2WDO       1 ? ? 2WDO   ? 
2 UNP ACPS_STRCO 1 ? ? O86785 ? 
# 
loop_
_struct_ref_seq.align_id 
_struct_ref_seq.ref_id 
_struct_ref_seq.pdbx_PDB_id_code 
_struct_ref_seq.pdbx_strand_id 
_struct_ref_seq.seq_align_beg 
_struct_ref_seq.pdbx_seq_align_beg_ins_code 
_struct_ref_seq.seq_align_end 
_struct_ref_seq.pdbx_seq_align_end_ins_code 
_struct_ref_seq.pdbx_db_accession 
_struct_ref_seq.db_align_beg 
_struct_ref_seq.pdbx_db_align_beg_ins_code 
_struct_ref_seq.db_align_end 
_struct_ref_seq.pdbx_db_align_end_ins_code 
_struct_ref_seq.pdbx_auth_seq_align_beg 
_struct_ref_seq.pdbx_auth_seq_align_end 
1 1 2WDO A 1  ? 20  ? 2WDO   -19 ? 0   ? -19 0   
2 2 2WDO A 21 ? 143 ? O86785 1   ? 123 ? 1   123 
# 
loop_
_chem_comp.id 
_chem_comp.type 
_chem_comp.mon_nstd_flag 
_chem_comp.name 
_chem_comp.pdbx_synonyms 
_chem_comp.formula 
_chem_comp.formula_weight 
ACO non-polymer         . 'ACETYL COENZYME *A' ?                               'C23 H38 N7 O17 P3 S' 809.571 
ALA 'L-peptide linking' y ALANINE              ?                               'C3 H7 N O2'          89.093  
ARG 'L-peptide linking' y ARGININE             ?                               'C6 H15 N4 O2 1'      175.209 
ASP 'L-peptide linking' y 'ASPARTIC ACID'      ?                               'C4 H7 N O4'          133.103 
COA non-polymer         . 'COENZYME A'         ?                               'C21 H36 N7 O16 P3 S' 767.534 
GLU 'L-peptide linking' y 'GLUTAMIC ACID'      ?                               'C5 H9 N O4'          147.129 
GLY 'peptide linking'   y GLYCINE              ?                               'C2 H5 N O2'          75.067  
GOL non-polymer         . GLYCEROL             'GLYCERIN; PROPANE-1,2,3-TRIOL' 'C3 H8 O3'            92.094  
HIS 'L-peptide linking' y HISTIDINE            ?                               'C6 H10 N3 O2 1'      156.162 
HOH non-polymer         . WATER                ?                               'H2 O'                18.015  
ILE 'L-peptide linking' y ISOLEUCINE           ?                               'C6 H13 N O2'         131.173 
LEU 'L-peptide linking' y LEUCINE              ?                               'C6 H13 N O2'         131.173 
LYS 'L-peptide linking' y LYSINE               ?                               'C6 H15 N2 O2 1'      147.195 
MET 'L-peptide linking' y METHIONINE           ?                               'C5 H11 N O2 S'       149.211 
MG  non-polymer         . 'MAGNESIUM ION'      ?                               'Mg 2'                24.305  
PHE 'L-peptide linking' y PHENYLALANINE        ?                               'C9 H11 N O2'         165.189 
PRO 'L-peptide linking' y PROLINE              ?                               'C5 H9 N O2'          115.130 
SER 'L-peptide linking' y SERINE               ?                               'C3 H7 N O3'          105.093 
SO4 non-polymer         . 'SULFATE ION'        ?                               'O4 S -2'             96.063  
THR 'L-peptide linking' y THREONINE            ?                               'C4 H9 N O3'          119.119 
TRP 'L-peptide linking' y TRYPTOPHAN           ?                               'C11 H12 N2 O2'       204.225 
VAL 'L-peptide linking' y VALINE               ?                               'C5 H11 N O2'         117.146 
# 
_exptl.entry_id          2WDO 
_exptl.method            'X-RAY DIFFRACTION' 
_exptl.crystals_number   1 
# 
_exptl_crystal.id                    1 
_exptl_crystal.density_meas          ? 
_exptl_crystal.density_Matthews      2.2 
_exptl_crystal.density_percent_sol   44 
_exptl_crystal.description           NONE 
# 
_exptl_crystal_grow.crystal_id      1 
_exptl_crystal_grow.method          ? 
_exptl_crystal_grow.temp            ? 
_exptl_crystal_grow.temp_details    ? 
_exptl_crystal_grow.pH              6.5 
_exptl_crystal_grow.pdbx_pH_range   ? 
_exptl_crystal_grow.pdbx_details    '0.2 M LITHIUM SULPHATE, 25% PEG 2K MME, 0.1 M SODIUM CACODYLATE PH 6.5' 
# 
_diffrn.id                     1 
_diffrn.ambient_temp           100 
_diffrn.ambient_temp_details   ? 
_diffrn.crystal_id             1 
# 
_diffrn_detector.diffrn_id              1 
_diffrn_detector.detector               CCD 
_diffrn_detector.type                   'ADSC CCD' 
_diffrn_detector.pdbx_collection_date   ? 
_diffrn_detector.details                ? 
# 
_diffrn_radiation.diffrn_id                        1 
_diffrn_radiation.wavelength_id                    1 
_diffrn_radiation.pdbx_monochromatic_or_laue_m_l   M 
_diffrn_radiation.monochromator                    ? 
_diffrn_radiation.pdbx_diffrn_protocol             'SINGLE WAVELENGTH' 
_diffrn_radiation.pdbx_scattering_type             x-ray 
# 
_diffrn_radiation_wavelength.id           1 
_diffrn_radiation_wavelength.wavelength   0.953 
_diffrn_radiation_wavelength.wt           1.0 
# 
_diffrn_source.diffrn_id                   1 
_diffrn_source.source                      SYNCHROTRON 
_diffrn_source.type                        'DIAMOND BEAMLINE I02' 
_diffrn_source.pdbx_synchrotron_site       Diamond 
_diffrn_source.pdbx_synchrotron_beamline   I02 
_diffrn_source.pdbx_wavelength             0.953 
_diffrn_source.pdbx_wavelength_list        ? 
# 
_reflns.pdbx_diffrn_id               1 
_reflns.pdbx_ordinal                 1 
_reflns.entry_id                     2WDO 
_reflns.observed_criterion_sigma_I   2.0 
_reflns.observed_criterion_sigma_F   ? 
_reflns.d_resolution_low             50.00 
_reflns.d_resolution_high            1.56 
_reflns.number_obs                   18659 
_reflns.number_all                   ? 
_reflns.percent_possible_obs         100.0 
_reflns.pdbx_Rmerge_I_obs            0.06 
_reflns.pdbx_Rsym_value              ? 
_reflns.pdbx_netI_over_sigmaI        32.00 
_reflns.B_iso_Wilson_estimate        ? 
_reflns.pdbx_redundancy              9.4 
# 
_reflns_shell.pdbx_diffrn_id         1 
_reflns_shell.pdbx_ordinal           1 
_reflns_shell.d_res_high             1.56 
_reflns_shell.d_res_low              1.62 
_reflns_shell.percent_possible_all   100.0 
_reflns_shell.Rmerge_I_obs           0.38 
_reflns_shell.pdbx_Rsym_value        ? 
_reflns_shell.meanI_over_sigI_obs    2.50 
_reflns_shell.pdbx_redundancy        9.1 
# 
_refine.pdbx_refine_id                           'X-RAY DIFFRACTION' 
_refine.entry_id                                 2WDO 
_refine.pdbx_diffrn_id                           1 
_refine.pdbx_TLS_residual_ADP_flag               ? 
_refine.ls_number_reflns_obs                     17671 
_refine.ls_number_reflns_all                     ? 
_refine.pdbx_ls_sigma_I                          ? 
_refine.pdbx_ls_sigma_F                          ? 
_refine.pdbx_data_cutoff_high_absF               ? 
_refine.pdbx_data_cutoff_low_absF                ? 
_refine.pdbx_data_cutoff_high_rms_absF           ? 
_refine.ls_d_res_low                             51.50 
_refine.ls_d_res_high                            1.56 
_refine.ls_percent_reflns_obs                    100.0 
_refine.ls_R_factor_obs                          0.204 
_refine.ls_R_factor_all                          ? 
_refine.ls_R_factor_R_work                       0.202 
_refine.ls_R_factor_R_free                       0.232 
_refine.ls_R_factor_R_free_error                 ? 
_refine.ls_R_factor_R_free_error_details         ? 
_refine.ls_percent_reflns_R_free                 5.100 
_refine.ls_number_reflns_R_free                  956 
_refine.ls_number_parameters                     ? 
_refine.ls_number_restraints                     ? 
_refine.occupancy_min                            ? 
_refine.occupancy_max                            ? 
_refine.correlation_coeff_Fo_to_Fc               0.953 
_refine.correlation_coeff_Fo_to_Fc_free          0.939 
_refine.B_iso_mean                               21.18 
_refine.aniso_B[1][1]                            ? 
_refine.aniso_B[2][2]                            ? 
_refine.aniso_B[3][3]                            ? 
_refine.aniso_B[1][2]                            ? 
_refine.aniso_B[1][3]                            ? 
_refine.aniso_B[2][3]                            ? 
_refine.solvent_model_details                    'BABINET MODEL WITH MASK' 
_refine.solvent_model_param_ksol                 ? 
_refine.solvent_model_param_bsol                 ? 
_refine.pdbx_solvent_vdw_probe_radii             1.20 
_refine.pdbx_solvent_ion_probe_radii             0.80 
_refine.pdbx_solvent_shrinkage_radii             0.80 
_refine.pdbx_ls_cross_valid_method               THROUGHOUT 
_refine.details                                  
;HYDROGENS HAVE BEEN ADDED IN THE RIDING POSITIONS. INSPECTION OF THE ELECTRON DENSITY IN THE ACETYL-COA REGION, INITIALLY REFINED WITH A FULL OCCUPANCY COFACTOR, AND THE FACT THAT THE ACETYL-COA STOCK CONTAINED A CONTAMINATION OF THE STANDARD COFACTOR, SUGGESTED THE ADDITIONAL PRESENCE OF COA
;
_refine.pdbx_starting_model                      'PDB ENTRY 2JBZ' 
_refine.pdbx_method_to_determine_struct          'MOLECULAR REPLACEMENT' 
_refine.pdbx_isotropic_thermal_model             ? 
_refine.pdbx_stereochemistry_target_values       'MAXIMUM LIKELIHOOD' 
_refine.pdbx_stereochem_target_val_spec_case     ? 
_refine.pdbx_R_Free_selection_details            RANDOM 
_refine.pdbx_overall_ESU_R                       0.104 
_refine.pdbx_overall_ESU_R_Free                  0.100 
_refine.overall_SU_ML                            0.070 
_refine.pdbx_overall_phase_error                 ? 
_refine.overall_SU_B                             1.896 
_refine.overall_SU_R_Cruickshank_DPI             ? 
_refine.pdbx_overall_SU_R_free_Cruickshank_DPI   ? 
_refine.pdbx_overall_SU_R_Blow_DPI               ? 
_refine.pdbx_overall_SU_R_free_Blow_DPI          ? 
# 
_refine_hist.pdbx_refine_id                   'X-RAY DIFFRACTION' 
_refine_hist.cycle_id                         LAST 
_refine_hist.pdbx_number_atoms_protein        887 
_refine_hist.pdbx_number_atoms_nucleic_acid   0 
_refine_hist.pdbx_number_atoms_ligand         111 
_refine_hist.number_atoms_solvent             237 
_refine_hist.number_atoms_total               1235 
_refine_hist.d_res_high                       1.56 
_refine_hist.d_res_low                        51.50 
# 
loop_
_refine_ls_restr.type 
_refine_ls_restr.dev_ideal 
_refine_ls_restr.dev_ideal_target 
_refine_ls_restr.weight 
_refine_ls_restr.number 
_refine_ls_restr.pdbx_refine_id 
_refine_ls_restr.pdbx_restraint_function 
r_bond_refined_d             0.012  0.021  ? 1084 'X-RAY DIFFRACTION' ? 
r_bond_other_d               ?      ?      ? ?    'X-RAY DIFFRACTION' ? 
r_angle_refined_deg          1.533  2.088  ? 1498 'X-RAY DIFFRACTION' ? 
r_angle_other_deg            ?      ?      ? ?    'X-RAY DIFFRACTION' ? 
r_dihedral_angle_1_deg       6.263  5.000  ? 142  'X-RAY DIFFRACTION' ? 
r_dihedral_angle_2_deg       33.385 22.432 ? 37   'X-RAY DIFFRACTION' ? 
r_dihedral_angle_3_deg       10.118 15.000 ? 152  'X-RAY DIFFRACTION' ? 
r_dihedral_angle_4_deg       17.234 15.000 ? 10   'X-RAY DIFFRACTION' ? 
r_chiral_restr               0.091  0.200  ? 166  'X-RAY DIFFRACTION' ? 
r_gen_planes_refined         0.006  0.020  ? 785  'X-RAY DIFFRACTION' ? 
r_gen_planes_other           ?      ?      ? ?    'X-RAY DIFFRACTION' ? 
r_nbd_refined                0.211  0.200  ? 482  'X-RAY DIFFRACTION' ? 
r_nbd_other                  ?      ?      ? ?    'X-RAY DIFFRACTION' ? 
r_nbtor_refined              0.295  0.200  ? 731  'X-RAY DIFFRACTION' ? 
r_nbtor_other                ?      ?      ? ?    'X-RAY DIFFRACTION' ? 
r_xyhbond_nbd_refined        0.238  0.200  ? 203  'X-RAY DIFFRACTION' ? 
r_xyhbond_nbd_other          ?      ?      ? ?    'X-RAY DIFFRACTION' ? 
r_metal_ion_refined          ?      ?      ? ?    'X-RAY DIFFRACTION' ? 
r_metal_ion_other            ?      ?      ? ?    'X-RAY DIFFRACTION' ? 
r_symmetry_vdw_refined       0.164  0.200  ? 86   'X-RAY DIFFRACTION' ? 
r_symmetry_vdw_other         ?      ?      ? ?    'X-RAY DIFFRACTION' ? 
r_symmetry_hbond_refined     0.261  0.200  ? 49   'X-RAY DIFFRACTION' ? 
r_symmetry_hbond_other       ?      ?      ? ?    'X-RAY DIFFRACTION' ? 
r_symmetry_metal_ion_refined ?      ?      ? ?    'X-RAY DIFFRACTION' ? 
r_symmetry_metal_ion_other   ?      ?      ? ?    'X-RAY DIFFRACTION' ? 
r_mcbond_it                  1.671  3.000  ? 662  'X-RAY DIFFRACTION' ? 
r_mcbond_other               ?      ?      ? ?    'X-RAY DIFFRACTION' ? 
r_mcangle_it                 2.426  5.000  ? 1021 'X-RAY DIFFRACTION' ? 
r_mcangle_other              ?      ?      ? ?    'X-RAY DIFFRACTION' ? 
r_scbond_it                  2.854  6.000  ? 477  'X-RAY DIFFRACTION' ? 
r_scbond_other               ?      ?      ? ?    'X-RAY DIFFRACTION' ? 
r_scangle_it                 3.872  10.000 ? 469  'X-RAY DIFFRACTION' ? 
r_scangle_other              ?      ?      ? ?    'X-RAY DIFFRACTION' ? 
r_long_range_B_refined       ?      ?      ? ?    'X-RAY DIFFRACTION' ? 
r_long_range_B_other         ?      ?      ? ?    'X-RAY DIFFRACTION' ? 
r_rigid_bond_restr           ?      ?      ? ?    'X-RAY DIFFRACTION' ? 
r_sphericity_free            ?      ?      ? ?    'X-RAY DIFFRACTION' ? 
r_sphericity_bonded          ?      ?      ? ?    'X-RAY DIFFRACTION' ? 
# 
_refine_ls_shell.pdbx_refine_id                   'X-RAY DIFFRACTION' 
_refine_ls_shell.pdbx_total_number_of_bins_used   20 
_refine_ls_shell.d_res_high                       1.56 
_refine_ls_shell.d_res_low                        1.60 
_refine_ls_shell.number_reflns_R_work             1271 
_refine_ls_shell.R_factor_R_work                  0.2200 
_refine_ls_shell.percent_reflns_obs               100.00 
_refine_ls_shell.R_factor_R_free                  0.2350 
_refine_ls_shell.R_factor_R_free_error            ? 
_refine_ls_shell.percent_reflns_R_free            ? 
_refine_ls_shell.number_reflns_R_free             77 
_refine_ls_shell.number_reflns_all                ? 
_refine_ls_shell.R_factor_all                     ? 
# 
_struct.entry_id                  2WDO 
_struct.title                     'Crystal structure of the S. coelicolor AcpS in complex with acetyl- CoA at 1.5 A' 
_struct.pdbx_model_details        ? 
_struct.pdbx_CASP_flag            ? 
_struct.pdbx_model_type_details   ? 
# 
_struct_keywords.entry_id        2WDO 
_struct_keywords.pdbx_keywords   TRANSFERASE 
_struct_keywords.text            'PHOSPHOPANTETHEINE ARM, FATTY ACID BIOSYNTHESIS, LIPID SYNTHESIS, TRANSFERASE, POLYKETIDES' 
# 
loop_
_struct_asym.id 
_struct_asym.pdbx_blank_PDB_chainid_flag 
_struct_asym.pdbx_modified 
_struct_asym.entity_id 
_struct_asym.details 
A N N 1 ? 
B N N 2 ? 
C N N 3 ? 
D N N 4 ? 
E N N 5 ? 
F N N 6 ? 
G N N 7 ? 
# 
_struct_biol.id   1 
# 
loop_
_struct_conf.conf_type_id 
_struct_conf.id 
_struct_conf.pdbx_PDB_helix_id 
_struct_conf.beg_label_comp_id 
_struct_conf.beg_label_asym_id 
_struct_conf.beg_label_seq_id 
_struct_conf.pdbx_beg_PDB_ins_code 
_struct_conf.end_label_comp_id 
_struct_conf.end_label_asym_id 
_struct_conf.end_label_seq_id 
_struct_conf.pdbx_end_PDB_ins_code 
_struct_conf.beg_auth_comp_id 
_struct_conf.beg_auth_asym_id 
_struct_conf.beg_auth_seq_id 
_struct_conf.end_auth_comp_id 
_struct_conf.end_auth_asym_id 
_struct_conf.end_auth_seq_id 
_struct_conf.pdbx_PDB_helix_class 
_struct_conf.details 
_struct_conf.pdbx_PDB_helix_length 
HELX_P HELX_P1 1 VAL A 33  ? THR A 43  ? VAL A 13 THR A 23  1 ? 11 
HELX_P HELX_P2 2 ALA A 45  ? PHE A 51  ? ALA A 25 PHE A 31  1 ? 7  
HELX_P HELX_P3 3 LEU A 52  ? LEU A 56  ? LEU A 32 LEU A 36  5 ? 5  
HELX_P HELX_P4 4 GLY A 65  ? LEU A 83  ? GLY A 45 LEU A 63  1 ? 19 
HELX_P HELX_P5 5 LEU A 90  ? THR A 92  ? LEU A 70 THR A 72  5 ? 3  
HELX_P HELX_P6 6 THR A 109 ? GLY A 120 ? THR A 89 GLY A 100 1 ? 12 
# 
_struct_conf_type.id          HELX_P 
_struct_conf_type.criteria    ? 
_struct_conf_type.reference   ? 
# 
loop_
_struct_conn.id 
_struct_conn.conn_type_id 
_struct_conn.pdbx_leaving_atom_flag 
_struct_conn.pdbx_PDB_id 
_struct_conn.ptnr1_label_asym_id 
_struct_conn.ptnr1_label_comp_id 
_struct_conn.ptnr1_label_seq_id 
_struct_conn.ptnr1_label_atom_id 
_struct_conn.pdbx_ptnr1_label_alt_id 
_struct_conn.pdbx_ptnr1_PDB_ins_code 
_struct_conn.pdbx_ptnr1_standard_comp_id 
_struct_conn.ptnr1_symmetry 
_struct_conn.ptnr2_label_asym_id 
_struct_conn.ptnr2_label_comp_id 
_struct_conn.ptnr2_label_seq_id 
_struct_conn.ptnr2_label_atom_id 
_struct_conn.pdbx_ptnr2_label_alt_id 
_struct_conn.pdbx_ptnr2_PDB_ins_code 
_struct_conn.ptnr1_auth_asym_id 
_struct_conn.ptnr1_auth_comp_id 
_struct_conn.ptnr1_auth_seq_id 
_struct_conn.ptnr2_auth_asym_id 
_struct_conn.ptnr2_auth_comp_id 
_struct_conn.ptnr2_auth_seq_id 
_struct_conn.ptnr2_symmetry 
_struct_conn.pdbx_ptnr3_label_atom_id 
_struct_conn.pdbx_ptnr3_label_seq_id 
_struct_conn.pdbx_ptnr3_label_comp_id 
_struct_conn.pdbx_ptnr3_label_asym_id 
_struct_conn.pdbx_ptnr3_label_alt_id 
_struct_conn.pdbx_ptnr3_PDB_ins_code 
_struct_conn.details 
_struct_conn.pdbx_dist_value 
_struct_conn.pdbx_value_order 
_struct_conn.pdbx_role 
metalc1 metalc ? ? A VAL 30 O  ? ? ? 7_555 B MG  . MG ? ? A VAL 10   A MG  1124 1_555 ? ? ? ? ? ? ? 2.646 ? ? 
metalc2 metalc ? ? B MG  .  MG ? ? ? 1_555 G HOH . O  ? ? A MG  1124 A HOH 2016 7_555 ? ? ? ? ? ? ? 2.870 ? ? 
# 
_struct_conn_type.id          metalc 
_struct_conn_type.criteria    ? 
_struct_conn_type.reference   ? 
# 
loop_
_struct_sheet.id 
_struct_sheet.type 
_struct_sheet.number_strands 
_struct_sheet.details 
AA ? 3 ? 
AB ? 2 ? 
# 
loop_
_struct_sheet_order.sheet_id 
_struct_sheet_order.range_id_1 
_struct_sheet_order.range_id_2 
_struct_sheet_order.offset 
_struct_sheet_order.sense 
AA 1 2 ? anti-parallel 
AA 2 3 ? anti-parallel 
AB 1 2 ? anti-parallel 
# 
loop_
_struct_sheet_range.sheet_id 
_struct_sheet_range.id 
_struct_sheet_range.beg_label_comp_id 
_struct_sheet_range.beg_label_asym_id 
_struct_sheet_range.beg_label_seq_id 
_struct_sheet_range.pdbx_beg_PDB_ins_code 
_struct_sheet_range.end_label_comp_id 
_struct_sheet_range.end_label_asym_id 
_struct_sheet_range.end_label_seq_id 
_struct_sheet_range.pdbx_end_PDB_ins_code 
_struct_sheet_range.beg_auth_comp_id 
_struct_sheet_range.beg_auth_asym_id 
_struct_sheet_range.beg_auth_seq_id 
_struct_sheet_range.end_auth_comp_id 
_struct_sheet_range.end_auth_asym_id 
_struct_sheet_range.end_auth_seq_id 
AA 1 SER A 22  ? GLU A 32  ? SER A 2   GLU A 12  
AA 2 ILE A 134 ? GLY A 143 ? ILE A 114 GLY A 123 
AA 3 SER A 123 ? ASP A 131 ? SER A 103 ASP A 111 
AB 1 ALA A 94  ? VAL A 98  ? ALA A 74  VAL A 78  
AB 2 PRO A 104 ? VAL A 108 ? PRO A 84  VAL A 88  
# 
loop_
_pdbx_struct_sheet_hbond.sheet_id 
_pdbx_struct_sheet_hbond.range_id_1 
_pdbx_struct_sheet_hbond.range_id_2 
_pdbx_struct_sheet_hbond.range_1_label_atom_id 
_pdbx_struct_sheet_hbond.range_1_label_comp_id 
_pdbx_struct_sheet_hbond.range_1_label_asym_id 
_pdbx_struct_sheet_hbond.range_1_label_seq_id 
_pdbx_struct_sheet_hbond.range_1_PDB_ins_code 
_pdbx_struct_sheet_hbond.range_1_auth_atom_id 
_pdbx_struct_sheet_hbond.range_1_auth_comp_id 
_pdbx_struct_sheet_hbond.range_1_auth_asym_id 
_pdbx_struct_sheet_hbond.range_1_auth_seq_id 
_pdbx_struct_sheet_hbond.range_2_label_atom_id 
_pdbx_struct_sheet_hbond.range_2_label_comp_id 
_pdbx_struct_sheet_hbond.range_2_label_asym_id 
_pdbx_struct_sheet_hbond.range_2_label_seq_id 
_pdbx_struct_sheet_hbond.range_2_PDB_ins_code 
_pdbx_struct_sheet_hbond.range_2_auth_atom_id 
_pdbx_struct_sheet_hbond.range_2_auth_comp_id 
_pdbx_struct_sheet_hbond.range_2_auth_asym_id 
_pdbx_struct_sheet_hbond.range_2_auth_seq_id 
AA 1 2 N ALA A 31  ? N ALA A 11  O ALA A 135 ? O ALA A 115 
AA 2 3 N GLU A 142 ? N GLU A 122 O SER A 123 ? O SER A 103 
AB 1 2 N TRP A 97  ? N TRP A 77  O ARG A 105 ? O ARG A 85  
# 
loop_
_struct_site.id 
_struct_site.pdbx_evidence_code 
_struct_site.pdbx_auth_asym_id 
_struct_site.pdbx_auth_comp_id 
_struct_site.pdbx_auth_seq_id 
_struct_site.pdbx_auth_ins_code 
_struct_site.pdbx_num_residues 
_struct_site.details 
AC1 Software A MG  1124 ? 6  'BINDING SITE FOR RESIDUE MG A 1124'  
AC2 Software A ACO 1125 ? 32 'BINDING SITE FOR RESIDUE ACO A 1125' 
AC3 Software A COA 1126 ? 33 'BINDING SITE FOR RESIDUE COA A 1126' 
AC4 Software A GOL 1127 ? 8  'BINDING SITE FOR RESIDUE GOL A 1127' 
AC5 Software A SO4 1128 ? 12 'BINDING SITE FOR RESIDUE SO4 A 1128' 
# 
loop_
_struct_site_gen.id 
_struct_site_gen.site_id 
_struct_site_gen.pdbx_num_res 
_struct_site_gen.label_comp_id 
_struct_site_gen.label_asym_id 
_struct_site_gen.label_seq_id 
_struct_site_gen.pdbx_auth_ins_code 
_struct_site_gen.auth_comp_id 
_struct_site_gen.auth_asym_id 
_struct_site_gen.auth_seq_id 
_struct_site_gen.label_atom_id 
_struct_site_gen.label_alt_id 
_struct_site_gen.symmetry 
_struct_site_gen.details 
1  AC1 6  ASP A 29  ? ASP A 9    . ? 7_555  ? 
2  AC1 6  VAL A 30  ? VAL A 10   . ? 7_555  ? 
3  AC1 6  ASP A 131 ? ASP A 111  . ? 1_555  ? 
4  AC1 6  ACO C .   ? ACO A 1125 . ? 1_555  ? 
5  AC1 6  COA D .   ? COA A 1126 . ? 1_555  ? 
6  AC1 6  HOH G .   ? HOH A 2016 . ? 7_555  ? 
7  AC2 32 ASP A 29  ? ASP A 9    . ? 7_555  ? 
8  AC2 32 SER A 68  ? SER A 48   . ? 1_555  ? 
9  AC2 32 ARG A 72  ? ARG A 52   . ? 1_555  ? 
10 AC2 32 LYS A 76  ? LYS A 56   . ? 7_555  ? 
11 AC2 32 GLU A 77  ? GLU A 57   . ? 7_555  ? 
12 AC2 32 LEU A 79  ? LEU A 59   . ? 7_555  ? 
13 AC2 32 LYS A 81  ? LYS A 61   . ? 7_555  ? 
14 AC2 32 GLY A 84  ? GLY A 64   . ? 7_555  ? 
15 AC2 32 ALA A 85  ? ALA A 65   . ? 7_555  ? 
16 AC2 32 LEU A 89  ? LEU A 69   . ? 7_555  ? 
17 AC2 32 LEU A 90  ? LEU A 70   . ? 7_555  ? 
18 AC2 32 TRP A 91  ? TRP A 71   . ? 7_555  ? 
19 AC2 32 GLY A 101 ? GLY A 81   . ? 1_555  ? 
20 AC2 32 GLY A 102 ? GLY A 82   . ? 1_555  ? 
21 AC2 32 ARG A 103 ? ARG A 83   . ? 1_555  ? 
22 AC2 32 PRO A 104 ? PRO A 84   . ? 1_555  ? 
23 AC2 32 LEU A 128 ? LEU A 108  . ? 1_555  ? 
24 AC2 32 SER A 129 ? SER A 109  . ? 1_555  ? 
25 AC2 32 HIS A 130 ? HIS A 110  . ? 1_555  ? 
26 AC2 32 MG  B .   ? MG  A 1124 . ? 1_555  ? 
27 AC2 32 HOH G .   ? HOH A 2002 . ? 1_555  ? 
28 AC2 32 HOH G .   ? HOH A 2134 . ? 7_555  ? 
29 AC2 32 HOH G .   ? HOH A 2139 . ? 7_555  ? 
30 AC2 32 HOH G .   ? HOH A 2216 . ? 1_555  ? 
31 AC2 32 HOH G .   ? HOH A 2218 . ? 1_555  ? 
32 AC2 32 HOH G .   ? HOH A 2229 . ? 1_555  ? 
33 AC2 32 HOH G .   ? HOH A 2231 . ? 1_555  ? 
34 AC2 32 HOH G .   ? HOH A 2232 . ? 1_555  ? 
35 AC2 32 HOH G .   ? HOH A 2233 . ? 1_555  ? 
36 AC2 32 HOH G .   ? HOH A 2234 . ? 1_555  ? 
37 AC2 32 HOH G .   ? HOH A 2235 . ? 1_555  ? 
38 AC2 32 HOH G .   ? HOH A 2236 . ? 1_555  ? 
39 AC3 33 ASP A 29  ? ASP A 9    . ? 7_555  ? 
40 AC3 33 SER A 68  ? SER A 48   . ? 1_555  ? 
41 AC3 33 ARG A 72  ? ARG A 52   . ? 1_555  ? 
42 AC3 33 LYS A 76  ? LYS A 56   . ? 7_555  ? 
43 AC3 33 GLU A 77  ? GLU A 57   . ? 7_555  ? 
44 AC3 33 ALA A 80  ? ALA A 60   . ? 7_555  ? 
45 AC3 33 LYS A 81  ? LYS A 61   . ? 7_555  ? 
46 AC3 33 GLY A 84  ? GLY A 64   . ? 7_555  ? 
47 AC3 33 ALA A 85  ? ALA A 65   . ? 7_555  ? 
48 AC3 33 LEU A 90  ? LEU A 70   . ? 7_555  ? 
49 AC3 33 TRP A 91  ? TRP A 71   . ? 7_555  ? 
50 AC3 33 GLY A 101 ? GLY A 81   . ? 1_555  ? 
51 AC3 33 GLY A 102 ? GLY A 82   . ? 1_555  ? 
52 AC3 33 ARG A 103 ? ARG A 83   . ? 1_555  ? 
53 AC3 33 PRO A 104 ? PRO A 84   . ? 1_555  ? 
54 AC3 33 LEU A 128 ? LEU A 108  . ? 1_555  ? 
55 AC3 33 SER A 129 ? SER A 109  . ? 1_555  ? 
56 AC3 33 HIS A 130 ? HIS A 110  . ? 1_555  ? 
57 AC3 33 MG  B .   ? MG  A 1124 . ? 1_555  ? 
58 AC3 33 HOH G .   ? HOH A 2002 . ? 1_555  ? 
59 AC3 33 HOH G .   ? HOH A 2134 . ? 7_555  ? 
60 AC3 33 HOH G .   ? HOH A 2137 . ? 7_555  ? 
61 AC3 33 HOH G .   ? HOH A 2139 . ? 7_555  ? 
62 AC3 33 HOH G .   ? HOH A 2216 . ? 1_555  ? 
63 AC3 33 HOH G .   ? HOH A 2218 . ? 1_555  ? 
64 AC3 33 HOH G .   ? HOH A 2220 . ? 1_555  ? 
65 AC3 33 HOH G .   ? HOH A 2229 . ? 1_555  ? 
66 AC3 33 HOH G .   ? HOH A 2231 . ? 1_555  ? 
67 AC3 33 HOH G .   ? HOH A 2232 . ? 1_555  ? 
68 AC3 33 HOH G .   ? HOH A 2233 . ? 1_555  ? 
69 AC3 33 HOH G .   ? HOH A 2234 . ? 1_555  ? 
70 AC3 33 HOH G .   ? HOH A 2235 . ? 1_555  ? 
71 AC3 33 HOH G .   ? HOH A 2236 . ? 1_555  ? 
72 AC4 8  MET A 21  ? MET A 1    . ? 10_545 ? 
73 AC4 8  MET A 21  ? MET A 1    . ? 1_555  ? 
74 AC4 8  MET A 21  ? MET A 1    . ? 7_555  ? 
75 AC4 8  SER A 22  ? SER A 2    . ? 7_555  ? 
76 AC4 8  SER A 22  ? SER A 2    . ? 10_545 ? 
77 AC4 8  ILE A 23  ? ILE A 3    . ? 1_555  ? 
78 AC4 8  GLU A 142 ? GLU A 122  . ? 1_555  ? 
79 AC4 8  GLU A 142 ? GLU A 122  . ? 10_545 ? 
80 AC5 12 THR A 109 ? THR A 89   . ? 11_455 ? 
81 AC5 12 THR A 109 ? THR A 89   . ? 8_555  ? 
82 AC5 12 THR A 109 ? THR A 89   . ? 1_555  ? 
83 AC5 12 GLY A 110 ? GLY A 90   . ? 11_455 ? 
84 AC5 12 GLY A 110 ? GLY A 90   . ? 1_555  ? 
85 AC5 12 GLY A 110 ? GLY A 90   . ? 8_555  ? 
86 AC5 12 HOH G .   ? HOH A 2186 . ? 1_555  ? 
87 AC5 12 HOH G .   ? HOH A 2186 . ? 8_555  ? 
88 AC5 12 HOH G .   ? HOH A 2186 . ? 11_455 ? 
89 AC5 12 HOH G .   ? HOH A 2237 . ? 8_555  ? 
90 AC5 12 HOH G .   ? HOH A 2237 . ? 1_555  ? 
91 AC5 12 HOH G .   ? HOH A 2237 . ? 11_455 ? 
# 
_atom_sites.entry_id                    2WDO 
_atom_sites.fract_transf_matrix[1][1]   0.00234332 
_atom_sites.fract_transf_matrix[1][2]   0.01069613 
_atom_sites.fract_transf_matrix[1][3]   -0.00828338 
_atom_sites.fract_transf_matrix[2][1]   -0.01086177 
_atom_sites.fract_transf_matrix[2][2]   -0.00352412 
_atom_sites.fract_transf_matrix[2][3]   -0.00762335 
_atom_sites.fract_transf_matrix[3][1]   -0.00806496 
_atom_sites.fract_transf_matrix[3][2]   0.00785406 
_atom_sites.fract_transf_matrix[3][3]   0.00786022 
_atom_sites.fract_transf_vector[1]      -0.135965 
_atom_sites.fract_transf_vector[2]      0.045506 
_atom_sites.fract_transf_vector[3]      0.363894 
# 
loop_
_atom_type.symbol 
C  
MG 
N  
O  
P  
S  
# 
loop_
_atom_site.group_PDB 
_atom_site.id 
_atom_site.type_symbol 
_atom_site.label_atom_id 
_atom_site.label_alt_id 
_atom_site.label_comp_id 
_atom_site.label_asym_id 
_atom_site.label_entity_id 
_atom_site.label_seq_id 
_atom_site.pdbx_PDB_ins_code 
_atom_site.Cartn_x 
_atom_site.Cartn_y 
_atom_site.Cartn_z 
_atom_site.occupancy 
_atom_site.B_iso_or_equiv 
_atom_site.pdbx_formal_charge 
_atom_site.auth_seq_id 
_atom_site.auth_comp_id 
_atom_site.auth_asym_id 
_atom_site.auth_atom_id 
_atom_site.pdbx_PDB_model_num 
ATOM   1    N  N   . MET A 1 21  ? -21.503 4.125   10.615  1.00 20.80 ? 1    MET A N   1 
ATOM   2    C  CA  . MET A 1 21  ? -20.012 4.081   10.535  1.00 20.53 ? 1    MET A CA  1 
ATOM   3    C  C   . MET A 1 21  ? -19.355 5.399   10.947  1.00 20.62 ? 1    MET A C   1 
ATOM   4    O  O   . MET A 1 21  ? -19.940 6.477   10.825  1.00 21.02 ? 1    MET A O   1 
ATOM   5    C  CB  . MET A 1 21  ? -19.560 3.702   9.128   1.00 22.01 ? 1    MET A CB  1 
ATOM   6    C  CG  . MET A 1 21  ? -19.773 2.218   8.816   1.00 23.18 ? 1    MET A CG  1 
ATOM   7    S  SD  . MET A 1 21  ? -18.868 1.671   7.361   1.00 23.27 ? 1    MET A SD  1 
ATOM   8    C  CE  . MET A 1 21  ? -19.552 2.775   6.155   1.00 20.72 ? 1    MET A CE  1 
ATOM   9    N  N   . SER A 1 22  ? -18.131 5.294   11.448  1.00 16.96 ? 2    SER A N   1 
ATOM   10   C  CA  . SER A 1 22  ? -17.303 6.460   11.755  1.00 16.06 ? 2    SER A CA  1 
ATOM   11   C  C   . SER A 1 22  ? -15.899 6.221   11.225  1.00 13.74 ? 2    SER A C   1 
ATOM   12   O  O   . SER A 1 22  ? -15.550 5.093   10.888  1.00 15.60 ? 2    SER A O   1 
ATOM   13   C  CB  . SER A 1 22  ? -17.259 6.685   13.278  1.00 16.69 ? 2    SER A CB  1 
ATOM   14   O  OG  . SER A 1 22  ? -16.652 5.595   13.970  1.00 28.40 ? 2    SER A OG  1 
ATOM   15   N  N   . ILE A 1 23  ? -15.079 7.263   11.155  1.00 12.84 ? 3    ILE A N   1 
ATOM   16   C  CA  . ILE A 1 23  ? -13.651 7.079   10.854  1.00 12.24 ? 3    ILE A CA  1 
ATOM   17   C  C   . ILE A 1 23  ? -12.904 6.425   12.027  1.00 12.65 ? 3    ILE A C   1 
ATOM   18   O  O   . ILE A 1 23  ? -13.089 6.822   13.164  1.00 13.55 ? 3    ILE A O   1 
ATOM   19   C  CB  . ILE A 1 23  ? -13.019 8.416   10.480  1.00 10.99 ? 3    ILE A CB  1 
ATOM   20   C  CG1 . ILE A 1 23  ? -13.660 8.887   9.168   1.00 14.74 ? 3    ILE A CG1 1 
ATOM   21   C  CG2 . ILE A 1 23  ? -11.495 8.307   10.366  1.00 9.18  ? 3    ILE A CG2 1 
ATOM   22   C  CD1 . ILE A 1 23  ? -13.281 10.319  8.825   1.00 15.05 ? 3    ILE A CD1 1 
ATOM   23   N  N   . ILE A 1 24  ? -12.145 5.371   11.705  1.00 11.59 ? 4    ILE A N   1 
ATOM   24   C  CA  A ILE A 1 24  ? -11.354 4.582   12.652  0.25 10.33 ? 4    ILE A CA  1 
ATOM   25   C  CA  B ILE A 1 24  ? -11.361 4.595   12.668  0.25 10.70 ? 4    ILE A CA  1 
ATOM   26   C  CA  C ILE A 1 24  ? -11.370 4.680   12.726  0.50 11.13 ? 4    ILE A CA  1 
ATOM   27   C  C   . ILE A 1 24  ? -9.887  5.021   12.634  1.00 10.72 ? 4    ILE A C   1 
ATOM   28   O  O   . ILE A 1 24  ? -9.198  5.040   13.655  1.00 11.54 ? 4    ILE A O   1 
ATOM   29   C  CB  A ILE A 1 24  ? -11.439 3.073   12.276  0.25 9.33  ? 4    ILE A CB  1 
ATOM   30   C  CB  B ILE A 1 24  ? -11.513 3.064   12.381  0.25 10.57 ? 4    ILE A CB  1 
ATOM   31   C  CB  C ILE A 1 24  ? -11.609 3.165   12.706  0.50 13.37 ? 4    ILE A CB  1 
ATOM   32   C  CG1 A ILE A 1 24  ? -12.883 2.559   12.402  0.25 7.33  ? 4    ILE A CG1 1 
ATOM   33   C  CG1 B ILE A 1 24  ? -12.770 2.499   13.060  0.25 9.74  ? 4    ILE A CG1 1 
ATOM   34   C  CG1 C ILE A 1 24  ? -13.078 2.885   13.030  0.50 10.87 ? 4    ILE A CG1 1 
ATOM   35   C  CG2 A ILE A 1 24  ? -10.468 2.231   13.108  0.25 7.43  ? 4    ILE A CG2 1 
ATOM   36   C  CG2 B ILE A 1 24  ? -10.294 2.278   12.867  0.25 7.12  ? 4    ILE A CG2 1 
ATOM   37   C  CG2 C ILE A 1 24  ? -10.714 2.478   13.736  0.50 6.48  ? 4    ILE A CG2 1 
ATOM   38   C  CD1 A ILE A 1 24  ? -13.528 2.785   13.770  0.25 3.78  ? 4    ILE A CD1 1 
ATOM   39   C  CD1 B ILE A 1 24  ? -14.082 3.123   12.620  0.25 8.33  ? 4    ILE A CD1 1 
ATOM   40   C  CD1 C ILE A 1 24  ? -13.483 1.478   12.842  0.50 14.02 ? 4    ILE A CD1 1 
ATOM   41   N  N   . GLY A 1 25  ? -9.402  5.348   11.442  1.00 10.70 ? 5    GLY A N   1 
ATOM   42   C  CA  . GLY A 1 25  ? -8.043  5.808   11.353  1.00 10.89 ? 5    GLY A CA  1 
ATOM   43   C  C   . GLY A 1 25  ? -7.752  6.447   10.028  1.00 10.46 ? 5    GLY A C   1 
ATOM   44   O  O   . GLY A 1 25  ? -8.462  6.188   9.047   1.00 10.83 ? 5    GLY A O   1 
ATOM   45   N  N   . VAL A 1 26  ? -6.707  7.275   10.004  1.00 10.22 ? 6    VAL A N   1 
ATOM   46   C  CA  . VAL A 1 26  ? -6.185  7.818   8.765   1.00 10.27 ? 6    VAL A CA  1 
ATOM   47   C  C   . VAL A 1 26  ? -4.670  7.627   8.727   1.00 9.99  ? 6    VAL A C   1 
ATOM   48   O  O   . VAL A 1 26  ? -3.971  7.634   9.775   1.00 9.61  ? 6    VAL A O   1 
ATOM   49   C  CB  . VAL A 1 26  ? -6.564  9.314   8.579   1.00 11.56 ? 6    VAL A CB  1 
ATOM   50   C  CG1 . VAL A 1 26  ? -5.870  10.174  9.614   1.00 12.93 ? 6    VAL A CG1 1 
ATOM   51   C  CG2 . VAL A 1 26  ? -6.202  9.810   7.157   1.00 11.43 ? 6    VAL A CG2 1 
ATOM   52   N  N   . GLY A 1 27  ? -4.177  7.414   7.514   1.00 8.96  ? 7    GLY A N   1 
ATOM   53   C  CA  . GLY A 1 27  ? -2.741  7.334   7.289   1.00 8.13  ? 7    GLY A CA  1 
ATOM   54   C  C   . GLY A 1 27  ? -2.349  8.145   6.085   1.00 8.93  ? 7    GLY A C   1 
ATOM   55   O  O   . GLY A 1 27  ? -3.081  8.244   5.097   1.00 10.00 ? 7    GLY A O   1 
ATOM   56   N  N   . ILE A 1 28  ? -1.195  8.785   6.172   1.00 10.74 ? 8    ILE A N   1 
ATOM   57   C  CA  . ILE A 1 28  ? -0.559  9.348   4.991   1.00 10.80 ? 8    ILE A CA  1 
ATOM   58   C  C   . ILE A 1 28  ? 0.921   8.857   4.948   1.00 10.62 ? 8    ILE A C   1 
ATOM   59   O  O   . ILE A 1 28  ? 1.543   8.626   5.992   1.00 10.65 ? 8    ILE A O   1 
ATOM   60   C  CB  . ILE A 1 28  ? -0.594  10.913  5.008   1.00 12.74 ? 8    ILE A CB  1 
ATOM   61   C  CG1 . ILE A 1 28  ? -0.183  11.494  3.634   1.00 18.23 ? 8    ILE A CG1 1 
ATOM   62   C  CG2 . ILE A 1 28  ? 0.281   11.488  6.110   1.00 12.57 ? 8    ILE A CG2 1 
ATOM   63   C  CD1 . ILE A 1 28  ? -0.567  12.953  3.451   1.00 19.28 ? 8    ILE A CD1 1 
ATOM   64   N  N   . ASP A 1 29  ? 1.470   8.724   3.744   1.00 11.24 ? 9    ASP A N   1 
ATOM   65   C  CA  . ASP A 1 29  ? 2.896   8.351   3.599   1.00 11.02 ? 9    ASP A CA  1 
ATOM   66   C  C   . ASP A 1 29  ? 3.449   8.946   2.316   1.00 15.60 ? 9    ASP A C   1 
ATOM   67   O  O   . ASP A 1 29  ? 2.798   8.922   1.290   1.00 14.31 ? 9    ASP A O   1 
ATOM   68   C  CB  . ASP A 1 29  ? 3.099   6.826   3.573   1.00 11.02 ? 9    ASP A CB  1 
ATOM   69   C  CG  . ASP A 1 29  ? 4.548   6.434   3.826   1.00 15.39 ? 9    ASP A CG  1 
ATOM   70   O  OD1 . ASP A 1 29  ? 5.041   6.731   4.925   1.00 14.97 ? 9    ASP A OD1 1 
ATOM   71   O  OD2 . ASP A 1 29  ? 5.178   5.831   2.932   1.00 16.01 ? 9    ASP A OD2 1 
ATOM   72   N  N   . VAL A 1 30  ? 4.672   9.454   2.382   1.00 16.03 ? 10   VAL A N   1 
ATOM   73   C  CA  . VAL A 1 30  ? 5.347   10.063  1.242   1.00 17.50 ? 10   VAL A CA  1 
ATOM   74   C  C   . VAL A 1 30  ? 6.692   9.352   1.168   1.00 19.82 ? 10   VAL A C   1 
ATOM   75   O  O   . VAL A 1 30  ? 7.433   9.332   2.175   1.00 21.01 ? 10   VAL A O   1 
ATOM   76   C  CB  . VAL A 1 30  ? 5.533   11.600  1.462   1.00 17.93 ? 10   VAL A CB  1 
ATOM   77   C  CG1 . VAL A 1 30  ? 6.308   12.252  0.314   1.00 20.80 ? 10   VAL A CG1 1 
ATOM   78   C  CG2 . VAL A 1 30  ? 4.185   12.289  1.600   1.00 18.38 ? 10   VAL A CG2 1 
ATOM   79   N  N   . ALA A 1 31  ? 6.972   8.725   0.024   1.00 18.49 ? 11   ALA A N   1 
ATOM   80   C  CA  . ALA A 1 31  ? 8.222   7.987   -0.202  1.00 23.42 ? 11   ALA A CA  1 
ATOM   81   C  C   . ALA A 1 31  ? 9.001   8.566   -1.377  1.00 23.91 ? 11   ALA A C   1 
ATOM   82   O  O   . ALA A 1 31  ? 8.421   8.971   -2.381  1.00 23.62 ? 11   ALA A O   1 
ATOM   83   C  CB  . ALA A 1 31  ? 7.918   6.503   -0.465  1.00 24.97 ? 11   ALA A CB  1 
ATOM   84   N  N   . GLU A 1 32  ? 10.329  8.601   -1.239  1.00 25.10 ? 12   GLU A N   1 
ATOM   85   C  CA  A GLU A 1 32  ? 11.192  9.020   -2.329  0.50 26.29 ? 12   GLU A CA  1 
ATOM   86   C  CA  B GLU A 1 32  ? 11.206  9.013   -2.333  0.50 25.92 ? 12   GLU A CA  1 
ATOM   87   C  C   . GLU A 1 32  ? 11.400  7.837   -3.269  1.00 24.71 ? 12   GLU A C   1 
ATOM   88   O  O   . GLU A 1 32  ? 11.868  6.780   -2.847  1.00 24.18 ? 12   GLU A O   1 
ATOM   89   C  CB  A GLU A 1 32  ? 12.522  9.533   -1.772  0.50 26.60 ? 12   GLU A CB  1 
ATOM   90   C  CB  B GLU A 1 32  ? 12.574  9.462   -1.813  0.50 26.42 ? 12   GLU A CB  1 
ATOM   91   C  CG  A GLU A 1 32  ? 13.289  10.439  -2.716  0.50 28.59 ? 12   GLU A CG  1 
ATOM   92   C  CG  B GLU A 1 32  ? 12.553  10.406  -0.635  0.50 27.25 ? 12   GLU A CG  1 
ATOM   93   C  CD  A GLU A 1 32  ? 14.656  10.836  -2.178  0.50 29.73 ? 12   GLU A CD  1 
ATOM   94   C  CD  B GLU A 1 32  ? 13.951  10.781  -0.169  0.50 28.30 ? 12   GLU A CD  1 
ATOM   95   O  OE1 A GLU A 1 32  ? 14.793  11.045  -0.954  0.50 36.54 ? 12   GLU A OE1 1 
ATOM   96   O  OE1 B GLU A 1 32  ? 14.821  11.048  -1.030  0.50 34.70 ? 12   GLU A OE1 1 
ATOM   97   O  OE2 A GLU A 1 32  ? 15.601  10.937  -2.987  0.50 33.27 ? 12   GLU A OE2 1 
ATOM   98   O  OE2 B GLU A 1 32  ? 14.184  10.817  1.054   0.50 31.57 ? 12   GLU A OE2 1 
ATOM   99   N  N   . VAL A 1 33  ? 11.035  8.017   -4.539  1.00 24.70 ? 13   VAL A N   1 
ATOM   100  C  CA  . VAL A 1 33  ? 11.072  6.921   -5.521  1.00 22.51 ? 13   VAL A CA  1 
ATOM   101  C  C   . VAL A 1 33  ? 12.483  6.350   -5.723  1.00 23.94 ? 13   VAL A C   1 
ATOM   102  O  O   . VAL A 1 33  ? 12.682  5.135   -5.676  1.00 22.99 ? 13   VAL A O   1 
ATOM   103  C  CB  . VAL A 1 33  ? 10.408  7.324   -6.866  1.00 21.38 ? 13   VAL A CB  1 
ATOM   104  C  CG1 . VAL A 1 33  ? 10.502  6.197   -7.877  1.00 25.18 ? 13   VAL A CG1 1 
ATOM   105  C  CG2 . VAL A 1 33  ? 8.924   7.686   -6.642  1.00 22.12 ? 13   VAL A CG2 1 
ATOM   106  N  N   . GLU A 1 34  ? 13.448  7.237   -5.945  1.00 26.50 ? 14   GLU A N   1 
ATOM   107  C  CA  . GLU A 1 34  ? 14.841  6.842   -6.142  1.00 29.26 ? 14   GLU A CA  1 
ATOM   108  C  C   . GLU A 1 34  ? 15.343  5.943   -4.996  1.00 27.80 ? 14   GLU A C   1 
ATOM   109  O  O   . GLU A 1 34  ? 15.862  4.853   -5.236  1.00 30.70 ? 14   GLU A O   1 
ATOM   110  C  CB  . GLU A 1 34  ? 15.694  8.102   -6.269  1.00 31.84 ? 14   GLU A CB  1 
ATOM   111  C  CG  . GLU A 1 34  ? 17.039  7.911   -6.921  1.00 38.20 ? 14   GLU A CG  1 
ATOM   112  C  CD  . GLU A 1 34  ? 18.068  8.873   -6.361  1.00 44.56 ? 14   GLU A CD  1 
ATOM   113  O  OE1 . GLU A 1 34  ? 17.945  10.094  -6.597  1.00 45.15 ? 14   GLU A OE1 1 
ATOM   114  O  OE2 . GLU A 1 34  ? 18.993  8.400   -5.667  1.00 50.44 ? 14   GLU A OE2 1 
ATOM   115  N  N   . ARG A 1 35  ? 15.171  6.405   -3.759  1.00 27.49 ? 15   ARG A N   1 
ATOM   116  C  CA  . ARG A 1 35  ? 15.556  5.653   -2.558  1.00 26.22 ? 15   ARG A CA  1 
ATOM   117  C  C   . ARG A 1 35  ? 14.893  4.270   -2.514  1.00 26.69 ? 15   ARG A C   1 
ATOM   118  O  O   . ARG A 1 35  ? 15.528  3.261   -2.168  1.00 26.47 ? 15   ARG A O   1 
ATOM   119  C  CB  . ARG A 1 35  ? 15.171  6.463   -1.323  1.00 28.16 ? 15   ARG A CB  1 
ATOM   120  C  CG  . ARG A 1 35  ? 15.642  5.915   0.005   1.00 32.33 ? 15   ARG A CG  1 
ATOM   121  C  CD  . ARG A 1 35  ? 15.466  6.978   1.077   1.00 36.85 ? 15   ARG A CD  1 
ATOM   122  N  NE  . ARG A 1 35  ? 15.860  6.508   2.401   0.50 35.40 ? 15   ARG A NE  1 
ATOM   123  C  CZ  . ARG A 1 35  ? 15.007  6.178   3.365   0.50 38.67 ? 15   ARG A CZ  1 
ATOM   124  N  NH1 . ARG A 1 35  ? 13.696  6.260   3.162   0.50 36.23 ? 15   ARG A NH1 1 
ATOM   125  N  NH2 . ARG A 1 35  ? 15.465  5.761   4.538   0.50 40.63 ? 15   ARG A NH2 1 
ATOM   126  N  N   . PHE A 1 36  ? 13.609  4.233   -2.859  1.00 24.19 ? 16   PHE A N   1 
ATOM   127  C  CA  . PHE A 1 36  ? 12.859  2.992   -2.848  1.00 22.58 ? 16   PHE A CA  1 
ATOM   128  C  C   . PHE A 1 36  ? 13.390  2.007   -3.908  1.00 23.00 ? 16   PHE A C   1 
ATOM   129  O  O   . PHE A 1 36  ? 13.616  0.845   -3.591  1.00 21.39 ? 16   PHE A O   1 
ATOM   130  C  CB  . PHE A 1 36  ? 11.347  3.270   -2.952  1.00 20.00 ? 16   PHE A CB  1 
ATOM   131  C  CG  . PHE A 1 36  ? 10.509  2.037   -3.039  1.00 16.41 ? 16   PHE A CG  1 
ATOM   132  C  CD1 . PHE A 1 36  ? 10.219  1.289   -1.905  1.00 17.63 ? 16   PHE A CD1 1 
ATOM   133  C  CD2 . PHE A 1 36  ? 10.053  1.590   -4.274  1.00 17.62 ? 16   PHE A CD2 1 
ATOM   134  C  CE1 . PHE A 1 36  ? 9.442   0.127   -2.002  1.00 19.76 ? 16   PHE A CE1 1 
ATOM   135  C  CE2 . PHE A 1 36  ? 9.281   0.430   -4.372  1.00 22.58 ? 16   PHE A CE2 1 
ATOM   136  C  CZ  . PHE A 1 36  ? 8.992   -0.295  -3.249  1.00 19.94 ? 16   PHE A CZ  1 
ATOM   137  N  N   . GLY A 1 37  ? 13.626  2.495   -5.130  1.00 22.48 ? 17   GLY A N   1 
ATOM   138  C  CA  . GLY A 1 37  ? 14.210  1.684   -6.205  1.00 24.90 ? 17   GLY A CA  1 
ATOM   139  C  C   . GLY A 1 37  ? 15.578  1.128   -5.855  1.00 22.87 ? 17   GLY A C   1 
ATOM   140  O  O   . GLY A 1 37  ? 15.904  -0.011  -6.209  1.00 25.75 ? 17   GLY A O   1 
ATOM   141  N  N   . ALA A 1 38  ? 16.364  1.937   -5.155  1.00 23.46 ? 18   ALA A N   1 
ATOM   142  C  CA  . ALA A 1 38  ? 17.684  1.530   -4.677  1.00 24.07 ? 18   ALA A CA  1 
ATOM   143  C  C   . ALA A 1 38  ? 17.558  0.431   -3.635  1.00 25.35 ? 18   ALA A C   1 
ATOM   144  O  O   . ALA A 1 38  ? 18.336  -0.527  -3.625  1.00 27.62 ? 18   ALA A O   1 
ATOM   145  C  CB  . ALA A 1 38  ? 18.449  2.720   -4.123  1.00 24.56 ? 18   ALA A CB  1 
ATOM   146  N  N   . ALA A 1 39  ? 16.549  0.543   -2.778  1.00 24.14 ? 19   ALA A N   1 
ATOM   147  C  CA  . ALA A 1 39  ? 16.269  -0.536  -1.830  1.00 21.40 ? 19   ALA A CA  1 
ATOM   148  C  C   . ALA A 1 39  ? 15.939  -1.852  -2.558  1.00 21.73 ? 19   ALA A C   1 
ATOM   149  O  O   . ALA A 1 39  ? 16.448  -2.909  -2.186  1.00 21.29 ? 19   ALA A O   1 
ATOM   150  C  CB  . ALA A 1 39  ? 15.143  -0.144  -0.869  1.00 20.98 ? 19   ALA A CB  1 
ATOM   151  N  N   . LEU A 1 40  ? 15.133  -1.782  -3.622  1.00 22.36 ? 20   LEU A N   1 
ATOM   152  C  CA  . LEU A 1 40  ? 14.773  -2.972  -4.395  1.00 20.72 ? 20   LEU A CA  1 
ATOM   153  C  C   . LEU A 1 40  ? 15.937  -3.625  -5.118  1.00 25.25 ? 20   LEU A C   1 
ATOM   154  O  O   . LEU A 1 40  ? 15.988  -4.857  -5.209  1.00 24.26 ? 20   LEU A O   1 
ATOM   155  C  CB  . LEU A 1 40  ? 13.653  -2.677  -5.407  1.00 20.37 ? 20   LEU A CB  1 
ATOM   156  C  CG  . LEU A 1 40  ? 12.282  -2.249  -4.862  1.00 20.87 ? 20   LEU A CG  1 
ATOM   157  C  CD1 . LEU A 1 40  ? 11.351  -1.973  -6.015  1.00 24.04 ? 20   LEU A CD1 1 
ATOM   158  C  CD2 . LEU A 1 40  ? 11.723  -3.308  -3.937  1.00 21.58 ? 20   LEU A CD2 1 
ATOM   159  N  N   . GLU A 1 41  ? 16.833  -2.792  -5.644  1.00 24.83 ? 21   GLU A N   1 
ATOM   160  C  CA  A GLU A 1 41  ? 17.973  -3.290  -6.406  0.50 27.22 ? 21   GLU A CA  1 
ATOM   161  C  CA  B GLU A 1 41  ? 17.990  -3.267  -6.405  0.50 27.35 ? 21   GLU A CA  1 
ATOM   162  C  C   . GLU A 1 41  ? 19.020  -3.896  -5.467  1.00 28.00 ? 21   GLU A C   1 
ATOM   163  O  O   . GLU A 1 41  ? 19.661  -4.899  -5.804  1.00 28.33 ? 21   GLU A O   1 
ATOM   164  C  CB  A GLU A 1 41  ? 18.544  -2.188  -7.305  0.50 26.74 ? 21   GLU A CB  1 
ATOM   165  C  CB  B GLU A 1 41  ? 18.607  -2.113  -7.204  0.50 27.48 ? 21   GLU A CB  1 
ATOM   166  C  CG  A GLU A 1 41  ? 17.720  -1.961  -8.581  0.50 25.77 ? 21   GLU A CG  1 
ATOM   167  C  CG  B GLU A 1 41  ? 19.780  -2.511  -8.107  0.50 29.45 ? 21   GLU A CG  1 
ATOM   168  C  CD  A GLU A 1 41  ? 17.975  -0.617  -9.265  0.50 28.69 ? 21   GLU A CD  1 
ATOM   169  C  CD  B GLU A 1 41  ? 19.409  -3.586  -9.113  0.50 28.30 ? 21   GLU A CD  1 
ATOM   170  O  OE1 A GLU A 1 41  ? 18.306  0.369   -8.575  0.50 35.86 ? 21   GLU A OE1 1 
ATOM   171  O  OE1 B GLU A 1 41  ? 18.498  -3.348  -9.938  0.50 26.79 ? 21   GLU A OE1 1 
ATOM   172  O  OE2 A GLU A 1 41  ? 17.818  -0.538  -10.503 0.50 32.47 ? 21   GLU A OE2 1 
ATOM   173  O  OE2 B GLU A 1 41  ? 20.036  -4.670  -9.078  0.50 26.58 ? 21   GLU A OE2 1 
ATOM   174  N  N   . ARG A 1 42  ? 19.154  -3.316  -4.278  1.00 26.18 ? 22   ARG A N   1 
ATOM   175  C  CA  . ARG A 1 42  ? 20.114  -3.781  -3.276  1.00 27.04 ? 22   ARG A CA  1 
ATOM   176  C  C   . ARG A 1 42  ? 19.814  -5.171  -2.699  1.00 26.05 ? 22   ARG A C   1 
ATOM   177  O  O   . ARG A 1 42  ? 20.737  -5.903  -2.358  1.00 27.05 ? 22   ARG A O   1 
ATOM   178  C  CB  . ARG A 1 42  ? 20.242  -2.755  -2.141  1.00 28.29 ? 22   ARG A CB  1 
ATOM   179  C  CG  . ARG A 1 42  ? 21.348  -3.055  -1.147  1.00 33.53 ? 22   ARG A CG  1 
ATOM   180  C  CD  . ARG A 1 42  ? 21.719  -1.820  -0.347  1.00 41.68 ? 22   ARG A CD  1 
ATOM   181  N  NE  . ARG A 1 42  ? 23.063  -1.936  0.221   1.00 50.45 ? 22   ARG A NE  1 
ATOM   182  C  CZ  . ARG A 1 42  ? 24.186  -1.586  -0.406  1.00 53.76 ? 22   ARG A CZ  1 
ATOM   183  N  NH1 . ARG A 1 42  ? 24.151  -1.082  -1.637  1.00 56.14 ? 22   ARG A NH1 1 
ATOM   184  N  NH2 . ARG A 1 42  ? 25.356  -1.737  0.201   1.00 54.69 ? 22   ARG A NH2 1 
ATOM   185  N  N   . THR A 1 43  ? 18.533  -5.546  -2.598  1.00 24.11 ? 23   THR A N   1 
ATOM   186  C  CA  . THR A 1 43  ? 18.137  -6.804  -1.962  1.00 22.06 ? 23   THR A CA  1 
ATOM   187  C  C   . THR A 1 43  ? 17.091  -7.475  -2.853  1.00 22.37 ? 23   THR A C   1 
ATOM   188  O  O   . THR A 1 43  ? 15.895  -7.168  -2.755  1.00 22.78 ? 23   THR A O   1 
ATOM   189  C  CB  . THR A 1 43  ? 17.574  -6.545  -0.527  1.00 23.54 ? 23   THR A CB  1 
ATOM   190  O  OG1 . THR A 1 43  ? 18.593  -5.935  0.271   1.00 23.87 ? 23   THR A OG1 1 
ATOM   191  C  CG2 . THR A 1 43  ? 17.076  -7.802  0.180   1.00 23.09 ? 23   THR A CG2 1 
ATOM   192  N  N   . PRO A 1 44  ? 17.531  -8.363  -3.761  1.00 19.52 ? 24   PRO A N   1 
ATOM   193  C  CA  . PRO A 1 44  ? 16.607  -8.942  -4.734  1.00 18.50 ? 24   PRO A CA  1 
ATOM   194  C  C   . PRO A 1 44  ? 15.316  -9.523  -4.133  1.00 17.98 ? 24   PRO A C   1 
ATOM   195  O  O   . PRO A 1 44  ? 14.249  -9.352  -4.740  1.00 19.41 ? 24   PRO A O   1 
ATOM   196  C  CB  . PRO A 1 44  ? 17.462  -10.000 -5.450  1.00 17.28 ? 24   PRO A CB  1 
ATOM   197  C  CG  . PRO A 1 44  ? 18.843  -9.446  -5.354  1.00 19.13 ? 24   PRO A CG  1 
ATOM   198  C  CD  . PRO A 1 44  ? 18.910  -8.848  -3.969  1.00 20.56 ? 24   PRO A CD  1 
ATOM   199  N  N   . ALA A 1 45  ? 15.402  -10.161 -2.961  1.00 19.37 ? 25   ALA A N   1 
ATOM   200  C  CA  . ALA A 1 45  ? 14.222  -10.724 -2.278  1.00 19.55 ? 25   ALA A CA  1 
ATOM   201  C  C   . ALA A 1 45  ? 13.217  -9.680  -1.753  1.00 20.59 ? 25   ALA A C   1 
ATOM   202  O  O   . ALA A 1 45  ? 12.071  -10.049 -1.422  1.00 19.25 ? 25   ALA A O   1 
ATOM   203  C  CB  . ALA A 1 45  ? 14.639  -11.678 -1.161  1.00 23.29 ? 25   ALA A CB  1 
ATOM   204  N  N   . LEU A 1 46  ? 13.610  -8.407  -1.710  1.00 20.33 ? 26   LEU A N   1 
ATOM   205  C  CA  . LEU A 1 46  ? 12.747  -7.372  -1.106  1.00 18.85 ? 26   LEU A CA  1 
ATOM   206  C  C   . LEU A 1 46  ? 11.399  -7.215  -1.790  1.00 19.49 ? 26   LEU A C   1 
ATOM   207  O  O   . LEU A 1 46  ? 10.367  -7.133  -1.113  1.00 15.93 ? 26   LEU A O   1 
ATOM   208  C  CB  . LEU A 1 46  ? 13.455  -6.009  -0.979  1.00 18.75 ? 26   LEU A CB  1 
ATOM   209  C  CG  . LEU A 1 46  ? 12.677  -4.937  -0.208  1.00 18.45 ? 26   LEU A CG  1 
ATOM   210  C  CD1 . LEU A 1 46  ? 12.289  -5.456  1.199   1.00 21.53 ? 26   LEU A CD1 1 
ATOM   211  C  CD2 . LEU A 1 46  ? 13.471  -3.629  -0.118  1.00 17.99 ? 26   LEU A CD2 1 
ATOM   212  N  N   . ALA A 1 47  ? 11.386  -7.147  -3.115  1.00 18.92 ? 27   ALA A N   1 
ATOM   213  C  CA  . ALA A 1 47  ? 10.120  -6.922  -3.822  1.00 16.87 ? 27   ALA A CA  1 
ATOM   214  C  C   . ALA A 1 47  ? 9.080   -7.972  -3.453  1.00 17.78 ? 27   ALA A C   1 
ATOM   215  O  O   . ALA A 1 47  ? 7.924   -7.635  -3.223  1.00 16.68 ? 27   ALA A O   1 
ATOM   216  C  CB  . ALA A 1 47  ? 10.347  -6.887  -5.324  1.00 17.89 ? 27   ALA A CB  1 
ATOM   217  N  N   . GLY A 1 48  ? 9.488   -9.238  -3.388  1.00 16.48 ? 28   GLY A N   1 
ATOM   218  C  CA  . GLY A 1 48  ? 8.593   -10.355 -3.085  1.00 17.39 ? 28   GLY A CA  1 
ATOM   219  C  C   . GLY A 1 48  ? 8.173   -10.395 -1.622  1.00 18.52 ? 28   GLY A C   1 
ATOM   220  O  O   . GLY A 1 48  ? 7.183   -11.045 -1.255  1.00 20.63 ? 28   GLY A O   1 
ATOM   221  N  N   . ARG A 1 49  ? 8.937   -9.708  -0.779  1.00 17.45 ? 29   ARG A N   1 
ATOM   222  C  CA  . ARG A 1 49  ? 8.587   -9.544  0.622   1.00 18.71 ? 29   ARG A CA  1 
ATOM   223  C  C   . ARG A 1 49  ? 7.478   -8.491  0.814   1.00 14.77 ? 29   ARG A C   1 
ATOM   224  O  O   . ARG A 1 49  ? 6.629   -8.640  1.710   1.00 15.96 ? 29   ARG A O   1 
ATOM   225  C  CB  . ARG A 1 49  ? 9.828   -9.183  1.447   1.00 19.73 ? 29   ARG A CB  1 
ATOM   226  C  CG  . ARG A 1 49  ? 9.527   -8.869  2.922   1.00 26.88 ? 29   ARG A CG  1 
ATOM   227  C  CD  . ARG A 1 49  ? 10.777  -8.978  3.771   1.00 32.73 ? 29   ARG A CD  1 
ATOM   228  N  NE  . ARG A 1 49  ? 11.576  -10.146 3.391   1.00 38.46 ? 29   ARG A NE  1 
ATOM   229  C  CZ  . ARG A 1 49  ? 12.733  -10.090 2.735   1.00 42.09 ? 29   ARG A CZ  1 
ATOM   230  N  NH1 . ARG A 1 49  ? 13.249  -8.915  2.380   1.00 44.41 ? 29   ARG A NH1 1 
ATOM   231  N  NH2 . ARG A 1 49  ? 13.378  -11.212 2.432   1.00 43.16 ? 29   ARG A NH2 1 
ATOM   232  N  N   . LEU A 1 50  ? 7.516   -7.447  -0.009  1.00 16.15 ? 30   LEU A N   1 
ATOM   233  C  CA  . LEU A 1 50  ? 6.630   -6.286  0.158   1.00 12.60 ? 30   LEU A CA  1 
ATOM   234  C  C   . LEU A 1 50  ? 5.330   -6.443  -0.633  1.00 14.84 ? 30   LEU A C   1 
ATOM   235  O  O   . LEU A 1 50  ? 4.274   -5.904  -0.215  1.00 11.62 ? 30   LEU A O   1 
ATOM   236  C  CB  . LEU A 1 50  ? 7.338   -5.034  -0.302  1.00 13.64 ? 30   LEU A CB  1 
ATOM   237  C  CG  . LEU A 1 50  ? 8.577   -4.589  0.461   1.00 13.49 ? 30   LEU A CG  1 
ATOM   238  C  CD1 . LEU A 1 50  ? 9.178   -3.324  -0.183  1.00 17.69 ? 30   LEU A CD1 1 
ATOM   239  C  CD2 . LEU A 1 50  ? 8.248   -4.361  1.946   1.00 18.08 ? 30   LEU A CD2 1 
ATOM   240  N  N   . PHE A 1 51  ? 5.392   -7.216  -1.722  1.00 13.90 ? 31   PHE A N   1 
ATOM   241  C  CA  . PHE A 1 51  ? 4.336   -7.218  -2.773  1.00 13.11 ? 31   PHE A CA  1 
ATOM   242  C  C   . PHE A 1 51  ? 3.921   -8.615  -3.174  1.00 16.78 ? 31   PHE A C   1 
ATOM   243  O  O   . PHE A 1 51  ? 4.769   -9.521  -3.279  1.00 18.12 ? 31   PHE A O   1 
ATOM   244  C  CB  . PHE A 1 51  ? 4.842   -6.494  -4.026  1.00 13.74 ? 31   PHE A CB  1 
ATOM   245  C  CG  . PHE A 1 51  ? 5.203   -5.067  -3.797  1.00 12.64 ? 31   PHE A CG  1 
ATOM   246  C  CD1 . PHE A 1 51  ? 4.214   -4.116  -3.467  1.00 15.54 ? 31   PHE A CD1 1 
ATOM   247  C  CD2 . PHE A 1 51  ? 6.528   -4.645  -3.873  1.00 14.92 ? 31   PHE A CD2 1 
ATOM   248  C  CE1 . PHE A 1 51  ? 4.580   -2.768  -3.240  1.00 11.67 ? 31   PHE A CE1 1 
ATOM   249  C  CE2 . PHE A 1 51  ? 6.898   -3.330  -3.643  1.00 17.26 ? 31   PHE A CE2 1 
ATOM   250  C  CZ  . PHE A 1 51  ? 5.917   -2.360  -3.335  1.00 13.25 ? 31   PHE A CZ  1 
ATOM   251  N  N   . LEU A 1 52  ? 2.619   -8.795  -3.387  1.00 14.40 ? 32   LEU A N   1 
ATOM   252  C  CA  . LEU A 1 52  ? 2.108   -9.985  -4.039  1.00 14.06 ? 32   LEU A CA  1 
ATOM   253  C  C   . LEU A 1 52  ? 2.428   -9.947  -5.531  1.00 14.54 ? 32   LEU A C   1 
ATOM   254  O  O   . LEU A 1 52  ? 2.618   -8.891  -6.108  1.00 14.21 ? 32   LEU A O   1 
ATOM   255  C  CB  . LEU A 1 52  ? 0.597   -10.100 -3.852  1.00 15.22 ? 32   LEU A CB  1 
ATOM   256  C  CG  . LEU A 1 52  ? 0.113   -10.218 -2.418  1.00 13.22 ? 32   LEU A CG  1 
ATOM   257  C  CD1 . LEU A 1 52  ? -1.406  -10.070 -2.360  1.00 21.34 ? 32   LEU A CD1 1 
ATOM   258  C  CD2 . LEU A 1 52  ? 0.563   -11.505 -1.727  1.00 20.11 ? 32   LEU A CD2 1 
ATOM   259  N  N   . GLU A 1 53  ? 2.514   -11.133 -6.137  1.00 17.25 ? 33   GLU A N   1 
ATOM   260  C  CA  A GLU A 1 53  ? 2.790   -11.224 -7.563  0.50 17.44 ? 33   GLU A CA  1 
ATOM   261  C  CA  B GLU A 1 53  ? 2.742   -11.295 -7.567  0.50 18.60 ? 33   GLU A CA  1 
ATOM   262  C  C   . GLU A 1 53  ? 1.891   -10.324 -8.388  1.00 18.44 ? 33   GLU A C   1 
ATOM   263  O  O   . GLU A 1 53  ? 2.366   -9.702  -9.321  1.00 20.19 ? 33   GLU A O   1 
ATOM   264  C  CB  A GLU A 1 53  ? 2.666   -12.668 -8.049  0.50 17.91 ? 33   GLU A CB  1 
ATOM   265  C  CB  B GLU A 1 53  ? 2.401   -12.748 -7.947  0.50 18.89 ? 33   GLU A CB  1 
ATOM   266  C  CG  A GLU A 1 53  ? 3.881   -13.521 -7.748  0.50 17.85 ? 33   GLU A CG  1 
ATOM   267  C  CG  B GLU A 1 53  ? 2.803   -13.178 -9.356  0.50 19.90 ? 33   GLU A CG  1 
ATOM   268  C  CD  A GLU A 1 53  ? 3.997   -13.918 -6.296  0.50 18.12 ? 33   GLU A CD  1 
ATOM   269  C  CD  B GLU A 1 53  ? 2.588   -14.666 -9.612  0.50 20.96 ? 33   GLU A CD  1 
ATOM   270  O  OE1 A GLU A 1 53  ? 3.033   -13.712 -5.519  0.50 15.91 ? 33   GLU A OE1 1 
ATOM   271  O  OE1 B GLU A 1 53  ? 1.421   -15.097 -9.758  0.50 21.35 ? 33   GLU A OE1 1 
ATOM   272  O  OE2 A GLU A 1 53  ? 5.061   -14.443 -5.910  0.50 14.12 ? 33   GLU A OE2 1 
ATOM   273  O  OE2 B GLU A 1 53  ? 3.593   -15.406 -9.705  0.50 26.40 ? 33   GLU A OE2 1 
ATOM   274  N  N   . SER A 1 54  ? 0.618   -10.233 -8.018  1.00 17.68 ? 34   SER A N   1 
ATOM   275  C  CA  . SER A 1 54  ? -0.348  -9.433  -8.777  1.00 19.83 ? 34   SER A CA  1 
ATOM   276  C  C   . SER A 1 54  ? 0.009   -7.951  -8.764  1.00 17.96 ? 34   SER A C   1 
ATOM   277  O  O   . SER A 1 54  ? -0.219  -7.252  -9.751  1.00 20.17 ? 34   SER A O   1 
ATOM   278  C  CB  . SER A 1 54  ? -1.776  -9.669  -8.285  1.00 19.73 ? 34   SER A CB  1 
ATOM   279  O  OG  . SER A 1 54  ? -1.912  -9.389  -6.900  1.00 19.94 ? 34   SER A OG  1 
ATOM   280  N  N   . GLU A 1 55  ? 0.586   -7.482  -7.657  1.00 16.88 ? 35   GLU A N   1 
ATOM   281  C  CA  . GLU A 1 55  ? 0.932   -6.069  -7.515  1.00 14.56 ? 35   GLU A CA  1 
ATOM   282  C  C   . GLU A 1 55  ? 2.144   -5.678  -8.358  1.00 16.98 ? 35   GLU A C   1 
ATOM   283  O  O   . GLU A 1 55  ? 2.315   -4.501  -8.713  1.00 18.54 ? 35   GLU A O   1 
ATOM   284  C  CB  . GLU A 1 55  ? 1.184   -5.706  -6.030  1.00 11.88 ? 35   GLU A CB  1 
ATOM   285  C  CG  . GLU A 1 55  ? -0.002  -5.946  -5.101  1.00 12.50 ? 35   GLU A CG  1 
ATOM   286  C  CD  . GLU A 1 55  ? 0.357   -5.612  -3.648  1.00 14.03 ? 35   GLU A CD  1 
ATOM   287  O  OE1 . GLU A 1 55  ? 1.182   -6.336  -3.049  1.00 12.11 ? 35   GLU A OE1 1 
ATOM   288  O  OE2 . GLU A 1 55  ? -0.168  -4.624  -3.086  1.00 13.30 ? 35   GLU A OE2 1 
ATOM   289  N  N   . LEU A 1 56  ? 2.969   -6.674  -8.682  1.00 19.25 ? 36   LEU A N   1 
ATOM   290  C  CA  . LEU A 1 56  ? 4.211   -6.453  -9.433  1.00 20.83 ? 36   LEU A CA  1 
ATOM   291  C  C   . LEU A 1 56  ? 3.988   -6.391  -10.938 1.00 21.79 ? 36   LEU A C   1 
ATOM   292  O  O   . LEU A 1 56  ? 4.911   -6.062  -11.684 1.00 22.27 ? 36   LEU A O   1 
ATOM   293  C  CB  . LEU A 1 56  ? 5.263   -7.515  -9.081  1.00 18.41 ? 36   LEU A CB  1 
ATOM   294  C  CG  . LEU A 1 56  ? 5.699   -7.569  -7.604  1.00 19.83 ? 36   LEU A CG  1 
ATOM   295  C  CD1 . LEU A 1 56  ? 6.386   -8.892  -7.288  1.00 21.90 ? 36   LEU A CD1 1 
ATOM   296  C  CD2 . LEU A 1 56  ? 6.616   -6.409  -7.246  1.00 21.75 ? 36   LEU A CD2 1 
ATOM   297  N  N   . LEU A 1 57  ? 2.745   -6.633  -11.356 1.00 23.38 ? 37   LEU A N   1 
ATOM   298  C  CA  . LEU A 1 57  ? 2.347   -6.577  -12.766 1.00 22.98 ? 37   LEU A CA  1 
ATOM   299  C  C   . LEU A 1 57  ? 1.337   -5.481  -13.105 1.00 24.12 ? 37   LEU A C   1 
ATOM   300  O  O   . LEU A 1 57  ? 0.422   -5.175  -12.324 1.00 23.14 ? 37   LEU A O   1 
ATOM   301  C  CB  . LEU A 1 57  ? 1.800   -7.934  -13.206 1.00 24.08 ? 37   LEU A CB  1 
ATOM   302  C  CG  . LEU A 1 57  ? 2.744   -9.143  -13.079 1.00 24.54 ? 37   LEU A CG  1 
ATOM   303  C  CD1 . LEU A 1 57  ? 2.003   -10.410 -13.407 1.00 27.51 ? 37   LEU A CD1 1 
ATOM   304  C  CD2 . LEU A 1 57  ? 3.994   -8.998  -13.938 1.00 25.94 ? 37   LEU A CD2 1 
ATOM   305  N  N   . LEU A 1 58  ? 1.505   -4.907  -14.298 1.00 25.59 ? 38   LEU A N   1 
ATOM   306  C  CA  . LEU A 1 58  ? 0.513   -4.017  -14.904 1.00 27.41 ? 38   LEU A CA  1 
ATOM   307  C  C   . LEU A 1 58  ? -0.643  -4.852  -15.465 1.00 30.67 ? 38   LEU A C   1 
ATOM   308  O  O   . LEU A 1 58  ? -0.436  -6.026  -15.789 1.00 32.48 ? 38   LEU A O   1 
ATOM   309  C  CB  . LEU A 1 58  ? 1.170   -3.173  -15.997 1.00 28.00 ? 38   LEU A CB  1 
ATOM   310  C  CG  . LEU A 1 58  ? 2.270   -2.200  -15.546 1.00 25.69 ? 38   LEU A CG  1 
ATOM   311  C  CD1 . LEU A 1 58  ? 2.803   -1.427  -16.743 1.00 31.97 ? 38   LEU A CD1 1 
ATOM   312  C  CD2 . LEU A 1 58  ? 1.759   -1.239  -14.485 1.00 26.44 ? 38   LEU A CD2 1 
ATOM   313  N  N   . PRO A 1 59  ? -1.854  -4.259  -15.587 1.00 33.70 ? 39   PRO A N   1 
ATOM   314  C  CA  . PRO A 1 59  ? -3.045  -5.007  -16.022 1.00 35.49 ? 39   PRO A CA  1 
ATOM   315  C  C   . PRO A 1 59  ? -2.816  -5.854  -17.272 1.00 37.49 ? 39   PRO A C   1 
ATOM   316  O  O   . PRO A 1 59  ? -3.402  -6.938  -17.398 1.00 37.81 ? 39   PRO A O   1 
ATOM   317  C  CB  . PRO A 1 59  ? -4.062  -3.903  -16.326 1.00 35.12 ? 39   PRO A CB  1 
ATOM   318  C  CG  . PRO A 1 59  ? -3.679  -2.792  -15.440 1.00 35.44 ? 39   PRO A CG  1 
ATOM   319  C  CD  . PRO A 1 59  ? -2.177  -2.840  -15.337 1.00 33.79 ? 39   PRO A CD  1 
ATOM   320  N  N   . GLY A 1 60  ? -1.967  -5.357  -18.173 1.00 38.02 ? 40   GLY A N   1 
ATOM   321  C  CA  . GLY A 1 60  ? -1.595  -6.067  -19.389 1.00 39.05 ? 40   GLY A CA  1 
ATOM   322  C  C   . GLY A 1 60  ? -0.777  -7.310  -19.103 1.00 39.26 ? 40   GLY A C   1 
ATOM   323  O  O   . GLY A 1 60  ? -1.107  -8.393  -19.582 1.00 41.78 ? 40   GLY A O   1 
ATOM   324  N  N   . GLY A 1 61  ? 0.289   -7.155  -18.320 1.00 38.08 ? 41   GLY A N   1 
ATOM   325  C  CA  . GLY A 1 61  ? 1.187   -8.263  -17.993 1.00 33.96 ? 41   GLY A CA  1 
ATOM   326  C  C   . GLY A 1 61  ? 2.640   -7.851  -17.850 1.00 31.46 ? 41   GLY A C   1 
ATOM   327  O  O   . GLY A 1 61  ? 3.478   -8.645  -17.426 1.00 31.40 ? 41   GLY A O   1 
ATOM   328  N  N   . GLU A 1 62  ? 2.925   -6.605  -18.219 1.00 30.78 ? 42   GLU A N   1 
ATOM   329  C  CA  . GLU A 1 62  ? 4.251   -5.999  -18.100 1.00 31.15 ? 42   GLU A CA  1 
ATOM   330  C  C   . GLU A 1 62  ? 4.603   -5.828  -16.617 1.00 30.25 ? 42   GLU A C   1 
ATOM   331  O  O   . GLU A 1 62  ? 3.705   -5.745  -15.778 1.00 29.81 ? 42   GLU A O   1 
ATOM   332  C  CB  . GLU A 1 62  ? 4.257   -4.631  -18.795 1.00 30.79 ? 42   GLU A CB  1 
ATOM   333  C  CG  . GLU A 1 62  ? 3.538   -4.587  -20.161 1.00 37.81 ? 42   GLU A CG  1 
ATOM   334  C  CD  . GLU A 1 62  ? 2.025   -4.797  -20.056 1.00 41.48 ? 42   GLU A CD  1 
ATOM   335  O  OE1 . GLU A 1 62  ? 1.331   -3.926  -19.491 1.00 36.50 ? 42   GLU A OE1 1 
ATOM   336  O  OE2 . GLU A 1 62  ? 1.534   -5.839  -20.543 1.00 45.23 ? 42   GLU A OE2 1 
ATOM   337  N  N   . ARG A 1 63  ? 5.896   -5.786  -16.298 1.00 29.98 ? 43   ARG A N   1 
ATOM   338  C  CA  . ARG A 1 63  ? 6.336   -5.566  -14.917 1.00 29.19 ? 43   ARG A CA  1 
ATOM   339  C  C   . ARG A 1 63  ? 6.081   -4.112  -14.517 1.00 26.70 ? 43   ARG A C   1 
ATOM   340  O  O   . ARG A 1 63  ? 6.435   -3.181  -15.248 1.00 25.50 ? 43   ARG A O   1 
ATOM   341  C  CB  . ARG A 1 63  ? 7.825   -5.925  -14.725 1.00 32.00 ? 43   ARG A CB  1 
ATOM   342  C  CG  . ARG A 1 63  ? 8.187   -7.422  -14.897 1.00 35.76 ? 43   ARG A CG  1 
ATOM   343  C  CD  . ARG A 1 63  ? 7.828   -8.278  -13.679 1.00 43.12 ? 43   ARG A CD  1 
ATOM   344  N  NE  . ARG A 1 63  ? 8.668   -8.003  -12.512 1.00 46.77 ? 43   ARG A NE  1 
ATOM   345  C  CZ  . ARG A 1 63  ? 8.612   -8.678  -11.363 1.00 48.10 ? 43   ARG A CZ  1 
ATOM   346  N  NH1 . ARG A 1 63  ? 7.758   -9.687  -11.213 1.00 48.03 ? 43   ARG A NH1 1 
ATOM   347  N  NH2 . ARG A 1 63  ? 9.416   -8.345  -10.358 1.00 47.49 ? 43   ARG A NH2 1 
ATOM   348  N  N   . ARG A 1 64  ? 5.450   -3.927  -13.357 1.00 24.74 ? 44   ARG A N   1 
ATOM   349  C  CA  . ARG A 1 64  ? 5.156   -2.595  -12.824 1.00 22.58 ? 44   ARG A CA  1 
ATOM   350  C  C   . ARG A 1 64  ? 6.458   -1.847  -12.522 1.00 20.59 ? 44   ARG A C   1 
ATOM   351  O  O   . ARG A 1 64  ? 7.421   -2.438  -12.005 1.00 21.09 ? 44   ARG A O   1 
ATOM   352  C  CB  . ARG A 1 64  ? 4.292   -2.719  -11.562 1.00 20.80 ? 44   ARG A CB  1 
ATOM   353  C  CG  . ARG A 1 64  ? 3.801   -1.395  -10.969 1.00 21.43 ? 44   ARG A CG  1 
ATOM   354  C  CD  . ARG A 1 64  ? 2.751   -1.602  -9.856  1.00 17.41 ? 44   ARG A CD  1 
ATOM   355  N  NE  . ARG A 1 64  ? 1.572   -2.311  -10.331 1.00 16.38 ? 44   ARG A NE  1 
ATOM   356  C  CZ  . ARG A 1 64  ? 0.563   -1.726  -10.968 1.00 12.52 ? 44   ARG A CZ  1 
ATOM   357  N  NH1 . ARG A 1 64  ? 0.595   -0.424  -11.215 1.00 19.22 ? 44   ARG A NH1 1 
ATOM   358  N  NH2 . ARG A 1 64  ? -0.455  -2.448  -11.381 1.00 16.71 ? 44   ARG A NH2 1 
ATOM   359  N  N   . GLY A 1 65  ? 6.475   -0.563  -12.853 1.00 21.24 ? 45   GLY A N   1 
ATOM   360  C  CA  . GLY A 1 65  ? 7.642   0.294   -12.681 1.00 22.32 ? 45   GLY A CA  1 
ATOM   361  C  C   . GLY A 1 65  ? 7.831   0.754   -11.247 1.00 22.88 ? 45   GLY A C   1 
ATOM   362  O  O   . GLY A 1 65  ? 6.925   0.642   -10.425 1.00 21.20 ? 45   GLY A O   1 
ATOM   363  N  N   . VAL A 1 66  ? 9.019   1.272   -10.954 1.00 22.94 ? 46   VAL A N   1 
ATOM   364  C  CA  . VAL A 1 66  ? 9.404   1.640   -9.596  1.00 22.90 ? 46   VAL A CA  1 
ATOM   365  C  C   . VAL A 1 66  ? 8.560   2.735   -8.926  1.00 21.24 ? 46   VAL A C   1 
ATOM   366  O  O   . VAL A 1 66  ? 8.270   2.627   -7.727  1.00 21.10 ? 46   VAL A O   1 
ATOM   367  C  CB  . VAL A 1 66  ? 10.940  1.938   -9.496  1.00 26.14 ? 46   VAL A CB  1 
ATOM   368  C  CG1 . VAL A 1 66  ? 11.316  3.159   -10.287 1.00 29.10 ? 46   VAL A CG1 1 
ATOM   369  C  CG2 . VAL A 1 66  ? 11.372  2.080   -8.045  1.00 27.16 ? 46   VAL A CG2 1 
ATOM   370  N  N   . ALA A 1 67  ? 8.147   3.755   -9.682  1.00 19.46 ? 47   ALA A N   1 
ATOM   371  C  CA  . ALA A 1 67  ? 7.352   4.842   -9.091  1.00 17.77 ? 47   ALA A CA  1 
ATOM   372  C  C   . ALA A 1 67  ? 5.995   4.319   -8.656  1.00 19.53 ? 47   ALA A C   1 
ATOM   373  O  O   . ALA A 1 67  ? 5.518   4.670   -7.567  1.00 18.02 ? 47   ALA A O   1 
ATOM   374  C  CB  . ALA A 1 67  ? 7.215   6.030   -10.030 1.00 21.42 ? 47   ALA A CB  1 
ATOM   375  N  N   . SER A 1 68  ? 5.390   3.474   -9.487  1.00 19.52 ? 48   SER A N   1 
ATOM   376  C  CA  . SER A 1 68  ? 4.072   2.904   -9.174  1.00 16.74 ? 48   SER A CA  1 
ATOM   377  C  C   . SER A 1 68  ? 4.169   1.944   -7.971  1.00 17.11 ? 48   SER A C   1 
ATOM   378  O  O   . SER A 1 68  ? 3.311   1.924   -7.062  1.00 16.06 ? 48   SER A O   1 
ATOM   379  C  CB  . SER A 1 68  ? 3.471   2.242   -10.420 1.00 18.97 ? 48   SER A CB  1 
ATOM   380  O  OG  . SER A 1 68  ? 2.217   1.625   -10.145 1.00 16.01 ? 48   SER A OG  1 
ATOM   381  N  N   . LEU A 1 69  ? 5.266   1.195   -7.935  1.00 16.68 ? 49   LEU A N   1 
ATOM   382  C  CA  . LEU A 1 69  ? 5.583   0.381   -6.793  1.00 14.13 ? 49   LEU A CA  1 
ATOM   383  C  C   . LEU A 1 69  ? 5.840   1.209   -5.517  1.00 13.65 ? 49   LEU A C   1 
ATOM   384  O  O   . LEU A 1 69  ? 5.378   0.823   -4.442  1.00 14.58 ? 49   LEU A O   1 
ATOM   385  C  CB  . LEU A 1 69  ? 6.780   -0.530  -7.108  1.00 16.22 ? 49   LEU A CB  1 
ATOM   386  C  CG  . LEU A 1 69  ? 6.503   -1.774  -7.995  1.00 18.34 ? 49   LEU A CG  1 
ATOM   387  C  CD1 . LEU A 1 69  ? 7.824   -2.510  -8.173  1.00 16.46 ? 49   LEU A CD1 1 
ATOM   388  C  CD2 . LEU A 1 69  ? 5.461   -2.749  -7.421  1.00 18.58 ? 49   LEU A CD2 1 
ATOM   389  N  N   . ALA A 1 70  ? 6.561   2.333   -5.616  1.00 14.84 ? 50   ALA A N   1 
ATOM   390  C  CA  . ALA A 1 70  ? 6.794   3.166   -4.434  1.00 14.79 ? 50   ALA A CA  1 
ATOM   391  C  C   . ALA A 1 70  ? 5.452   3.672   -3.905  1.00 13.46 ? 50   ALA A C   1 
ATOM   392  O  O   . ALA A 1 70  ? 5.274   3.770   -2.694  1.00 13.28 ? 50   ALA A O   1 
ATOM   393  C  CB  . ALA A 1 70  ? 7.729   4.318   -4.727  1.00 15.03 ? 50   ALA A CB  1 
ATOM   394  N  N   . ALA A 1 71  ? 4.527   3.984   -4.819  1.00 12.86 ? 51   ALA A N   1 
ATOM   395  C  CA  . ALA A 1 71  ? 3.195   4.446   -4.399  1.00 12.76 ? 51   ALA A CA  1 
ATOM   396  C  C   . ALA A 1 71  ? 2.418   3.365   -3.663  1.00 13.26 ? 51   ALA A C   1 
ATOM   397  O  O   . ALA A 1 71  ? 1.655   3.680   -2.737  1.00 14.44 ? 51   ALA A O   1 
ATOM   398  C  CB  . ALA A 1 71  ? 2.382   4.992   -5.580  1.00 12.78 ? 51   ALA A CB  1 
ATOM   399  N  N   . ARG A 1 72  ? 2.567   2.095   -4.080  1.00 12.83 ? 52   ARG A N   1 
ATOM   400  C  CA  . ARG A 1 72  ? 1.909   0.999   -3.361  1.00 11.89 ? 52   ARG A CA  1 
ATOM   401  C  C   . ARG A 1 72  ? 2.570   0.731   -1.995  1.00 11.84 ? 52   ARG A C   1 
ATOM   402  O  O   . ARG A 1 72  ? 1.899   0.358   -1.011  1.00 12.28 ? 52   ARG A O   1 
ATOM   403  C  CB  . ARG A 1 72  ? 1.875   -0.252  -4.239  1.00 13.40 ? 52   ARG A CB  1 
ATOM   404  C  CG  . ARG A 1 72  ? 0.923   -0.076  -5.375  1.00 11.31 ? 52   ARG A CG  1 
ATOM   405  C  CD  . ARG A 1 72  ? 1.234   -0.968  -6.589  1.00 13.44 ? 52   ARG A CD  1 
ATOM   406  N  NE  . ARG A 1 72  ? 0.043   -1.027  -7.431  1.00 15.40 ? 52   ARG A NE  1 
ATOM   407  C  CZ  . ARG A 1 72  ? -0.485  0.016   -8.081  1.00 13.56 ? 52   ARG A CZ  1 
ATOM   408  N  NH1 . ARG A 1 72  ? 0.087   1.209   -8.027  1.00 15.49 ? 52   ARG A NH1 1 
ATOM   409  N  NH2 . ARG A 1 72  ? -1.609  -0.155  -8.765  1.00 18.54 ? 52   ARG A NH2 1 
ATOM   410  N  N   . PHE A 1 73  ? 3.881   0.931   -1.925  1.00 11.99 ? 53   PHE A N   1 
ATOM   411  C  CA  . PHE A 1 73  ? 4.591   0.863   -0.644  1.00 11.86 ? 53   PHE A CA  1 
ATOM   412  C  C   . PHE A 1 73  ? 4.041   1.941   0.295   1.00 12.76 ? 53   PHE A C   1 
ATOM   413  O  O   . PHE A 1 73  ? 3.707   1.651   1.453   1.00 11.95 ? 53   PHE A O   1 
ATOM   414  C  CB  . PHE A 1 73  ? 6.107   1.029   -0.847  1.00 13.35 ? 53   PHE A CB  1 
ATOM   415  C  CG  . PHE A 1 73  ? 6.900   0.926   0.428   1.00 12.37 ? 53   PHE A CG  1 
ATOM   416  C  CD1 . PHE A 1 73  ? 7.003   -0.295  1.087   1.00 14.99 ? 53   PHE A CD1 1 
ATOM   417  C  CD2 . PHE A 1 73  ? 7.522   2.047   0.982   1.00 16.60 ? 53   PHE A CD2 1 
ATOM   418  C  CE1 . PHE A 1 73  ? 7.725   -0.414  2.306   1.00 16.93 ? 53   PHE A CE1 1 
ATOM   419  C  CE2 . PHE A 1 73  ? 8.252   1.938   2.175   1.00 17.51 ? 53   PHE A CE2 1 
ATOM   420  C  CZ  . PHE A 1 73  ? 8.348   0.692   2.832   1.00 16.84 ? 53   PHE A CZ  1 
ATOM   421  N  N   . ALA A 1 74  ? 3.920   3.158   -0.238  1.00 13.59 ? 54   ALA A N   1 
ATOM   422  C  CA  . ALA A 1 74  ? 3.340   4.247   0.549   1.00 12.12 ? 54   ALA A CA  1 
ATOM   423  C  C   . ALA A 1 74  ? 1.914   3.906   1.010   1.00 12.61 ? 54   ALA A C   1 
ATOM   424  O  O   . ALA A 1 74  ? 1.545   4.235   2.152   1.00 12.17 ? 54   ALA A O   1 
ATOM   425  C  CB  . ALA A 1 74  ? 3.368   5.538   -0.215  1.00 14.78 ? 54   ALA A CB  1 
ATOM   426  N  N   . ALA A 1 75  ? 1.112   3.287   0.131   1.00 12.71 ? 55   ALA A N   1 
ATOM   427  C  CA  . ALA A 1 75  ? -0.232  2.827   0.536   1.00 10.82 ? 55   ALA A CA  1 
ATOM   428  C  C   . ALA A 1 75  ? -0.179  1.873   1.712   1.00 11.04 ? 55   ALA A C   1 
ATOM   429  O  O   . ALA A 1 75  ? -0.935  2.022   2.689   1.00 11.49 ? 55   ALA A O   1 
ATOM   430  C  CB  . ALA A 1 75  ? -1.030  2.201   -0.646  1.00 13.10 ? 55   ALA A CB  1 
ATOM   431  N  N   . LYS A 1 76  ? 0.707   0.873   1.655   1.00 11.78 ? 56   LYS A N   1 
ATOM   432  C  CA  . LYS A 1 76  ? 0.815   -0.057  2.774   1.00 10.97 ? 56   LYS A CA  1 
ATOM   433  C  C   . LYS A 1 76  ? 1.314   0.591   4.077   1.00 10.22 ? 56   LYS A C   1 
ATOM   434  O  O   . LYS A 1 76  ? 0.844   0.229   5.161   1.00 11.55 ? 56   LYS A O   1 
ATOM   435  C  CB  . LYS A 1 76  ? 1.672   -1.289  2.390   1.00 11.01 ? 56   LYS A CB  1 
ATOM   436  C  CG  . LYS A 1 76  ? 1.107   -2.007  1.179   1.00 12.55 ? 56   LYS A CG  1 
ATOM   437  C  CD  . LYS A 1 76  ? 1.736   -3.388  0.961   1.00 10.63 ? 56   LYS A CD  1 
ATOM   438  C  CE  . LYS A 1 76  ? 1.149   -3.988  -0.337  1.00 8.47  ? 56   LYS A CE  1 
ATOM   439  N  NZ  . LYS A 1 76  ? 1.617   -5.427  -0.435  1.00 11.34 ? 56   LYS A NZ  1 
ATOM   440  N  N   . GLU A 1 77  ? 2.203   1.588   3.990   1.00 10.42 ? 57   GLU A N   1 
ATOM   441  C  CA  . GLU A 1 77  ? 2.631   2.315   5.198   1.00 11.64 ? 57   GLU A CA  1 
ATOM   442  C  C   . GLU A 1 77  ? 1.446   3.124   5.764   1.00 11.67 ? 57   GLU A C   1 
ATOM   443  O  O   . GLU A 1 77  ? 1.204   3.121   6.990   1.00 10.79 ? 57   GLU A O   1 
ATOM   444  C  CB  . GLU A 1 77  ? 3.799   3.256   4.915   1.00 13.98 ? 57   GLU A CB  1 
ATOM   445  C  CG  . GLU A 1 77  ? 5.129   2.572   4.569   1.00 15.63 ? 57   GLU A CG  1 
ATOM   446  C  CD  . GLU A 1 77  ? 5.878   2.100   5.799   1.00 15.33 ? 57   GLU A CD  1 
ATOM   447  O  OE1 . GLU A 1 77  ? 5.261   1.728   6.799   1.00 17.03 ? 57   GLU A OE1 1 
ATOM   448  O  OE2 . GLU A 1 77  ? 7.121   2.092   5.762   1.00 22.70 ? 57   GLU A OE2 1 
ATOM   449  N  N   . ALA A 1 78  ? 0.742   3.819   4.856   1.00 9.96  ? 58   ALA A N   1 
ATOM   450  C  CA  . ALA A 1 78  ? -0.422  4.604   5.220   1.00 9.23  ? 58   ALA A CA  1 
ATOM   451  C  C   . ALA A 1 78  ? -1.485  3.728   5.858   1.00 9.07  ? 58   ALA A C   1 
ATOM   452  O  O   . ALA A 1 78  ? -2.073  4.101   6.892   1.00 10.09 ? 58   ALA A O   1 
ATOM   453  C  CB  . ALA A 1 78  ? -0.948  5.393   3.999   1.00 9.22  ? 58   ALA A CB  1 
ATOM   454  N  N   . LEU A 1 79  ? -1.729  2.536   5.284   1.00 10.78 ? 59   LEU A N   1 
ATOM   455  C  CA  . LEU A 1 79  ? -2.689  1.581   5.869   1.00 9.89  ? 59   LEU A CA  1 
ATOM   456  C  C   . LEU A 1 79  ? -2.225  1.142   7.267   1.00 10.56 ? 59   LEU A C   1 
ATOM   457  O  O   . LEU A 1 79  ? -3.036  1.091   8.217   1.00 10.55 ? 59   LEU A O   1 
ATOM   458  C  CB  . LEU A 1 79  ? -2.847  0.378   4.932   1.00 12.72 ? 59   LEU A CB  1 
ATOM   459  C  CG  . LEU A 1 79  ? -4.014  -0.578  5.056   1.00 15.42 ? 59   LEU A CG  1 
ATOM   460  C  CD1 . LEU A 1 79  ? -3.976  -1.539  3.886   1.00 16.50 ? 59   LEU A CD1 1 
ATOM   461  C  CD2 . LEU A 1 79  ? -3.936  -1.369  6.298   1.00 13.07 ? 59   LEU A CD2 1 
ATOM   462  N  N   . ALA A 1 80  ? -0.922  0.867   7.398   1.00 9.35  ? 60   ALA A N   1 
ATOM   463  C  CA  . ALA A 1 80  ? -0.379  0.497   8.705   1.00 10.76 ? 60   ALA A CA  1 
ATOM   464  C  C   . ALA A 1 80  ? -0.644  1.611   9.708   1.00 10.31 ? 60   ALA A C   1 
ATOM   465  O  O   . ALA A 1 80  ? -1.139  1.377   10.821  1.00 11.57 ? 60   ALA A O   1 
ATOM   466  C  CB  . ALA A 1 80  ? 1.120   0.171   8.606   1.00 11.28 ? 60   ALA A CB  1 
ATOM   467  N  N   . LYS A 1 81  ? -0.398  2.836   9.278   1.00 12.01 ? 61   LYS A N   1 
ATOM   468  C  CA  . LYS A 1 81  ? -0.595  3.988   10.150  1.00 8.71  ? 61   LYS A CA  1 
ATOM   469  C  C   . LYS A 1 81  ? -2.049  4.095   10.611  1.00 9.36  ? 61   LYS A C   1 
ATOM   470  O  O   . LYS A 1 81  ? -2.312  4.406   11.765  1.00 10.43 ? 61   LYS A O   1 
ATOM   471  C  CB  . LYS A 1 81  ? -0.141  5.256   9.459   1.00 10.31 ? 61   LYS A CB  1 
ATOM   472  C  CG  . LYS A 1 81  ? 1.354   5.301   9.276   1.00 10.10 ? 61   LYS A CG  1 
ATOM   473  C  CD  . LYS A 1 81  ? 1.763   6.596   8.590   1.00 8.76  ? 61   LYS A CD  1 
ATOM   474  C  CE  . LYS A 1 81  ? 3.260   6.746   8.453   1.00 12.49 ? 61   LYS A CE  1 
ATOM   475  N  NZ  . LYS A 1 81  ? 3.597   8.022   7.748   1.00 11.69 ? 61   LYS A NZ  1 
ATOM   476  N  N   . ALA A 1 82  ? -2.988  3.859   9.705   1.00 11.16 ? 62   ALA A N   1 
ATOM   477  C  CA  . ALA A 1 82  ? -4.409  3.971   10.040  1.00 9.45  ? 62   ALA A CA  1 
ATOM   478  C  C   . ALA A 1 82  ? -4.850  2.911   11.056  1.00 10.69 ? 62   ALA A C   1 
ATOM   479  O  O   . ALA A 1 82  ? -5.849  3.095   11.768  1.00 12.91 ? 62   ALA A O   1 
ATOM   480  C  CB  . ALA A 1 82  ? -5.258  3.888   8.784   1.00 8.47  ? 62   ALA A CB  1 
ATOM   481  N  N   . LEU A 1 83  ? -4.106  1.812   11.113  1.00 10.20 ? 63   LEU A N   1 
ATOM   482  C  CA  . LEU A 1 83  ? -4.306  0.760   12.099  1.00 10.70 ? 63   LEU A CA  1 
ATOM   483  C  C   . LEU A 1 83  ? -3.442  0.871   13.341  1.00 12.24 ? 63   LEU A C   1 
ATOM   484  O  O   . LEU A 1 83  ? -3.496  0.013   14.188  1.00 12.66 ? 63   LEU A O   1 
ATOM   485  C  CB  . LEU A 1 83  ? -4.051  -0.606  11.443  1.00 10.75 ? 63   LEU A CB  1 
ATOM   486  C  CG  . LEU A 1 83  ? -5.006  -0.985  10.310  1.00 11.08 ? 63   LEU A CG  1 
ATOM   487  C  CD1 . LEU A 1 83  ? -4.613  -2.361  9.770   1.00 11.58 ? 63   LEU A CD1 1 
ATOM   488  C  CD2 . LEU A 1 83  ? -6.483  -0.974  10.779  1.00 15.09 ? 63   LEU A CD2 1 
ATOM   489  N  N   . GLY A 1 84  ? -2.662  1.936   13.473  1.00 10.64 ? 64   GLY A N   1 
ATOM   490  C  CA  . GLY A 1 84  ? -1.876  2.094   14.668  1.00 13.96 ? 64   GLY A CA  1 
ATOM   491  C  C   . GLY A 1 84  ? -0.588  1.302   14.585  1.00 14.43 ? 64   GLY A C   1 
ATOM   492  O  O   . GLY A 1 84  ? 0.031   1.052   15.611  1.00 15.27 ? 64   GLY A O   1 
ATOM   493  N  N   . ALA A 1 85  ? -0.190  0.935   13.368  1.00 13.33 ? 65   ALA A N   1 
ATOM   494  C  CA  . ALA A 1 85  ? 1.087   0.224   13.115  1.00 13.24 ? 65   ALA A CA  1 
ATOM   495  C  C   . ALA A 1 85  ? 1.579   -0.739  14.235  1.00 14.77 ? 65   ALA A C   1 
ATOM   496  O  O   . ALA A 1 85  ? 2.699   -0.575  14.754  1.00 14.42 ? 65   ALA A O   1 
ATOM   497  C  CB  . ALA A 1 85  ? 2.166   1.218   12.732  1.00 15.14 ? 65   ALA A CB  1 
ATOM   498  N  N   . PRO A 1 86  ? 0.770   -1.746  14.592  1.00 14.38 ? 66   PRO A N   1 
ATOM   499  C  CA  . PRO A 1 86  ? 1.200   -2.739  15.584  1.00 16.10 ? 66   PRO A CA  1 
ATOM   500  C  C   . PRO A 1 86  ? 2.221   -3.710  15.026  1.00 17.10 ? 66   PRO A C   1 
ATOM   501  O  O   . PRO A 1 86  ? 2.430   -3.783  13.815  1.00 17.46 ? 66   PRO A O   1 
ATOM   502  C  CB  . PRO A 1 86  ? -0.077  -3.506  15.866  1.00 15.23 ? 66   PRO A CB  1 
ATOM   503  C  CG  . PRO A 1 86  ? -0.788  -3.465  14.562  1.00 13.29 ? 66   PRO A CG  1 
ATOM   504  C  CD  . PRO A 1 86  ? -0.592  -2.066  14.102  1.00 15.17 ? 66   PRO A CD  1 
ATOM   505  N  N   . ALA A 1 87  ? 2.857   -4.462  15.924  1.00 18.77 ? 67   ALA A N   1 
ATOM   506  C  CA  . ALA A 1 87  ? 3.739   -5.526  15.491  1.00 18.15 ? 67   ALA A CA  1 
ATOM   507  C  C   . ALA A 1 87  ? 2.916   -6.664  14.900  1.00 18.22 ? 67   ALA A C   1 
ATOM   508  O  O   . ALA A 1 87  ? 1.708   -6.791  15.165  1.00 20.19 ? 67   ALA A O   1 
ATOM   509  C  CB  . ALA A 1 87  ? 4.573   -6.024  16.690  1.00 21.45 ? 67   ALA A CB  1 
ATOM   510  N  N   . GLY A 1 88  ? 3.580   -7.479  14.104  1.00 18.24 ? 68   GLY A N   1 
ATOM   511  C  CA  . GLY A 1 88  ? 3.009   -8.738  13.629  1.00 17.18 ? 68   GLY A CA  1 
ATOM   512  C  C   . GLY A 1 88  ? 2.259   -8.705  12.306  1.00 18.21 ? 68   GLY A C   1 
ATOM   513  O  O   . GLY A 1 88  ? 1.614   -9.689  11.944  1.00 20.25 ? 68   GLY A O   1 
ATOM   514  N  N   . LEU A 1 89  ? 2.329   -7.578  11.610  1.00 14.34 ? 69   LEU A N   1 
ATOM   515  C  CA  . LEU A 1 89  ? 1.626   -7.449  10.330  1.00 13.52 ? 69   LEU A CA  1 
ATOM   516  C  C   . LEU A 1 89  ? 2.519   -7.812  9.151   1.00 14.28 ? 69   LEU A C   1 
ATOM   517  O  O   . LEU A 1 89  ? 3.682   -7.395  9.080   1.00 16.08 ? 69   LEU A O   1 
ATOM   518  C  CB  . LEU A 1 89  ? 1.102   -6.038  10.126  1.00 15.69 ? 69   LEU A CB  1 
ATOM   519  C  CG  . LEU A 1 89  ? 0.185   -5.391  11.159  1.00 12.73 ? 69   LEU A CG  1 
ATOM   520  C  CD1 . LEU A 1 89  ? -0.348  -4.072  10.579  1.00 11.82 ? 69   LEU A CD1 1 
ATOM   521  C  CD2 . LEU A 1 89  ? -0.952  -6.321  11.557  1.00 16.09 ? 69   LEU A CD2 1 
ATOM   522  N  N   . LEU A 1 90  ? 1.946   -8.511  8.180   1.00 15.63 ? 70   LEU A N   1 
ATOM   523  C  CA  . LEU A 1 90  ? 2.677   -8.898  6.977   1.00 14.46 ? 70   LEU A CA  1 
ATOM   524  C  C   . LEU A 1 90  ? 2.345   -8.003  5.797   1.00 12.71 ? 70   LEU A C   1 
ATOM   525  O  O   . LEU A 1 90  ? 1.165   -7.699  5.567   1.00 14.14 ? 70   LEU A O   1 
ATOM   526  C  CB  . LEU A 1 90  ? 2.360   -10.352 6.607   1.00 17.12 ? 70   LEU A CB  1 
ATOM   527  C  CG  . LEU A 1 90  ? 2.683   -11.436 7.637   1.00 16.19 ? 70   LEU A CG  1 
ATOM   528  C  CD1 . LEU A 1 90  ? 2.442   -12.791 7.013   1.00 17.14 ? 70   LEU A CD1 1 
ATOM   529  C  CD2 . LEU A 1 90  ? 4.096   -11.295 8.177   1.00 14.68 ? 70   LEU A CD2 1 
ATOM   530  N  N   . TRP A 1 91  ? 3.367   -7.578  5.046   1.00 13.87 ? 71   TRP A N   1 
ATOM   531  C  CA  . TRP A 1 91  ? 3.147   -6.751  3.846   1.00 13.61 ? 71   TRP A CA  1 
ATOM   532  C  C   . TRP A 1 91  ? 2.263   -7.457  2.822   1.00 14.73 ? 71   TRP A C   1 
ATOM   533  O  O   . TRP A 1 91  ? 1.488   -6.810  2.088   1.00 12.47 ? 71   TRP A O   1 
ATOM   534  C  CB  . TRP A 1 91  ? 4.473   -6.352  3.186   1.00 15.24 ? 71   TRP A CB  1 
ATOM   535  C  CG  . TRP A 1 91  ? 5.427   -5.544  4.046   1.00 14.43 ? 71   TRP A CG  1 
ATOM   536  C  CD1 . TRP A 1 91  ? 6.519   -6.028  4.742   1.00 18.26 ? 71   TRP A CD1 1 
ATOM   537  C  CD2 . TRP A 1 91  ? 5.429   -4.125  4.248   1.00 16.20 ? 71   TRP A CD2 1 
ATOM   538  N  NE1 . TRP A 1 91  ? 7.161   -5.001  5.395   1.00 16.60 ? 71   TRP A NE1 1 
ATOM   539  C  CE2 . TRP A 1 91  ? 6.527   -3.819  5.102   1.00 16.65 ? 71   TRP A CE2 1 
ATOM   540  C  CE3 . TRP A 1 91  ? 4.595   -3.087  3.819   1.00 16.47 ? 71   TRP A CE3 1 
ATOM   541  C  CZ2 . TRP A 1 91  ? 6.812   -2.504  5.528   1.00 18.63 ? 71   TRP A CZ2 1 
ATOM   542  C  CZ3 . TRP A 1 91  ? 4.879   -1.775  4.227   1.00 17.87 ? 71   TRP A CZ3 1 
ATOM   543  C  CH2 . TRP A 1 91  ? 5.980   -1.500  5.083   1.00 17.93 ? 71   TRP A CH2 1 
ATOM   544  N  N   . THR A 1 92  ? 2.375   -8.776  2.765   1.00 13.08 ? 72   THR A N   1 
ATOM   545  C  CA  . THR A 1 92  ? 1.631   -9.534  1.764   1.00 13.91 ? 72   THR A CA  1 
ATOM   546  C  C   . THR A 1 92  ? 0.165   -9.800  2.183   1.00 13.02 ? 72   THR A C   1 
ATOM   547  O  O   . THR A 1 92  ? -0.617  -10.447 1.452   1.00 18.20 ? 72   THR A O   1 
ATOM   548  C  CB  . THR A 1 92  ? 2.369   -10.841 1.446   1.00 16.80 ? 72   THR A CB  1 
ATOM   549  O  OG1 . THR A 1 92  ? 2.802   -11.437 2.669   1.00 18.46 ? 72   THR A OG1 1 
ATOM   550  C  CG2 . THR A 1 92  ? 3.567   -10.547 0.592   1.00 19.71 ? 72   THR A CG2 1 
ATOM   551  N  N   . ASP A 1 93  ? -0.193  -9.323  3.380   1.00 11.22 ? 73   ASP A N   1 
ATOM   552  C  CA  . ASP A 1 93  ? -1.556  -9.393  3.891   1.00 11.73 ? 73   ASP A CA  1 
ATOM   553  C  C   . ASP A 1 93  ? -2.334  -8.085  3.593   1.00 10.49 ? 73   ASP A C   1 
ATOM   554  O  O   . ASP A 1 93  ? -3.451  -7.920  4.047   1.00 11.49 ? 73   ASP A O   1 
ATOM   555  C  CB  . ASP A 1 93  ? -1.521  -9.695  5.400   1.00 13.91 ? 73   ASP A CB  1 
ATOM   556  C  CG  . ASP A 1 93  ? -1.230  -11.159 5.684   1.00 13.51 ? 73   ASP A CG  1 
ATOM   557  O  OD1 . ASP A 1 93  ? -1.333  -11.956 4.722   1.00 17.61 ? 73   ASP A OD1 1 
ATOM   558  O  OD2 . ASP A 1 93  ? -0.990  -11.512 6.855   1.00 13.58 ? 73   ASP A OD2 1 
ATOM   559  N  N   . ALA A 1 94  ? -1.688  -7.168  2.870   1.00 11.02 ? 74   ALA A N   1 
ATOM   560  C  CA  . ALA A 1 94  ? -2.386  -6.001  2.269   1.00 9.92  ? 74   ALA A CA  1 
ATOM   561  C  C   . ALA A 1 94  ? -2.135  -6.040  0.808   1.00 12.03 ? 74   ALA A C   1 
ATOM   562  O  O   . ALA A 1 94  ? -0.987  -6.241  0.375   1.00 14.90 ? 74   ALA A O   1 
ATOM   563  C  CB  . ALA A 1 94  ? -1.848  -4.711  2.809   1.00 11.09 ? 74   ALA A CB  1 
ATOM   564  N  N   . GLU A 1 95  ? -3.190  -5.854  0.021   1.00 11.45 ? 75   GLU A N   1 
ATOM   565  C  CA  . GLU A 1 95  ? -3.057  -5.919  -1.407  1.00 12.56 ? 75   GLU A CA  1 
ATOM   566  C  C   . GLU A 1 95  ? -3.721  -4.695  -2.035  1.00 11.37 ? 75   GLU A C   1 
ATOM   567  O  O   . GLU A 1 95  ? -4.872  -4.423  -1.759  1.00 14.23 ? 75   GLU A O   1 
ATOM   568  C  CB  . GLU A 1 95  ? -3.709  -7.182  -1.926  1.00 12.09 ? 75   GLU A CB  1 
ATOM   569  C  CG  . GLU A 1 95  ? -3.660  -7.278  -3.453  1.00 14.93 ? 75   GLU A CG  1 
ATOM   570  C  CD  . GLU A 1 95  ? -4.483  -8.410  -4.010  1.00 19.75 ? 75   GLU A CD  1 
ATOM   571  O  OE1 . GLU A 1 95  ? -5.302  -9.029  -3.288  1.00 19.50 ? 75   GLU A OE1 1 
ATOM   572  O  OE2 . GLU A 1 95  ? -4.340  -8.656  -5.223  1.00 24.50 ? 75   GLU A OE2 1 
ATOM   573  N  N   . VAL A 1 96  ? -2.975  -4.010  -2.869  1.00 11.73 ? 76   VAL A N   1 
ATOM   574  C  CA  . VAL A 1 96  ? -3.530  -2.961  -3.719  1.00 13.62 ? 76   VAL A CA  1 
ATOM   575  C  C   . VAL A 1 96  ? -3.948  -3.603  -5.032  1.00 15.16 ? 76   VAL A C   1 
ATOM   576  O  O   . VAL A 1 96  ? -3.105  -4.172  -5.738  1.00 15.03 ? 76   VAL A O   1 
ATOM   577  C  CB  . VAL A 1 96  ? -2.512  -1.828  -3.971  1.00 13.25 ? 76   VAL A CB  1 
ATOM   578  C  CG1 . VAL A 1 96  ? -3.138  -0.743  -4.863  1.00 16.28 ? 76   VAL A CG1 1 
ATOM   579  C  CG2 . VAL A 1 96  ? -1.982  -1.233  -2.652  1.00 12.34 ? 76   VAL A CG2 1 
ATOM   580  N  N   . TRP A 1 97  ? -5.243  -3.549  -5.356  1.00 12.76 ? 77   TRP A N   1 
ATOM   581  C  CA  . TRP A 1 97  ? -5.712  -4.053  -6.645  1.00 14.43 ? 77   TRP A CA  1 
ATOM   582  C  C   . TRP A 1 97  ? -6.325  -2.879  -7.413  1.00 17.19 ? 77   TRP A C   1 
ATOM   583  O  O   . TRP A 1 97  ? -6.395  -1.751  -6.896  1.00 14.50 ? 77   TRP A O   1 
ATOM   584  C  CB  . TRP A 1 97  ? -6.655  -5.262  -6.490  1.00 15.18 ? 77   TRP A CB  1 
ATOM   585  C  CG  . TRP A 1 97  ? -7.924  -5.045  -5.670  1.00 16.11 ? 77   TRP A CG  1 
ATOM   586  C  CD1 . TRP A 1 97  ? -8.031  -5.025  -4.307  1.00 14.31 ? 77   TRP A CD1 1 
ATOM   587  C  CD2 . TRP A 1 97  ? -9.250  -4.829  -6.167  1.00 16.96 ? 77   TRP A CD2 1 
ATOM   588  N  NE1 . TRP A 1 97  ? -9.322  -4.836  -3.925  1.00 14.90 ? 77   TRP A NE1 1 
ATOM   589  C  CE2 . TRP A 1 97  ? -10.098 -4.697  -5.042  1.00 15.24 ? 77   TRP A CE2 1 
ATOM   590  C  CE3 . TRP A 1 97  ? -9.800  -4.723  -7.442  1.00 14.99 ? 77   TRP A CE3 1 
ATOM   591  C  CZ2 . TRP A 1 97  ? -11.487 -4.458  -5.159  1.00 16.69 ? 77   TRP A CZ2 1 
ATOM   592  C  CZ3 . TRP A 1 97  ? -11.193 -4.507  -7.554  1.00 16.75 ? 77   TRP A CZ3 1 
ATOM   593  C  CH2 . TRP A 1 97  ? -11.999 -4.368  -6.423  1.00 15.52 ? 77   TRP A CH2 1 
ATOM   594  N  N   . VAL A 1 98  ? -6.761  -3.131  -8.642  1.00 18.91 ? 78   VAL A N   1 
ATOM   595  C  CA  . VAL A 1 98  ? -7.129  -2.027  -9.533  1.00 19.74 ? 78   VAL A CA  1 
ATOM   596  C  C   . VAL A 1 98  ? -8.393  -2.406  -10.258 1.00 23.58 ? 78   VAL A C   1 
ATOM   597  O  O   . VAL A 1 98  ? -8.462  -3.466  -10.903 1.00 23.93 ? 78   VAL A O   1 
ATOM   598  C  CB  . VAL A 1 98  ? -5.980  -1.709  -10.528 1.00 20.62 ? 78   VAL A CB  1 
ATOM   599  C  CG1 . VAL A 1 98  ? -6.392  -0.670  -11.570 1.00 22.25 ? 78   VAL A CG1 1 
ATOM   600  C  CG2 . VAL A 1 98  ? -4.735  -1.201  -9.797  1.00 23.46 ? 78   VAL A CG2 1 
ATOM   601  N  N   . GLU A 1 99  ? -9.400  -1.552  -10.127 1.00 21.30 ? 79   GLU A N   1 
ATOM   602  C  CA  . GLU A 1 99  ? -10.678 -1.720  -10.822 1.00 22.72 ? 79   GLU A CA  1 
ATOM   603  C  C   . GLU A 1 99  ? -10.518 -1.580  -12.327 1.00 23.28 ? 79   GLU A C   1 
ATOM   604  O  O   . GLU A 1 99  ? -9.565  -0.987  -12.787 1.00 23.59 ? 79   GLU A O   1 
ATOM   605  C  CB  . GLU A 1 99  ? -11.679 -0.690  -10.319 1.00 22.44 ? 79   GLU A CB  1 
ATOM   606  C  CG  . GLU A 1 99  ? -12.196 -0.965  -8.920  1.00 24.51 ? 79   GLU A CG  1 
ATOM   607  C  CD  . GLU A 1 99  ? -13.270 0.017   -8.494  1.00 25.02 ? 79   GLU A CD  1 
ATOM   608  O  OE1 . GLU A 1 99  ? -13.634 0.888   -9.316  1.00 27.51 ? 79   GLU A OE1 1 
ATOM   609  O  OE2 . GLU A 1 99  ? -13.749 -0.084  -7.345  1.00 22.85 ? 79   GLU A OE2 1 
ATOM   610  N  N   . ALA A 1 100 ? -11.465 -2.136  -13.080 1.00 27.41 ? 80   ALA A N   1 
ATOM   611  C  CA  . ALA A 1 100 ? -11.466 -1.999  -14.531 1.00 27.83 ? 80   ALA A CA  1 
ATOM   612  C  C   . ALA A 1 100 ? -11.377 -0.521  -14.904 1.00 28.62 ? 80   ALA A C   1 
ATOM   613  O  O   . ALA A 1 100 ? -10.654 -0.147  -15.834 1.00 31.84 ? 80   ALA A O   1 
ATOM   614  C  CB  . ALA A 1 100 ? -12.712 -2.631  -15.114 1.00 28.57 ? 80   ALA A CB  1 
ATOM   615  N  N   . GLY A 1 101 ? -12.078 0.315   -14.139 1.00 25.48 ? 81   GLY A N   1 
ATOM   616  C  CA  . GLY A 1 101 ? -12.043 1.759   -14.335 1.00 25.78 ? 81   GLY A CA  1 
ATOM   617  C  C   . GLY A 1 101 ? -10.751 2.461   -13.933 1.00 26.94 ? 81   GLY A C   1 
ATOM   618  O  O   . GLY A 1 101 ? -10.575 3.639   -14.242 1.00 24.89 ? 81   GLY A O   1 
ATOM   619  N  N   . GLY A 1 102 ? -9.860  1.747   -13.237 1.00 24.80 ? 82   GLY A N   1 
ATOM   620  C  CA  . GLY A 1 102 ? -8.532  2.263   -12.899 1.00 21.28 ? 82   GLY A CA  1 
ATOM   621  C  C   . GLY A 1 102 ? -8.339  2.643   -11.442 1.00 17.15 ? 82   GLY A C   1 
ATOM   622  O  O   . GLY A 1 102 ? -7.206  2.899   -11.014 1.00 20.37 ? 82   GLY A O   1 
ATOM   623  N  N   . ARG A 1 103 ? -9.444  2.695   -10.701 1.00 21.21 ? 83   ARG A N   1 
ATOM   624  C  CA  . ARG A 1 103 ? -9.386  3.055   -9.294  1.00 20.14 ? 83   ARG A CA  1 
ATOM   625  C  C   . ARG A 1 103 ? -8.523  2.046   -8.516  1.00 19.95 ? 83   ARG A C   1 
ATOM   626  O  O   . ARG A 1 103 ? -8.742  0.843   -8.620  1.00 20.69 ? 83   ARG A O   1 
ATOM   627  C  CB  . ARG A 1 103 ? -10.783 3.151   -8.663  1.00 23.60 ? 83   ARG A CB  1 
ATOM   628  C  CG  . ARG A 1 103 ? -10.777 3.973   -7.416  1.00 27.97 ? 83   ARG A CG  1 
ATOM   629  C  CD  . ARG A 1 103 ? -11.949 3.663   -6.494  1.00 33.06 ? 83   ARG A CD  1 
ATOM   630  N  NE  . ARG A 1 103 ? -13.204 4.218   -6.976  1.00 35.14 ? 83   ARG A NE  1 
ATOM   631  C  CZ  . ARG A 1 103 ? -13.735 5.352   -6.535  1.00 28.78 ? 83   ARG A CZ  1 
ATOM   632  N  NH1 . ARG A 1 103 ? -13.123 6.068   -5.585  1.00 25.30 ? 83   ARG A NH1 1 
ATOM   633  N  NH2 . ARG A 1 103 ? -14.891 5.763   -7.039  1.00 34.33 ? 83   ARG A NH2 1 
ATOM   634  N  N   . PRO A 1 104 ? -7.553  2.547   -7.723  1.00 16.65 ? 84   PRO A N   1 
ATOM   635  C  CA  . PRO A 1 104 ? -6.880  1.648   -6.788  1.00 16.63 ? 84   PRO A CA  1 
ATOM   636  C  C   . PRO A 1 104 ? -7.747  1.292   -5.590  1.00 13.56 ? 84   PRO A C   1 
ATOM   637  O  O   . PRO A 1 104 ? -8.548  2.103   -5.094  1.00 12.93 ? 84   PRO A O   1 
ATOM   638  C  CB  . PRO A 1 104 ? -5.668  2.451   -6.343  1.00 15.50 ? 84   PRO A CB  1 
ATOM   639  C  CG  . PRO A 1 104 ? -6.194  3.861   -6.357  1.00 13.94 ? 84   PRO A CG  1 
ATOM   640  C  CD  . PRO A 1 104 ? -7.024  3.918   -7.631  1.00 17.50 ? 84   PRO A CD  1 
ATOM   641  N  N   . ARG A 1 105 ? -7.585  0.051   -5.127  1.00 13.60 ? 85   ARG A N   1 
ATOM   642  C  CA  . ARG A 1 105 ? -8.394  -0.469  -4.032  1.00 12.58 ? 85   ARG A CA  1 
ATOM   643  C  C   . ARG A 1 105 ? -7.520  -1.240  -3.058  1.00 10.80 ? 85   ARG A C   1 
ATOM   644  O  O   . ARG A 1 105 ? -6.515  -1.794  -3.455  1.00 11.98 ? 85   ARG A O   1 
ATOM   645  C  CB  . ARG A 1 105 ? -9.468  -1.426  -4.584  1.00 14.26 ? 85   ARG A CB  1 
ATOM   646  C  CG  . ARG A 1 105 ? -10.525 -0.731  -5.499  1.00 14.37 ? 85   ARG A CG  1 
ATOM   647  C  CD  . ARG A 1 105 ? -11.479 0.170   -4.693  1.00 17.90 ? 85   ARG A CD  1 
ATOM   648  N  NE  . ARG A 1 105 ? -12.056 -0.590  -3.596  1.00 19.12 ? 85   ARG A NE  1 
ATOM   649  C  CZ  . ARG A 1 105 ? -13.059 -1.465  -3.721  1.00 16.78 ? 85   ARG A CZ  1 
ATOM   650  N  NH1 . ARG A 1 105 ? -13.649 -1.653  -4.897  1.00 17.89 ? 85   ARG A NH1 1 
ATOM   651  N  NH2 . ARG A 1 105 ? -13.467 -2.155  -2.667  1.00 16.81 ? 85   ARG A NH2 1 
ATOM   652  N  N   . LEU A 1 106 ? -7.932  -1.292  -1.798  1.00 11.76 ? 86   LEU A N   1 
ATOM   653  C  CA  . LEU A 1 106 ? -7.294  -2.141  -0.775  1.00 13.69 ? 86   LEU A CA  1 
ATOM   654  C  C   . LEU A 1 106 ? -8.096  -3.382  -0.403  1.00 14.77 ? 86   LEU A C   1 
ATOM   655  O  O   . LEU A 1 106 ? -9.311  -3.330  -0.150  1.00 14.43 ? 86   LEU A O   1 
ATOM   656  C  CB  . LEU A 1 106 ? -7.015  -1.355  0.512   1.00 12.17 ? 86   LEU A CB  1 
ATOM   657  C  CG  . LEU A 1 106 ? -6.096  -0.137  0.374   1.00 13.99 ? 86   LEU A CG  1 
ATOM   658  C  CD1 . LEU A 1 106 ? -6.094  0.718   1.648   1.00 14.24 ? 86   LEU A CD1 1 
ATOM   659  C  CD2 . LEU A 1 106 ? -4.633  -0.528  0.030   1.00 15.33 ? 86   LEU A CD2 1 
ATOM   660  N  N   . ARG A 1 107 ? -7.397  -4.517  -0.368  1.00 12.84 ? 87   ARG A N   1 
ATOM   661  C  CA  . ARG A 1 107 ? -7.968  -5.754  0.141   1.00 13.09 ? 87   ARG A CA  1 
ATOM   662  C  C   . ARG A 1 107 ? -7.063  -6.201  1.273   1.00 10.99 ? 87   ARG A C   1 
ATOM   663  O  O   . ARG A 1 107 ? -5.844  -6.202  1.108   1.00 15.87 ? 87   ARG A O   1 
ATOM   664  C  CB  . ARG A 1 107 ? -7.968  -6.806  -0.976  1.00 15.79 ? 87   ARG A CB  1 
ATOM   665  C  CG  . ARG A 1 107 ? -8.430  -8.169  -0.571  1.00 18.60 ? 87   ARG A CG  1 
ATOM   666  C  CD  . ARG A 1 107 ? -8.388  -9.096  -1.794  1.00 21.58 ? 87   ARG A CD  1 
ATOM   667  N  NE  . ARG A 1 107 ? -9.340  -8.669  -2.814  1.00 25.09 ? 87   ARG A NE  1 
ATOM   668  C  CZ  . ARG A 1 107 ? -9.069  -8.470  -4.104  1.00 24.11 ? 87   ARG A CZ  1 
ATOM   669  N  NH1 . ARG A 1 107 ? -7.854  -8.668  -4.605  1.00 21.36 ? 87   ARG A NH1 1 
ATOM   670  N  NH2 . ARG A 1 107 ? -10.045 -8.081  -4.904  1.00 22.03 ? 87   ARG A NH2 1 
ATOM   671  N  N   . VAL A 1 108 ? -7.626  -6.577  2.414   1.00 11.93 ? 88   VAL A N   1 
ATOM   672  C  CA  . VAL A 1 108 ? -6.784  -7.001  3.536   1.00 13.44 ? 88   VAL A CA  1 
ATOM   673  C  C   . VAL A 1 108 ? -7.104  -8.423  3.951   1.00 14.48 ? 88   VAL A C   1 
ATOM   674  O  O   . VAL A 1 108 ? -8.262  -8.850  3.934   1.00 15.51 ? 88   VAL A O   1 
ATOM   675  C  CB  . VAL A 1 108 ? -6.881  -6.046  4.762   1.00 14.72 ? 88   VAL A CB  1 
ATOM   676  C  CG1 . VAL A 1 108 ? -6.398  -4.632  4.385   1.00 14.22 ? 88   VAL A CG1 1 
ATOM   677  C  CG2 . VAL A 1 108 ? -8.315  -6.008  5.330   1.00 17.82 ? 88   VAL A CG2 1 
ATOM   678  N  N   . THR A 1 109 ? -6.049  -9.168  4.270   1.00 12.64 ? 89   THR A N   1 
ATOM   679  C  CA  . THR A 1 109 ? -6.185  -10.578 4.662   1.00 13.93 ? 89   THR A CA  1 
ATOM   680  C  C   . THR A 1 109 ? -5.393  -10.863 5.908   1.00 14.31 ? 89   THR A C   1 
ATOM   681  O  O   . THR A 1 109 ? -4.711  -9.986  6.409   1.00 13.01 ? 89   THR A O   1 
ATOM   682  C  CB  . THR A 1 109 ? -5.688  -11.535 3.561   1.00 14.01 ? 89   THR A CB  1 
ATOM   683  O  OG1 . THR A 1 109 ? -4.295  -11.277 3.293   1.00 15.04 ? 89   THR A OG1 1 
ATOM   684  C  CG2 . THR A 1 109 ? -6.499  -11.321 2.310   1.00 17.92 ? 89   THR A CG2 1 
ATOM   685  N  N   . GLY A 1 110 ? -5.472  -12.094 6.406   1.00 15.14 ? 90   GLY A N   1 
ATOM   686  C  CA  . GLY A 1 110 ? -4.598  -12.534 7.479   1.00 14.71 ? 90   GLY A CA  1 
ATOM   687  C  C   . GLY A 1 110 ? -4.398  -11.571 8.634   1.00 14.28 ? 90   GLY A C   1 
ATOM   688  O  O   . GLY A 1 110 ? -5.355  -11.140 9.285   1.00 14.21 ? 90   GLY A O   1 
ATOM   689  N  N   . THR A 1 111 ? -3.133  -11.268 8.897   1.00 12.64 ? 91   THR A N   1 
ATOM   690  C  CA  . THR A 1 111 ? -2.714  -10.424 10.025  1.00 13.63 ? 91   THR A CA  1 
ATOM   691  C  C   . THR A 1 111 ? -3.301  -9.019  9.920   1.00 12.78 ? 91   THR A C   1 
ATOM   692  O  O   . THR A 1 111 ? -3.730  -8.442  10.936  1.00 13.92 ? 91   THR A O   1 
ATOM   693  C  CB  . THR A 1 111 ? -1.168  -10.303 10.079  1.00 16.35 ? 91   THR A CB  1 
ATOM   694  O  OG1 . THR A 1 111 ? -0.678  -9.757  8.849   1.00 12.54 ? 91   THR A OG1 1 
ATOM   695  C  CG2 . THR A 1 111 ? -0.488  -11.676 10.265  1.00 16.30 ? 91   THR A CG2 1 
ATOM   696  N  N   . VAL A 1 112 ? -3.326  -8.455  8.706   1.00 12.67 ? 92   VAL A N   1 
ATOM   697  C  CA  . VAL A 1 112 ? -3.845  -7.063  8.546   1.00 11.93 ? 92   VAL A CA  1 
ATOM   698  C  C   . VAL A 1 112 ? -5.363  -7.042  8.723   1.00 12.82 ? 92   VAL A C   1 
ATOM   699  O  O   . VAL A 1 112 ? -5.918  -6.156  9.393   1.00 11.45 ? 92   VAL A O   1 
ATOM   700  C  CB  . VAL A 1 112 ? -3.419  -6.444  7.192   1.00 11.70 ? 92   VAL A CB  1 
ATOM   701  C  CG1 . VAL A 1 112 ? -4.039  -5.054  6.985   1.00 11.73 ? 92   VAL A CG1 1 
ATOM   702  C  CG2 . VAL A 1 112 ? -1.893  -6.339  7.094   1.00 11.28 ? 92   VAL A CG2 1 
ATOM   703  N  N   . ALA A 1 113 ? -6.053  -8.031  8.152   1.00 11.79 ? 93   ALA A N   1 
ATOM   704  C  CA  . ALA A 1 113 ? -7.492  -8.169  8.389   1.00 11.10 ? 93   ALA A CA  1 
ATOM   705  C  C   . ALA A 1 113 ? -7.812  -8.365  9.878   1.00 10.79 ? 93   ALA A C   1 
ATOM   706  O  O   . ALA A 1 113 ? -8.799  -7.862  10.378  1.00 13.46 ? 93   ALA A O   1 
ATOM   707  C  CB  . ALA A 1 113 ? -8.094  -9.323  7.539   1.00 13.31 ? 93   ALA A CB  1 
ATOM   708  N  N   . ALA A 1 114 ? -7.005  -9.159  10.575  1.00 11.24 ? 94   ALA A N   1 
ATOM   709  C  CA  . ALA A 1 114 ? -7.244  -9.414  11.969  1.00 10.55 ? 94   ALA A CA  1 
ATOM   710  C  C   . ALA A 1 114 ? -7.162  -8.143  12.817  1.00 11.36 ? 94   ALA A C   1 
ATOM   711  O  O   . ALA A 1 114 ? -8.002  -7.917  13.695  1.00 11.89 ? 94   ALA A O   1 
ATOM   712  C  CB  . ALA A 1 114 ? -6.230  -10.495 12.478  1.00 12.89 ? 94   ALA A CB  1 
ATOM   713  N  N   . ARG A 1 115 ? -6.149  -7.315  12.533  1.00 11.31 ? 95   ARG A N   1 
ATOM   714  C  CA  . ARG A 1 115 ? -5.963  -6.057  13.242  1.00 10.74 ? 95   ARG A CA  1 
ATOM   715  C  C   . ARG A 1 115 ? -7.121  -5.104  12.916  1.00 12.67 ? 95   ARG A C   1 
ATOM   716  O  O   . ARG A 1 115 ? -7.663  -4.423  13.784  1.00 13.39 ? 95   ARG A O   1 
ATOM   717  C  CB  . ARG A 1 115 ? -4.600  -5.422  12.880  1.00 11.10 ? 95   ARG A CB  1 
ATOM   718  C  CG  . ARG A 1 115 ? -4.452  -3.967  13.403  1.00 9.62  ? 95   ARG A CG  1 
ATOM   719  C  CD  . ARG A 1 115 ? -4.553  -3.902  14.890  1.00 10.11 ? 95   ARG A CD  1 
ATOM   720  N  NE  . ARG A 1 115 ? -4.201  -2.582  15.364  1.00 11.75 ? 95   ARG A NE  1 
ATOM   721  C  CZ  . ARG A 1 115 ? -4.127  -2.239  16.650  1.00 19.74 ? 95   ARG A CZ  1 
ATOM   722  N  NH1 . ARG A 1 115 ? -4.436  -3.115  17.600  1.00 21.54 ? 95   ARG A NH1 1 
ATOM   723  N  NH2 . ARG A 1 115 ? -3.770  -0.992  16.977  1.00 17.92 ? 95   ARG A NH2 1 
ATOM   724  N  N   . ALA A 1 116 ? -7.511  -5.057  11.651  1.00 12.98 ? 96   ALA A N   1 
ATOM   725  C  CA  . ALA A 1 116 ? -8.641  -4.214  11.283  1.00 10.55 ? 96   ALA A CA  1 
ATOM   726  C  C   . ALA A 1 116 ? -9.925  -4.673  11.997  1.00 12.95 ? 96   ALA A C   1 
ATOM   727  O  O   . ALA A 1 116 ? -10.710 -3.840  12.448  1.00 11.92 ? 96   ALA A O   1 
ATOM   728  C  CB  . ALA A 1 116 ? -8.810  -4.209  9.773   1.00 12.19 ? 96   ALA A CB  1 
ATOM   729  N  N   . ALA A 1 117 ? -10.111 -5.985  12.154  1.00 11.94 ? 97   ALA A N   1 
ATOM   730  C  CA  . ALA A 1 117 ? -11.233 -6.487  12.935  1.00 11.01 ? 97   ALA A CA  1 
ATOM   731  C  C   . ALA A 1 117 ? -11.202 -6.100  14.408  1.00 12.19 ? 97   ALA A C   1 
ATOM   732  O  O   . ALA A 1 117 ? -12.242 -5.788  14.977  1.00 11.99 ? 97   ALA A O   1 
ATOM   733  C  CB  . ALA A 1 117 ? -11.388 -7.979  12.761  1.00 11.11 ? 97   ALA A CB  1 
ATOM   734  N  N   . GLU A 1 118 ? -10.022 -6.120  15.033  1.00 13.12 ? 98   GLU A N   1 
ATOM   735  C  CA  A GLU A 1 118 ? -9.858  -5.634  16.422  0.50 14.83 ? 98   GLU A CA  1 
ATOM   736  C  CA  B GLU A 1 118 ? -9.867  -5.656  16.405  0.50 13.14 ? 98   GLU A CA  1 
ATOM   737  C  C   . GLU A 1 118 ? -10.424 -4.228  16.535  1.00 13.83 ? 98   GLU A C   1 
ATOM   738  O  O   . GLU A 1 118 ? -11.056 -3.855  17.553  1.00 17.67 ? 98   GLU A O   1 
ATOM   739  C  CB  A GLU A 1 118 ? -8.383  -5.529  16.836  0.50 15.75 ? 98   GLU A CB  1 
ATOM   740  C  CB  B GLU A 1 118 ? -8.377  -5.695  16.753  0.50 14.25 ? 98   GLU A CB  1 
ATOM   741  C  CG  A GLU A 1 118 ? -7.578  -6.812  16.968  0.50 19.56 ? 98   GLU A CG  1 
ATOM   742  C  CG  B GLU A 1 118 ? -8.017  -5.238  18.131  0.50 12.11 ? 98   GLU A CG  1 
ATOM   743  C  CD  A GLU A 1 118 ? -6.104  -6.534  17.303  0.50 19.50 ? 98   GLU A CD  1 
ATOM   744  C  CD  B GLU A 1 118 ? -6.520  -5.275  18.409  0.50 15.16 ? 98   GLU A CD  1 
ATOM   745  O  OE1 A GLU A 1 118 ? -5.771  -5.396  17.697  0.50 24.65 ? 98   GLU A OE1 1 
ATOM   746  O  OE1 B GLU A 1 118 ? -5.720  -5.691  17.530  0.50 20.51 ? 98   GLU A OE1 1 
ATOM   747  O  OE2 A GLU A 1 118 ? -5.273  -7.457  17.187  0.50 23.03 ? 98   GLU A OE2 1 
ATOM   748  O  OE2 B GLU A 1 118 ? -6.131  -4.879  19.533  0.50 21.81 ? 98   GLU A OE2 1 
ATOM   749  N  N   . LEU A 1 119 ? -10.199 -3.426  15.506  1.00 11.50 ? 99   LEU A N   1 
ATOM   750  C  CA  . LEU A 1 119 ? -10.608 -2.027  15.549  1.00 11.94 ? 99   LEU A CA  1 
ATOM   751  C  C   . LEU A 1 119 ? -11.991 -1.741  14.965  1.00 12.77 ? 99   LEU A C   1 
ATOM   752  O  O   . LEU A 1 119 ? -12.477 -0.594  15.037  1.00 14.69 ? 99   LEU A O   1 
ATOM   753  C  CB  . LEU A 1 119 ? -9.527  -1.135  14.887  1.00 12.79 ? 99   LEU A CB  1 
ATOM   754  C  CG  . LEU A 1 119 ? -8.083  -1.164  15.429  1.00 14.40 ? 99   LEU A CG  1 
ATOM   755  C  CD1 . LEU A 1 119 ? -7.175  -0.225  14.666  1.00 15.06 ? 99   LEU A CD1 1 
ATOM   756  C  CD2 . LEU A 1 119 ? -8.040  -0.781  16.917  1.00 16.87 ? 99   LEU A CD2 1 
ATOM   757  N  N   . GLY A 1 120 ? -12.607 -2.753  14.355  1.00 11.49 ? 100  GLY A N   1 
ATOM   758  C  CA  . GLY A 1 120 ? -13.946 -2.603  13.753  1.00 10.91 ? 100  GLY A CA  1 
ATOM   759  C  C   . GLY A 1 120 ? -13.980 -2.003  12.356  1.00 12.64 ? 100  GLY A C   1 
ATOM   760  O  O   . GLY A 1 120 ? -15.025 -1.504  11.950  1.00 13.68 ? 100  GLY A O   1 
ATOM   761  N  N   . VAL A 1 121 ? -12.881 -2.108  11.595  1.00 11.75 ? 101  VAL A N   1 
ATOM   762  C  CA  . VAL A 1 121 ? -12.849 -1.512  10.229  1.00 12.44 ? 101  VAL A CA  1 
ATOM   763  C  C   . VAL A 1 121 ? -13.685 -2.326  9.232   1.00 13.72 ? 101  VAL A C   1 
ATOM   764  O  O   . VAL A 1 121 ? -13.482 -3.525  9.082   1.00 16.00 ? 101  VAL A O   1 
ATOM   765  C  CB  . VAL A 1 121 ? -11.412 -1.386  9.716   1.00 13.42 ? 101  VAL A CB  1 
ATOM   766  C  CG1 . VAL A 1 121 ? -11.427 -0.762  8.335   1.00 13.27 ? 101  VAL A CG1 1 
ATOM   767  C  CG2 . VAL A 1 121 ? -10.555 -0.525  10.665  1.00 12.24 ? 101  VAL A CG2 1 
ATOM   768  N  N   . ALA A 1 122 ? -14.614 -1.667  8.539   1.00 11.43 ? 102  ALA A N   1 
ATOM   769  C  CA  . ALA A 1 122 ? -15.483 -2.344  7.553   1.00 10.98 ? 102  ALA A CA  1 
ATOM   770  C  C   . ALA A 1 122 ? -15.126 -1.959  6.119   1.00 13.41 ? 102  ALA A C   1 
ATOM   771  O  O   . ALA A 1 122 ? -15.323 -2.753  5.192   1.00 14.75 ? 102  ALA A O   1 
ATOM   772  C  CB  . ALA A 1 122 ? -16.933 -1.994  7.827   1.00 10.96 ? 102  ALA A CB  1 
ATOM   773  N  N   . SER A 1 123 ? -14.557 -0.755  5.952   1.00 11.42 ? 103  SER A N   1 
ATOM   774  C  CA  A SER A 1 123 ? -14.352 -0.153  4.640   0.50 11.09 ? 103  SER A CA  1 
ATOM   775  C  CA  B SER A 1 123 ? -14.379 -0.134  4.650   0.50 11.14 ? 103  SER A CA  1 
ATOM   776  C  C   . SER A 1 123 ? -13.047 0.608   4.558   1.00 12.30 ? 103  SER A C   1 
ATOM   777  O  O   . SER A 1 123 ? -12.661 1.319   5.531   1.00 12.00 ? 103  SER A O   1 
ATOM   778  C  CB  A SER A 1 123 ? -15.484 0.834   4.337   0.50 11.08 ? 103  SER A CB  1 
ATOM   779  C  CB  B SER A 1 123 ? -15.528 0.865   4.434   0.50 10.60 ? 103  SER A CB  1 
ATOM   780  O  OG  A SER A 1 123 ? -16.713 0.163   4.191   0.50 14.10 ? 103  SER A OG  1 
ATOM   781  O  OG  B SER A 1 123 ? -15.470 1.472   3.160   0.50 14.00 ? 103  SER A OG  1 
ATOM   782  N  N   . TRP A 1 124 ? -12.385 0.475   3.395   1.00 10.76 ? 104  TRP A N   1 
ATOM   783  C  CA  . TRP A 1 124 ? -11.084 1.055   3.118   1.00 10.18 ? 104  TRP A CA  1 
ATOM   784  C  C   . TRP A 1 124 ? -11.149 1.996   1.945   1.00 11.58 ? 104  TRP A C   1 
ATOM   785  O  O   . TRP A 1 124 ? -11.771 1.679   0.929   1.00 11.39 ? 104  TRP A O   1 
ATOM   786  C  CB  . TRP A 1 124 ? -10.081 -0.057  2.791   1.00 9.44  ? 104  TRP A CB  1 
ATOM   787  C  CG  . TRP A 1 124 ? -9.741  -0.874  3.977   1.00 10.53 ? 104  TRP A CG  1 
ATOM   788  C  CD1 . TRP A 1 124 ? -10.313 -2.088  4.360   1.00 12.60 ? 104  TRP A CD1 1 
ATOM   789  C  CD2 . TRP A 1 124 ? -8.795  -0.540  5.010   1.00 9.13  ? 104  TRP A CD2 1 
ATOM   790  N  NE1 . TRP A 1 124 ? -9.758  -2.499  5.546   1.00 12.61 ? 104  TRP A NE1 1 
ATOM   791  C  CE2 . TRP A 1 124 ? -8.839  -1.569  5.970   1.00 11.06 ? 104  TRP A CE2 1 
ATOM   792  C  CE3 . TRP A 1 124 ? -7.936  0.551   5.225   1.00 10.86 ? 104  TRP A CE3 1 
ATOM   793  C  CZ2 . TRP A 1 124 ? -8.013  -1.559  7.114   1.00 13.37 ? 104  TRP A CZ2 1 
ATOM   794  C  CZ3 . TRP A 1 124 ? -7.139  0.571   6.355   1.00 11.18 ? 104  TRP A CZ3 1 
ATOM   795  C  CH2 . TRP A 1 124 ? -7.176  -0.493  7.276   1.00 13.92 ? 104  TRP A CH2 1 
ATOM   796  N  N   . HIS A 1 125 ? -10.451 3.127   2.069   1.00 9.83  ? 105  HIS A N   1 
ATOM   797  C  CA  . HIS A 1 125 ? -10.370 4.070   0.971   1.00 10.87 ? 105  HIS A CA  1 
ATOM   798  C  C   . HIS A 1 125 ? -8.941  4.502   0.774   1.00 11.66 ? 105  HIS A C   1 
ATOM   799  O  O   . HIS A 1 125 ? -8.281  4.829   1.763   1.00 11.27 ? 105  HIS A O   1 
ATOM   800  C  CB  . HIS A 1 125 ? -11.211 5.295   1.256   1.00 10.89 ? 105  HIS A CB  1 
ATOM   801  C  CG  . HIS A 1 125 ? -12.615 4.968   1.617   1.00 16.21 ? 105  HIS A CG  1 
ATOM   802  N  ND1 . HIS A 1 125 ? -13.586 4.775   0.661   1.00 16.06 ? 105  HIS A ND1 1 
ATOM   803  C  CD2 . HIS A 1 125 ? -13.203 4.750   2.817   1.00 16.47 ? 105  HIS A CD2 1 
ATOM   804  C  CE1 . HIS A 1 125 ? -14.723 4.487   1.262   1.00 16.12 ? 105  HIS A CE1 1 
ATOM   805  N  NE2 . HIS A 1 125 ? -14.522 4.461   2.565   1.00 17.04 ? 105  HIS A NE2 1 
ATOM   806  N  N   . VAL A 1 126 ? -8.490  4.498   -0.483  1.00 11.48 ? 106  VAL A N   1 
ATOM   807  C  CA  . VAL A 1 126 ? -7.092  4.828   -0.799  1.00 10.81 ? 106  VAL A CA  1 
ATOM   808  C  C   . VAL A 1 126 ? -7.066  5.723   -2.007  1.00 10.89 ? 106  VAL A C   1 
ATOM   809  O  O   . VAL A 1 126 ? -7.951  5.640   -2.858  1.00 10.76 ? 106  VAL A O   1 
ATOM   810  C  CB  . VAL A 1 126 ? -6.243  3.536   -1.027  1.00 10.58 ? 106  VAL A CB  1 
ATOM   811  C  CG1 . VAL A 1 126 ? -6.824  2.629   -2.150  1.00 13.10 ? 106  VAL A CG1 1 
ATOM   812  C  CG2 . VAL A 1 126 ? -4.770  3.856   -1.300  1.00 13.75 ? 106  VAL A CG2 1 
ATOM   813  N  N   . SER A 1 127 ? -6.070  6.599   -2.045  1.00 9.06  ? 107  SER A N   1 
ATOM   814  C  CA  . SER A 1 127 ? -5.702  7.287   -3.285  1.00 9.04  ? 107  SER A CA  1 
ATOM   815  C  C   . SER A 1 127 ? -4.214  7.404   -3.363  1.00 9.84  ? 107  SER A C   1 
ATOM   816  O  O   . SER A 1 127 ? -3.556  7.502   -2.337  1.00 10.55 ? 107  SER A O   1 
ATOM   817  C  CB  . SER A 1 127 ? -6.349  8.678   -3.347  1.00 9.99  ? 107  SER A CB  1 
ATOM   818  O  OG  . SER A 1 127 ? -6.035  9.335   -4.588  1.00 9.13  ? 107  SER A OG  1 
ATOM   819  N  N   . LEU A 1 128 ? -3.694  7.408   -4.596  1.00 11.84 ? 108  LEU A N   1 
ATOM   820  C  CA  . LEU A 1 128 ? -2.251  7.476   -4.878  1.00 10.58 ? 108  LEU A CA  1 
ATOM   821  C  C   . LEU A 1 128 ? -1.872  8.633   -5.804  1.00 12.01 ? 108  LEU A C   1 
ATOM   822  O  O   . LEU A 1 128 ? -2.646  9.013   -6.681  1.00 12.14 ? 108  LEU A O   1 
ATOM   823  C  CB  . LEU A 1 128 ? -1.796  6.163   -5.527  1.00 13.98 ? 108  LEU A CB  1 
ATOM   824  C  CG  . LEU A 1 128 ? -2.148  4.847   -4.839  1.00 11.92 ? 108  LEU A CG  1 
ATOM   825  C  CD1 . LEU A 1 128 ? -1.549  3.653   -5.662  1.00 12.04 ? 108  LEU A CD1 1 
ATOM   826  C  CD2 . LEU A 1 128 ? -1.616  4.803   -3.388  1.00 14.04 ? 108  LEU A CD2 1 
ATOM   827  N  N   . SER A 1 129 ? -0.655  9.147   -5.647  1.00 13.64 ? 109  SER A N   1 
ATOM   828  C  CA  . SER A 1 129 ? -0.097  10.134  -6.573  1.00 13.85 ? 109  SER A CA  1 
ATOM   829  C  C   . SER A 1 129 ? 1.408   9.889   -6.668  1.00 16.99 ? 109  SER A C   1 
ATOM   830  O  O   . SER A 1 129 ? 2.060   9.588   -5.662  1.00 16.85 ? 109  SER A O   1 
ATOM   831  C  CB  . SER A 1 129 ? -0.384  11.569  -6.100  1.00 14.83 ? 109  SER A CB  1 
ATOM   832  O  OG  . SER A 1 129 ? 0.000   12.560  -7.040  1.00 19.57 ? 109  SER A OG  1 
ATOM   833  N  N   . HIS A 1 130 ? 1.965   9.985   -7.873  1.00 19.16 ? 110  HIS A N   1 
ATOM   834  C  CA  . HIS A 1 130 ? 3.427   9.895   -7.996  1.00 20.36 ? 110  HIS A CA  1 
ATOM   835  C  C   . HIS A 1 130 ? 3.947   10.673  -9.184  1.00 26.02 ? 110  HIS A C   1 
ATOM   836  O  O   . HIS A 1 130 ? 3.393   10.607  -10.266 1.00 27.12 ? 110  HIS A O   1 
ATOM   837  C  CB  . HIS A 1 130 ? 3.965   8.450   -7.986  1.00 20.02 ? 110  HIS A CB  1 
ATOM   838  C  CG  . HIS A 1 130 ? 3.323   7.522   -8.968  1.00 22.58 ? 110  HIS A CG  1 
ATOM   839  N  ND1 . HIS A 1 130 ? 3.771   7.379   -10.267 1.00 19.33 ? 110  HIS A ND1 1 
ATOM   840  C  CD2 . HIS A 1 130 ? 2.305   6.642   -8.827  1.00 22.47 ? 110  HIS A CD2 1 
ATOM   841  C  CE1 . HIS A 1 130 ? 3.037   6.469   -10.884 1.00 20.01 ? 110  HIS A CE1 1 
ATOM   842  N  NE2 . HIS A 1 130 ? 2.142   6.004   -10.029 1.00 18.73 ? 110  HIS A NE2 1 
ATOM   843  N  N   A ASP A 1 131 ? 4.894   11.559  -8.874  0.60 30.70 ? 111  ASP A N   1 
ATOM   844  N  N   B ASP A 1 131 ? 5.129   11.250  -9.005  0.40 26.36 ? 111  ASP A N   1 
ATOM   845  C  CA  A ASP A 1 131 ? 5.228   12.745  -9.668  0.60 33.61 ? 111  ASP A CA  1 
ATOM   846  C  CA  B ASP A 1 131 ? 6.002   11.568  -10.130 0.40 26.27 ? 111  ASP A CA  1 
ATOM   847  C  C   A ASP A 1 131 ? 6.262   13.522  -8.860  0.60 33.94 ? 111  ASP A C   1 
ATOM   848  C  C   B ASP A 1 131 ? 7.261   10.697  -10.067 0.40 27.22 ? 111  ASP A C   1 
ATOM   849  O  O   A ASP A 1 131 ? 6.227   13.503  -7.625  0.60 33.21 ? 111  ASP A O   1 
ATOM   850  O  O   B ASP A 1 131 ? 7.448   9.915   -9.134  0.40 26.35 ? 111  ASP A O   1 
ATOM   851  C  CB  A ASP A 1 131 ? 3.986   13.629  -9.857  0.60 35.44 ? 111  ASP A CB  1 
ATOM   852  C  CB  B ASP A 1 131 ? 6.361   13.052  -10.145 0.40 24.97 ? 111  ASP A CB  1 
ATOM   853  C  CG  A ASP A 1 131 ? 4.199   14.771  -10.838 0.60 38.02 ? 111  ASP A CG  1 
ATOM   854  C  CG  B ASP A 1 131 ? 6.908   13.528  -8.821  0.40 24.90 ? 111  ASP A CG  1 
ATOM   855  O  OD1 A ASP A 1 131 ? 5.296   14.888  -11.421 0.60 41.91 ? 111  ASP A OD1 1 
ATOM   856  O  OD1 B ASP A 1 131 ? 8.008   13.081  -8.447  0.40 18.39 ? 111  ASP A OD1 1 
ATOM   857  O  OD2 A ASP A 1 131 ? 3.249   15.557  -11.033 0.60 39.84 ? 111  ASP A OD2 1 
ATOM   858  O  OD2 B ASP A 1 131 ? 6.236   14.343  -8.154  0.40 26.07 ? 111  ASP A OD2 1 
ATOM   859  N  N   A ALA A 1 132 ? 7.166   14.209  -9.558  0.60 34.01 ? 112  ALA A N   1 
ATOM   860  N  N   B ALA A 1 132 ? 8.126   10.825  -11.063 0.40 27.66 ? 112  ALA A N   1 
ATOM   861  C  CA  A ALA A 1 132 ? 8.222   15.018  -8.931  0.60 34.34 ? 112  ALA A CA  1 
ATOM   862  C  CA  B ALA A 1 132 ? 9.373   10.075  -11.059 0.40 28.06 ? 112  ALA A CA  1 
ATOM   863  C  C   A ALA A 1 132 ? 9.276   14.192  -8.181  0.60 32.83 ? 112  ALA A C   1 
ATOM   864  C  C   B ALA A 1 132 ? 10.095  10.308  -9.737  0.40 27.22 ? 112  ALA A C   1 
ATOM   865  O  O   A ALA A 1 132 ? 10.000  14.731  -7.338  0.60 34.00 ? 112  ALA A O   1 
ATOM   866  O  O   B ALA A 1 132 ? 10.960  9.528   -9.339  0.40 27.60 ? 112  ALA A O   1 
ATOM   867  C  CB  A ALA A 1 132 ? 7.618   16.092  -8.007  0.60 35.22 ? 112  ALA A CB  1 
ATOM   868  C  CB  B ALA A 1 132 ? 10.252  10.501  -12.226 0.40 28.27 ? 112  ALA A CB  1 
ATOM   869  N  N   A GLY A 1 133 ? 9.356   12.894  -8.495  0.60 31.92 ? 113  GLY A N   1 
ATOM   870  N  N   B GLY A 1 133 ? 9.733   11.395  -9.063  0.40 27.01 ? 113  GLY A N   1 
ATOM   871  C  CA  A GLY A 1 133 ? 10.315  11.966  -7.871  0.60 29.34 ? 113  GLY A CA  1 
ATOM   872  C  CA  B GLY A 1 133 ? 10.406  11.787  -7.835  0.40 26.07 ? 113  GLY A CA  1 
ATOM   873  C  C   A GLY A 1 133 ? 9.868   11.429  -6.519  0.60 27.67 ? 113  GLY A C   1 
ATOM   874  C  C   B GLY A 1 133 ? 9.830   11.224  -6.549  0.40 25.61 ? 113  GLY A C   1 
ATOM   875  O  O   A GLY A 1 133 ? 10.671  10.913  -5.733  0.60 26.73 ? 113  GLY A O   1 
ATOM   876  O  O   B GLY A 1 133 ? 10.521  10.503  -5.827  0.40 25.52 ? 113  GLY A O   1 
ATOM   877  N  N   . ILE A 1 134 ? 8.574   11.561  -6.255  1.00 26.59 ? 114  ILE A N   1 
ATOM   878  C  CA  . ILE A 1 134 ? 7.991   11.258  -4.952  1.00 22.71 ? 114  ILE A CA  1 
ATOM   879  C  C   . ILE A 1 134 ? 6.656   10.546  -5.154  1.00 21.61 ? 114  ILE A C   1 
ATOM   880  O  O   . ILE A 1 134 ? 5.908   10.882  -6.079  1.00 22.05 ? 114  ILE A O   1 
ATOM   881  C  CB  . ILE A 1 134 ? 7.764   12.563  -4.110  1.00 24.78 ? 114  ILE A CB  1 
ATOM   882  C  CG1 . ILE A 1 134 ? 9.091   13.235  -3.707  1.00 25.39 ? 114  ILE A CG1 1 
ATOM   883  C  CG2 . ILE A 1 134 ? 6.864   12.300  -2.926  1.00 25.45 ? 114  ILE A CG2 1 
ATOM   884  C  CD1 . ILE A 1 134 ? 9.869   12.539  -2.600  1.00 34.23 ? 114  ILE A CD1 1 
ATOM   885  N  N   . ALA A 1 135 ? 6.380   9.562   -4.292  1.00 18.46 ? 115  ALA A N   1 
ATOM   886  C  CA  . ALA A 1 135 ? 5.102   8.839   -4.276  1.00 18.31 ? 115  ALA A CA  1 
ATOM   887  C  C   . ALA A 1 135 ? 4.355   9.111   -2.971  1.00 16.90 ? 115  ALA A C   1 
ATOM   888  O  O   . ALA A 1 135 ? 4.933   9.013   -1.881  1.00 18.81 ? 115  ALA A O   1 
ATOM   889  C  CB  . ALA A 1 135 ? 5.351   7.355   -4.427  1.00 17.44 ? 115  ALA A CB  1 
ATOM   890  N  N   . SER A 1 136 ? 3.055   9.395   -3.064  1.00 14.46 ? 116  SER A N   1 
ATOM   891  C  CA  A SER A 1 136 ? 2.247   9.725   -1.903  0.50 15.07 ? 116  SER A CA  1 
ATOM   892  C  CA  B SER A 1 136 ? 2.291   9.636   -1.859  0.50 15.50 ? 116  SER A CA  1 
ATOM   893  C  C   . SER A 1 136 ? 0.975   8.893   -1.915  1.00 14.82 ? 116  SER A C   1 
ATOM   894  O  O   . SER A 1 136 ? 0.431   8.621   -3.008  1.00 14.82 ? 116  SER A O   1 
ATOM   895  C  CB  A SER A 1 136 ? 1.870   11.206  -1.949  0.50 14.79 ? 116  SER A CB  1 
ATOM   896  C  CB  B SER A 1 136 ? 2.060   11.129  -1.620  0.50 17.43 ? 116  SER A CB  1 
ATOM   897  O  OG  A SER A 1 136 ? 3.035   12.000  -2.090  0.50 15.90 ? 116  SER A OG  1 
ATOM   898  O  OG  B SER A 1 136 ? 1.345   11.706  -2.686  0.50 18.32 ? 116  SER A OG  1 
ATOM   899  N  N   . ALA A 1 137 ? 0.538   8.498   -0.729  1.00 11.04 ? 117  ALA A N   1 
ATOM   900  C  CA  . ALA A 1 137 ? -0.736  7.783   -0.533  1.00 11.56 ? 117  ALA A CA  1 
ATOM   901  C  C   . ALA A 1 137 ? -1.459  8.355   0.664   1.00 10.31 ? 117  ALA A C   1 
ATOM   902  O  O   . ALA A 1 137 ? -0.841  8.683   1.693   1.00 11.70 ? 117  ALA A O   1 
ATOM   903  C  CB  . ALA A 1 137 ? -0.492  6.281   -0.279  1.00 12.06 ? 117  ALA A CB  1 
ATOM   904  N  N   . VAL A 1 138 ? -2.793  8.353   0.584   1.00 10.15 ? 118  VAL A N   1 
ATOM   905  C  CA  . VAL A 1 138 ? -3.640  8.548   1.748   1.00 10.46 ? 118  VAL A CA  1 
ATOM   906  C  C   . VAL A 1 138 ? -4.574  7.342   1.879   1.00 9.85  ? 118  VAL A C   1 
ATOM   907  O  O   . VAL A 1 138 ? -5.104  6.838   0.861   1.00 11.05 ? 118  VAL A O   1 
ATOM   908  C  CB  . VAL A 1 138 ? -4.407  9.918   1.653   1.00 12.42 ? 118  VAL A CB  1 
ATOM   909  C  CG1 . VAL A 1 138 ? -5.282  10.008  0.380   1.00 14.37 ? 118  VAL A CG1 1 
ATOM   910  C  CG2 . VAL A 1 138 ? -5.243  10.143  2.901   1.00 14.04 ? 118  VAL A CG2 1 
ATOM   911  N  N   . VAL A 1 139 ? -4.753  6.857   3.118   1.00 8.60  ? 119  VAL A N   1 
ATOM   912  C  CA  . VAL A 1 139 ? -5.688  5.776   3.429   1.00 9.82  ? 119  VAL A CA  1 
ATOM   913  C  C   . VAL A 1 139 ? -6.612  6.139   4.548   1.00 9.26  ? 119  VAL A C   1 
ATOM   914  O  O   . VAL A 1 139 ? -6.170  6.702   5.537   1.00 11.49 ? 119  VAL A O   1 
ATOM   915  C  CB  . VAL A 1 139 ? -4.898  4.503   3.806   1.00 8.51  ? 119  VAL A CB  1 
ATOM   916  C  CG1 . VAL A 1 139 ? -5.820  3.418   4.251   1.00 11.59 ? 119  VAL A CG1 1 
ATOM   917  C  CG2 . VAL A 1 139 ? -4.115  4.036   2.586   1.00 8.99  ? 119  VAL A CG2 1 
ATOM   918  N  N   . ILE A 1 140 ? -7.905  5.908   4.362   1.00 8.29  ? 120  ILE A N   1 
ATOM   919  C  CA  . ILE A 1 140 ? -8.880  6.115   5.440   1.00 9.66  ? 120  ILE A CA  1 
ATOM   920  C  C   . ILE A 1 140 ? -9.555  4.779   5.745   1.00 9.87  ? 120  ILE A C   1 
ATOM   921  O  O   . ILE A 1 140 ? -9.954  4.039   4.833   1.00 10.31 ? 120  ILE A O   1 
ATOM   922  C  CB  . ILE A 1 140 ? -9.957  7.149   5.110   1.00 11.06 ? 120  ILE A CB  1 
ATOM   923  C  CG1 . ILE A 1 140 ? -9.332  8.514   4.743   1.00 10.72 ? 120  ILE A CG1 1 
ATOM   924  C  CG2 . ILE A 1 140 ? -10.888 7.352   6.315   1.00 10.24 ? 120  ILE A CG2 1 
ATOM   925  C  CD1 . ILE A 1 140 ? -10.372 9.489   4.155   1.00 13.27 ? 120  ILE A CD1 1 
ATOM   926  N  N   . ALA A 1 141 ? -9.634  4.467   7.038   1.00 9.93  ? 121  ALA A N   1 
ATOM   927  C  CA  . ALA A 1 141 ? -10.275 3.232   7.560   1.00 11.73 ? 121  ALA A CA  1 
ATOM   928  C  C   . ALA A 1 141 ? -11.570 3.692   8.239   1.00 9.78  ? 121  ALA A C   1 
ATOM   929  O  O   . ALA A 1 141 ? -11.500 4.589   9.059   1.00 10.58 ? 121  ALA A O   1 
ATOM   930  C  CB  . ALA A 1 141 ? -9.386  2.599   8.570   1.00 11.87 ? 121  ALA A CB  1 
ATOM   931  N  N   . GLU A 1 142 ? -12.716 3.109   7.851   1.00 10.60 ? 122  GLU A N   1 
ATOM   932  C  CA  . GLU A 1 142 ? -14.055 3.472   8.319   1.00 13.14 ? 122  GLU A CA  1 
ATOM   933  C  C   . GLU A 1 142 ? -14.782 2.205   8.835   1.00 13.36 ? 122  GLU A C   1 
ATOM   934  O  O   . GLU A 1 142 ? -14.545 1.111   8.351   1.00 11.30 ? 122  GLU A O   1 
ATOM   935  C  CB  . GLU A 1 142 ? -14.746 4.113   7.092   1.00 16.22 ? 122  GLU A CB  1 
ATOM   936  C  CG  . GLU A 1 142 ? -16.227 4.322   7.068   1.00 21.49 ? 122  GLU A CG  1 
ATOM   937  C  CD  . GLU A 1 142 ? -16.676 4.872   5.684   1.00 17.61 ? 122  GLU A CD  1 
ATOM   938  O  OE1 . GLU A 1 142 ? -17.268 5.954   5.684   1.00 27.78 ? 122  GLU A OE1 1 
ATOM   939  O  OE2 . GLU A 1 142 ? -16.446 4.236   4.608   1.00 17.11 ? 122  GLU A OE2 1 
ATOM   940  N  N   . GLY A 1 143 ? -15.620 2.349   9.845   1.00 11.72 ? 123  GLY A N   1 
ATOM   941  C  CA  . GLY A 1 143 ? -16.412 1.200   10.295  1.00 13.51 ? 123  GLY A CA  1 
ATOM   942  C  C   . GLY A 1 143 ? -17.375 1.514   11.414  1.00 16.42 ? 123  GLY A C   1 
ATOM   943  O  O   . GLY A 1 143 ? -17.346 2.600   11.998  1.00 15.34 ? 123  GLY A O   1 
ATOM   944  O  OXT . GLY A 1 143 ? -18.214 0.653   11.754  1.00 17.50 ? 123  GLY A OXT 1 
HETATM 945  MG MG  . MG  B 2 .   ? 0.291   14.761  -10.215 1.00 26.90 ? 1124 MG  A MG  1 
HETATM 946  N  N1A A ACO C 3 .   ? -9.781  6.608   -10.225 0.75 14.75 ? 1125 ACO A N1A 1 
HETATM 947  C  C2A A ACO C 3 .   ? -9.014  6.899   -9.163  0.75 12.65 ? 1125 ACO A C2A 1 
HETATM 948  N  N3A A ACO C 3 .   ? -7.676  6.821   -9.160  0.75 12.48 ? 1125 ACO A N3A 1 
HETATM 949  C  C4A A ACO C 3 .   ? -7.041  6.434   -10.292 0.75 12.92 ? 1125 ACO A C4A 1 
HETATM 950  C  C5A A ACO C 3 .   ? -7.807  6.094   -11.496 0.75 15.84 ? 1125 ACO A C5A 1 
HETATM 951  C  C6A A ACO C 3 .   ? -9.262  6.213   -11.406 0.75 13.33 ? 1125 ACO A C6A 1 
HETATM 952  N  N6A A ACO C 3 .   ? -10.035 5.916   -12.474 0.75 15.56 ? 1125 ACO A N6A 1 
HETATM 953  N  N7A A ACO C 3 .   ? -6.924  5.754   -12.459 0.75 13.19 ? 1125 ACO A N7A 1 
HETATM 954  C  C8A A ACO C 3 .   ? -5.688  5.847   -11.901 0.75 12.65 ? 1125 ACO A C8A 1 
HETATM 955  N  N9A A ACO C 3 .   ? -5.762  6.256   -10.613 0.75 15.04 ? 1125 ACO A N9A 1 
HETATM 956  C  C1B A ACO C 3 .   ? -4.677  6.492   -9.629  0.75 14.47 ? 1125 ACO A C1B 1 
HETATM 957  C  C2B A ACO C 3 .   ? -3.685  5.349   -9.668  0.75 12.41 ? 1125 ACO A C2B 1 
HETATM 958  O  O2B A ACO C 3 .   ? -3.421  4.897   -8.329  0.75 14.27 ? 1125 ACO A O2B 1 
HETATM 959  C  C3B A ACO C 3 .   ? -2.465  5.993   -10.275 0.75 14.53 ? 1125 ACO A C3B 1 
HETATM 960  O  O3B A ACO C 3 .   ? -1.214  5.409   -9.912  0.75 14.19 ? 1125 ACO A O3B 1 
HETATM 961  P  P3B A ACO C 3 .   ? -0.825  3.904   -10.391 0.75 16.71 ? 1125 ACO A P3B 1 
HETATM 962  O  O7A A ACO C 3 .   ? -1.103  3.841   -11.883 0.75 18.74 ? 1125 ACO A O7A 1 
HETATM 963  O  O8A A ACO C 3 .   ? 0.626   3.874   -10.031 0.75 14.97 ? 1125 ACO A O8A 1 
HETATM 964  O  O9A A ACO C 3 .   ? -1.734  3.009   -9.592  0.75 15.13 ? 1125 ACO A O9A 1 
HETATM 965  C  C4B A ACO C 3 .   ? -2.588  7.407   -9.770  0.75 14.01 ? 1125 ACO A C4B 1 
HETATM 966  O  O4B A ACO C 3 .   ? -3.970  7.702   -9.903  0.75 13.82 ? 1125 ACO A O4B 1 
HETATM 967  C  C5B A ACO C 3 .   ? -1.829  8.365   -10.648 0.75 17.06 ? 1125 ACO A C5B 1 
HETATM 968  O  O5B A ACO C 3 .   ? -2.065  9.680   -10.147 0.75 15.64 ? 1125 ACO A O5B 1 
HETATM 969  P  P1A A ACO C 3 .   ? -0.956  10.817  -10.343 0.75 14.46 ? 1125 ACO A P1A 1 
HETATM 970  O  O1A A ACO C 3 .   ? 0.399   10.143  -10.282 0.75 15.99 ? 1125 ACO A O1A 1 
HETATM 971  O  O2A A ACO C 3 .   ? -1.265  11.957  -9.423  0.75 15.96 ? 1125 ACO A O2A 1 
HETATM 972  O  O3A A ACO C 3 .   ? -1.156  11.264  -11.886 0.75 15.95 ? 1125 ACO A O3A 1 
HETATM 973  P  P2A A ACO C 3 .   ? -2.299  12.232  -12.466 0.75 17.25 ? 1125 ACO A P2A 1 
HETATM 974  O  O4A A ACO C 3 .   ? -2.226  13.550  -11.767 0.75 20.80 ? 1125 ACO A O4A 1 
HETATM 975  O  O5A A ACO C 3 .   ? -2.169  12.095  -13.964 0.75 23.76 ? 1125 ACO A O5A 1 
HETATM 976  O  O6A A ACO C 3 .   ? -3.679  11.525  -12.024 0.75 17.44 ? 1125 ACO A O6A 1 
HETATM 977  C  CBP A ACO C 3 .   ? -5.479  10.348  -13.173 0.75 22.62 ? 1125 ACO A CBP 1 
HETATM 978  C  CCP A ACO C 3 .   ? -4.090  10.267  -12.568 0.75 20.15 ? 1125 ACO A CCP 1 
HETATM 979  C  CDP A ACO C 3 .   ? -5.869  8.987   -13.726 0.75 24.53 ? 1125 ACO A CDP 1 
HETATM 980  C  CEP A ACO C 3 .   ? -6.479  10.744  -12.090 0.75 24.37 ? 1125 ACO A CEP 1 
HETATM 981  C  CAP A ACO C 3 .   ? -5.389  11.416  -14.272 0.75 23.51 ? 1125 ACO A CAP 1 
HETATM 982  O  OAP A ACO C 3 .   ? -4.408  11.017  -15.250 0.75 19.92 ? 1125 ACO A OAP 1 
HETATM 983  C  C9P A ACO C 3 .   ? -6.722  11.696  -14.906 0.75 24.44 ? 1125 ACO A C9P 1 
HETATM 984  O  O9P A ACO C 3 .   ? -7.110  11.060  -15.866 0.75 25.38 ? 1125 ACO A O9P 1 
HETATM 985  N  N8P A ACO C 3 .   ? -7.411  12.666  -14.329 0.75 26.08 ? 1125 ACO A N8P 1 
HETATM 986  C  C7P A ACO C 3 .   ? -8.820  12.868  -14.549 0.75 26.31 ? 1125 ACO A C7P 1 
HETATM 987  C  C6P A ACO C 3 .   ? -8.936  14.234  -15.179 0.75 26.11 ? 1125 ACO A C6P 1 
HETATM 988  C  C5P A ACO C 3 .   ? -10.362 14.550  -15.519 0.75 28.22 ? 1125 ACO A C5P 1 
HETATM 989  O  O5P A ACO C 3 .   ? -11.239 13.694  -15.523 0.75 33.83 ? 1125 ACO A O5P 1 
HETATM 990  N  N4P A ACO C 3 .   ? -10.571 15.821  -15.834 0.75 26.24 ? 1125 ACO A N4P 1 
HETATM 991  C  C3P A ACO C 3 .   ? -11.843 16.236  -16.364 0.75 22.44 ? 1125 ACO A C3P 1 
HETATM 992  C  C2P A ACO C 3 .   ? -12.660 17.000  -15.332 0.75 22.90 ? 1125 ACO A C2P 1 
HETATM 993  S  S1P A ACO C 3 .   ? -12.859 16.101  -13.829 0.75 19.64 ? 1125 ACO A S1P 1 
HETATM 994  C  C   A ACO C 3 .   ? -12.884 17.240  -12.597 0.75 18.92 ? 1125 ACO A C   1 
HETATM 995  O  O   A ACO C 3 .   ? -12.483 18.387  -12.753 0.75 18.19 ? 1125 ACO A O   1 
HETATM 996  C  CH3 A ACO C 3 .   ? -13.424 16.822  -11.279 0.75 16.01 ? 1125 ACO A CH3 1 
HETATM 997  N  N1A B COA D 4 .   ? -9.812  6.588   -10.291 0.25 10.40 ? 1126 COA A N1A 1 
HETATM 998  C  C2A B COA D 4 .   ? -9.088  6.896   -9.156  0.25 9.72  ? 1126 COA A C2A 1 
HETATM 999  N  N3A B COA D 4 .   ? -7.711  6.843   -9.180  0.25 9.80  ? 1126 COA A N3A 1 
HETATM 1000 C  C4A B COA D 4 .   ? -7.078  6.490   -10.328 0.25 9.54  ? 1126 COA A C4A 1 
HETATM 1001 C  C5A B COA D 4 .   ? -7.791  6.176   -11.477 0.25 10.12 ? 1126 COA A C5A 1 
HETATM 1002 C  C6A B COA D 4 .   ? -9.174  6.222   -11.460 0.25 7.82  ? 1126 COA A C6A 1 
HETATM 1003 N  N6A B COA D 4 .   ? -9.838  5.502   -12.359 0.25 6.75  ? 1126 COA A N6A 1 
HETATM 1004 N  N7A B COA D 4 .   ? -6.905  5.867   -12.452 0.25 9.33  ? 1126 COA A N7A 1 
HETATM 1005 C  C8A B COA D 4 .   ? -5.656  5.969   -11.944 0.25 9.90  ? 1126 COA A C8A 1 
HETATM 1006 N  N9A B COA D 4 .   ? -5.749  6.353   -10.626 0.25 11.20 ? 1126 COA A N9A 1 
HETATM 1007 C  C1B B COA D 4 .   ? -4.682  6.399   -9.607  0.25 12.61 ? 1126 COA A C1B 1 
HETATM 1008 C  C2B B COA D 4 .   ? -3.698  5.252   -9.770  0.25 12.58 ? 1126 COA A C2B 1 
HETATM 1009 O  O2B B COA D 4 .   ? -3.477  4.624   -8.523  0.25 13.63 ? 1126 COA A O2B 1 
HETATM 1010 C  C3B B COA D 4 .   ? -2.436  5.933   -10.259 0.25 13.49 ? 1126 COA A C3B 1 
HETATM 1011 O  O3B B COA D 4 .   ? -1.245  5.347   -9.786  0.25 15.48 ? 1126 COA A O3B 1 
HETATM 1012 P  P3B B COA D 4 .   ? -0.729  3.928   -10.355 0.25 15.91 ? 1126 COA A P3B 1 
HETATM 1013 O  O7A B COA D 4 .   ? -0.828  3.878   -11.863 0.25 17.20 ? 1126 COA A O7A 1 
HETATM 1014 O  O8A B COA D 4 .   ? 0.700   3.723   -9.935  0.25 17.23 ? 1126 COA A O8A 1 
HETATM 1015 O  O9A B COA D 4 .   ? -1.599  2.850   -9.759  0.25 15.99 ? 1126 COA A O9A 1 
HETATM 1016 C  C4B B COA D 4 .   ? -2.586  7.336   -9.717  0.25 11.94 ? 1126 COA A C4B 1 
HETATM 1017 O  O4B B COA D 4 .   ? -3.966  7.610   -9.742  0.25 13.91 ? 1126 COA A O4B 1 
HETATM 1018 C  C5B B COA D 4 .   ? -1.854  8.351   -10.566 0.25 11.71 ? 1126 COA A C5B 1 
HETATM 1019 O  O5B B COA D 4 .   ? -1.733  9.522   -9.792  0.25 7.78  ? 1126 COA A O5B 1 
HETATM 1020 P  P1A B COA D 4 .   ? -0.972  10.791  -10.396 0.25 9.26  ? 1126 COA A P1A 1 
HETATM 1021 O  O1A B COA D 4 .   ? 0.507   10.503  -10.330 0.25 10.93 ? 1126 COA A O1A 1 
HETATM 1022 O  O2A B COA D 4 .   ? -1.278  12.049  -9.638  0.25 7.19  ? 1126 COA A O2A 1 
HETATM 1023 O  O3A B COA D 4 .   ? -1.457  10.840  -11.940 0.25 6.68  ? 1126 COA A O3A 1 
HETATM 1024 P  P2A B COA D 4 .   ? -2.397  11.988  -12.563 0.25 12.82 ? 1126 COA A P2A 1 
HETATM 1025 O  O4A B COA D 4 .   ? -2.024  13.313  -11.979 0.25 6.22  ? 1126 COA A O4A 1 
HETATM 1026 O  O5A B COA D 4 .   ? -2.291  11.931  -14.066 0.25 13.87 ? 1126 COA A O5A 1 
HETATM 1027 O  O6A B COA D 4 .   ? -3.880  11.630  -12.070 0.25 9.27  ? 1126 COA A O6A 1 
HETATM 1028 C  CBP B COA D 4 .   ? -5.819  10.634  -13.147 0.25 9.28  ? 1126 COA A CBP 1 
HETATM 1029 C  CCP B COA D 4 .   ? -4.471  10.419  -12.468 0.25 5.84  ? 1126 COA A CCP 1 
HETATM 1030 C  CDP B COA D 4 .   ? -6.378  9.256   -13.479 0.25 7.57  ? 1126 COA A CDP 1 
HETATM 1031 C  CEP B COA D 4 .   ? -6.776  11.343  -12.193 0.25 6.18  ? 1126 COA A CEP 1 
HETATM 1032 C  CAP B COA D 4 .   ? -5.635  11.474  -14.413 0.25 6.43  ? 1126 COA A CAP 1 
HETATM 1033 O  OAP B COA D 4 .   ? -4.870  10.715  -15.335 0.25 9.44  ? 1126 COA A OAP 1 
HETATM 1034 C  C9P B COA D 4 .   ? -6.969  11.854  -15.010 0.25 6.25  ? 1126 COA A C9P 1 
HETATM 1035 O  O9P B COA D 4 .   ? -7.751  10.884  -15.666 0.25 9.07  ? 1126 COA A O9P 1 
HETATM 1036 N  N8P B COA D 4 .   ? -7.368  13.122  -14.875 0.25 7.53  ? 1126 COA A N8P 1 
HETATM 1037 C  C7P B COA D 4 .   ? -8.696  13.532  -15.320 0.25 9.09  ? 1126 COA A C7P 1 
HETATM 1038 C  C6P B COA D 4 .   ? -9.318  14.585  -14.417 0.25 8.23  ? 1126 COA A C6P 1 
HETATM 1039 C  C5P B COA D 4 .   ? -10.711 14.980  -14.848 0.25 8.97  ? 1126 COA A C5P 1 
HETATM 1040 O  O5P B COA D 4 .   ? -11.554 14.128  -15.187 0.25 10.18 ? 1126 COA A O5P 1 
HETATM 1041 N  N4P B COA D 4 .   ? -10.949 16.294  -14.826 0.25 9.45  ? 1126 COA A N4P 1 
HETATM 1042 C  C3P B COA D 4 .   ? -12.246 16.900  -15.049 0.25 10.54 ? 1126 COA A C3P 1 
HETATM 1043 C  C2P B COA D 4 .   ? -13.169 16.752  -13.846 0.25 10.54 ? 1126 COA A C2P 1 
HETATM 1044 S  S1P B COA D 4 .   ? -12.639 17.753  -12.439 0.25 10.36 ? 1126 COA A S1P 1 
HETATM 1045 C  C1  A GOL E 5 .   ? -18.333 10.064  9.130   0.15 17.84 ? 1127 GOL A C1  1 
HETATM 1046 C  C1  B GOL E 5 .   ? -18.190 9.801   9.668   0.15 11.75 ? 1127 GOL A C1  1 
HETATM 1047 O  O1  A GOL E 5 .   ? -18.406 9.853   10.531  0.15 20.30 ? 1127 GOL A O1  1 
HETATM 1048 O  O1  B GOL E 5 .   ? -16.963 10.485  9.566   0.15 6.80  ? 1127 GOL A O1  1 
HETATM 1049 C  C2  A GOL E 5 .   ? -18.941 8.951   8.359   0.15 18.17 ? 1127 GOL A C2  1 
HETATM 1050 C  C2  B GOL E 5 .   ? -18.492 9.076   8.363   0.15 12.39 ? 1127 GOL A C2  1 
HETATM 1051 O  O2  A GOL E 5 .   ? -20.087 8.516   8.991   0.15 20.58 ? 1127 GOL A O2  1 
HETATM 1052 O  O2  B GOL E 5 .   ? -19.873 8.805   8.289   0.15 15.26 ? 1127 GOL A O2  1 
HETATM 1053 C  C3  A GOL E 5 .   ? -17.949 7.777   8.310   0.15 17.78 ? 1127 GOL A C3  1 
HETATM 1054 C  C3  B GOL E 5 .   ? -17.659 7.798   8.273   0.15 8.67  ? 1127 GOL A C3  1 
HETATM 1055 O  O3  A GOL E 5 .   ? -18.614 6.614   7.860   0.15 17.17 ? 1127 GOL A O3  1 
HETATM 1056 O  O3  B GOL E 5 .   ? -18.374 6.766   7.620   0.15 5.17  ? 1127 GOL A O3  1 
HETATM 1057 S  S   . SO4 F 6 .   ? -8.074  -14.645 6.035   0.30 25.89 ? 1128 SO4 A S   1 
HETATM 1058 O  O1  . SO4 F 6 .   ? -6.786  -15.066 5.505   0.30 27.16 ? 1128 SO4 A O1  1 
HETATM 1059 O  O2  . SO4 F 6 .   ? -7.990  -14.561 7.488   0.30 32.01 ? 1128 SO4 A O2  1 
HETATM 1060 O  O3  . SO4 F 6 .   ? -8.425  -13.338 5.501   0.30 26.97 ? 1128 SO4 A O3  1 
HETATM 1061 O  O4  . SO4 F 6 .   ? -9.099  -15.616 5.678   0.30 26.76 ? 1128 SO4 A O4  1 
HETATM 1062 O  O   . HOH G 7 .   ? -2.328  7.319   -13.914 1.00 29.33 ? 2001 HOH A O   1 
HETATM 1063 O  O   . HOH G 7 .   ? -5.328  9.298   -17.529 1.00 34.53 ? 2002 HOH A O   1 
HETATM 1064 O  O   . HOH G 7 .   ? -21.148 7.957   12.834  1.00 30.38 ? 2003 HOH A O   1 
HETATM 1065 O  O   . HOH G 7 .   ? -21.159 4.250   13.339  1.00 48.08 ? 2004 HOH A O   1 
HETATM 1066 O  O   . HOH G 7 .   ? -17.168 0.874   15.524  1.00 42.53 ? 2005 HOH A O   1 
HETATM 1067 O  O   . HOH G 7 .   ? -16.597 2.971   14.714  1.00 32.13 ? 2006 HOH A O   1 
HETATM 1068 O  O   . HOH G 7 .   ? -19.166 3.386   14.978  1.00 65.84 ? 2007 HOH A O   1 
HETATM 1069 O  O   . HOH G 7 .   ? 15.571  0.279   4.385   1.00 38.84 ? 2008 HOH A O   1 
HETATM 1070 O  O   . HOH G 7 .   ? -10.183 5.363   16.156  1.00 32.17 ? 2009 HOH A O   1 
HETATM 1071 O  O   . HOH G 7 .   ? -5.584  7.998   12.396  1.00 14.13 ? 2010 HOH A O   1 
HETATM 1072 O  O   . HOH G 7 .   ? -2.513  7.664   12.111  1.00 16.05 ? 2011 HOH A O   1 
HETATM 1073 O  O   . HOH G 7 .   ? 19.386  4.919   -0.271  1.00 38.56 ? 2012 HOH A O   1 
HETATM 1074 O  O   . HOH G 7 .   ? 17.190  2.490   2.621   1.00 52.51 ? 2013 HOH A O   1 
HETATM 1075 O  O   . HOH G 7 .   ? 11.099  -1.941  -9.471  1.00 48.36 ? 2014 HOH A O   1 
HETATM 1076 O  O   . HOH G 7 .   ? 11.291  -5.518  -22.977 1.00 40.02 ? 2015 HOH A O   1 
HETATM 1077 O  O   . HOH G 7 .   ? 7.761   5.220   3.076   1.00 24.38 ? 2016 HOH A O   1 
HETATM 1078 O  O   . HOH G 7 .   ? 18.895  -1.139  2.120   1.00 46.83 ? 2017 HOH A O   1 
HETATM 1079 O  O   . HOH G 7 .   ? 13.299  -5.740  -7.645  1.00 31.30 ? 2018 HOH A O   1 
HETATM 1080 O  O   . HOH G 7 .   ? 22.250  -9.012  -4.236  1.00 42.54 ? 2019 HOH A O   1 
HETATM 1081 O  O   . HOH G 7 .   ? 22.179  -0.001  -9.911  1.00 38.84 ? 2020 HOH A O   1 
HETATM 1082 O  O   . HOH G 7 .   ? 16.039  -4.640  3.052   1.00 35.58 ? 2021 HOH A O   1 
HETATM 1083 O  O   . HOH G 7 .   ? 11.163  -13.048 -4.156  1.00 25.68 ? 2022 HOH A O   1 
HETATM 1084 O  O   . HOH G 7 .   ? 10.149  -10.214 -7.191  1.00 31.02 ? 2023 HOH A O   1 
HETATM 1085 O  O   . HOH G 7 .   ? 12.776  -14.494 -0.749  1.00 48.58 ? 2024 HOH A O   1 
HETATM 1086 O  O   . HOH G 7 .   ? 8.053   -9.343  6.141   1.00 36.18 ? 2025 HOH A O   1 
HETATM 1087 O  O   . HOH G 7 .   ? 8.102   -11.613 -6.625  1.00 34.88 ? 2026 HOH A O   1 
HETATM 1088 O  O   . HOH G 7 .   ? 19.174  6.362   -2.697  1.00 40.23 ? 2027 HOH A O   1 
HETATM 1089 O  O   . HOH G 7 .   ? -4.583  -9.092  -10.598 1.00 42.50 ? 2028 HOH A O   1 
HETATM 1090 O  O   . HOH G 7 .   ? -1.653  -11.285 -11.611 1.00 48.05 ? 2029 HOH A O   1 
HETATM 1091 O  O   . HOH G 7 .   ? 14.522  6.756   -9.539  1.00 32.18 ? 2030 HOH A O   1 
HETATM 1092 O  O   . HOH G 7 .   ? 17.708  2.880   -0.648  1.00 35.14 ? 2031 HOH A O   1 
HETATM 1093 O  O   . HOH G 7 .   ? 18.912  7.119   1.243   1.00 42.68 ? 2032 HOH A O   1 
HETATM 1094 O  O   . HOH G 7 .   ? -1.830  -10.662 -15.802 1.00 43.06 ? 2033 HOH A O   1 
HETATM 1095 O  O   . HOH G 7 .   ? -7.418  -8.660  -12.586 1.00 43.69 ? 2034 HOH A O   1 
HETATM 1096 O  O   . HOH G 7 .   ? -5.359  -4.864  -12.950 1.00 38.13 ? 2035 HOH A O   1 
HETATM 1097 O  O   . HOH G 7 .   ? 8.310   -8.374  -18.552 1.00 43.03 ? 2036 HOH A O   1 
HETATM 1098 O  O   . HOH G 7 .   ? 6.958   -10.798 -15.465 1.00 41.67 ? 2037 HOH A O   1 
HETATM 1099 O  O   . HOH G 7 .   ? 5.379   -10.294 -20.189 1.00 45.79 ? 2038 HOH A O   1 
HETATM 1100 O  O   . HOH G 7 .   ? 15.385  2.030   6.353   1.00 39.26 ? 2039 HOH A O   1 
HETATM 1101 O  O   . HOH G 7 .   ? 11.128  -4.567  -8.771  1.00 49.82 ? 2040 HOH A O   1 
HETATM 1102 O  O   . HOH G 7 .   ? 11.212  -2.979  -15.741 1.00 40.51 ? 2041 HOH A O   1 
HETATM 1103 O  O   . HOH G 7 .   ? 11.444  -2.192  -19.323 1.00 46.51 ? 2042 HOH A O   1 
HETATM 1104 O  O   . HOH G 7 .   ? 11.406  -0.650  -13.697 1.00 36.26 ? 2043 HOH A O   1 
HETATM 1105 O  O   . HOH G 7 .   ? 5.714   1.671   -16.267 1.00 41.78 ? 2044 HOH A O   1 
HETATM 1106 O  O   . HOH G 7 .   ? -1.549  0.539   -15.184 1.00 33.82 ? 2045 HOH A O   1 
HETATM 1107 O  O   . HOH G 7 .   ? 14.518  -1.287  -8.390  1.00 44.77 ? 2046 HOH A O   1 
HETATM 1108 O  O   . HOH G 7 .   ? 2.359   2.497   -14.135 1.00 32.80 ? 2047 HOH A O   1 
HETATM 1109 O  O   . HOH G 7 .   ? 19.547  0.964   -0.903  1.00 44.77 ? 2048 HOH A O   1 
HETATM 1110 O  O   . HOH G 7 .   ? 20.938  -0.254  -4.880  1.00 44.87 ? 2049 HOH A O   1 
HETATM 1111 O  O   . HOH G 7 .   ? 10.292  6.922   -12.166 1.00 56.97 ? 2050 HOH A O   1 
HETATM 1112 O  O   . HOH G 7 .   ? 4.386   5.481   -13.508 1.00 41.36 ? 2051 HOH A O   1 
HETATM 1113 O  O   . HOH G 7 .   ? 17.763  -2.092  0.273   1.00 40.25 ? 2052 HOH A O   1 
HETATM 1114 O  O   . HOH G 7 .   ? 13.766  -6.565  -4.908  1.00 20.93 ? 2053 HOH A O   1 
HETATM 1115 O  O   . HOH G 7 .   ? 17.045  -6.704  -6.894  1.00 43.29 ? 2054 HOH A O   1 
HETATM 1116 O  O   . HOH G 7 .   ? 15.028  -4.227  -8.305  1.00 38.78 ? 2055 HOH A O   1 
HETATM 1117 O  O   . HOH G 7 .   ? 22.054  -6.779  -5.171  1.00 32.08 ? 2056 HOH A O   1 
HETATM 1118 O  O   . HOH G 7 .   ? 21.001  1.204   -7.140  1.00 47.14 ? 2057 HOH A O   1 
HETATM 1119 O  O   . HOH G 7 .   ? 19.052  2.707   -8.196  1.00 53.68 ? 2058 HOH A O   1 
HETATM 1120 O  O   . HOH G 7 .   ? 22.496  -6.922  -2.660  1.00 35.10 ? 2059 HOH A O   1 
HETATM 1121 O  O   . HOH G 7 .   ? 27.104  -1.120  -1.806  1.00 76.33 ? 2060 HOH A O   1 
HETATM 1122 O  O   . HOH G 7 .   ? 17.082  -3.970  0.763   1.00 33.03 ? 2061 HOH A O   1 
HETATM 1123 O  O   . HOH G 7 .   ? -1.308  -1.028  19.804  1.00 41.87 ? 2062 HOH A O   1 
HETATM 1124 O  O   . HOH G 7 .   ? 1.691   -1.527  19.314  1.00 29.23 ? 2063 HOH A O   1 
HETATM 1125 O  O   . HOH G 7 .   ? 11.683  -10.482 -4.841  1.00 20.45 ? 2064 HOH A O   1 
HETATM 1126 O  O   . HOH G 7 .   ? 14.460  -12.003 -7.082  1.00 33.13 ? 2065 HOH A O   1 
HETATM 1127 O  O   . HOH G 7 .   ? -1.030  -4.691  19.036  1.00 33.87 ? 2066 HOH A O   1 
HETATM 1128 O  O   . HOH G 7 .   ? -0.169  -9.650  17.321  1.00 43.37 ? 2067 HOH A O   1 
HETATM 1129 O  O   . HOH G 7 .   ? -2.318  -11.413 13.613  1.00 26.03 ? 2068 HOH A O   1 
HETATM 1130 O  O   . HOH G 7 .   ? 17.731  -11.577 -2.140  1.00 27.31 ? 2069 HOH A O   1 
HETATM 1131 O  O   . HOH G 7 .   ? 11.014  -12.578 -1.373  1.00 26.19 ? 2070 HOH A O   1 
HETATM 1132 O  O   . HOH G 7 .   ? -3.643  -12.834 -0.786  1.00 37.04 ? 2071 HOH A O   1 
HETATM 1133 O  O   . HOH G 7 .   ? 1.589   -15.838 4.688   1.00 20.47 ? 2072 HOH A O   1 
HETATM 1134 O  O   . HOH G 7 .   ? 5.146   -12.153 -2.547  1.00 36.10 ? 2073 HOH A O   1 
HETATM 1135 O  O   . HOH G 7 .   ? -7.165  -12.431 -1.157  1.00 28.09 ? 2074 HOH A O   1 
HETATM 1136 O  O   . HOH G 7 .   ? -4.872  -11.807 -8.978  1.00 42.76 ? 2075 HOH A O   1 
HETATM 1137 O  O   . HOH G 7 .   ? 9.601   -11.624 5.035   1.00 37.20 ? 2076 HOH A O   1 
HETATM 1138 O  O   . HOH G 7 .   ? 11.157  -12.720 2.371   1.00 41.20 ? 2077 HOH A O   1 
HETATM 1139 O  O   . HOH G 7 .   ? -13.003 -6.146  -1.446  1.00 36.94 ? 2078 HOH A O   1 
HETATM 1140 O  O   . HOH G 7 .   ? -8.532  -7.348  -10.073 1.00 24.46 ? 2079 HOH A O   1 
HETATM 1141 O  O   . HOH G 7 .   ? -10.389 -6.208  -14.422 1.00 40.82 ? 2080 HOH A O   1 
HETATM 1142 O  O   . HOH G 7 .   ? -14.020 2.515   -3.274  1.00 38.46 ? 2081 HOH A O   1 
HETATM 1143 O  O   . HOH G 7 .   ? -17.684 -0.810  -4.815  1.00 36.12 ? 2082 HOH A O   1 
HETATM 1144 O  O   . HOH G 7 .   ? -7.124  -2.315  -17.587 1.00 41.06 ? 2083 HOH A O   1 
HETATM 1145 O  O   . HOH G 7 .   ? -5.742  1.163   -14.728 1.00 34.46 ? 2084 HOH A O   1 
HETATM 1146 O  O   . HOH G 7 .   ? -15.910 1.597   -2.024  1.00 40.91 ? 2085 HOH A O   1 
HETATM 1147 O  O   . HOH G 7 .   ? -18.965 3.521   -4.581  1.00 31.32 ? 2086 HOH A O   1 
HETATM 1148 O  O   . HOH G 7 .   ? 5.843   -11.539 -4.927  1.00 28.17 ? 2087 HOH A O   1 
HETATM 1149 O  O   . HOH G 7 .   ? -12.449 -7.592  0.699   1.00 32.71 ? 2088 HOH A O   1 
HETATM 1150 O  O   . HOH G 7 .   ? -9.944  -11.178 -7.201  1.00 54.20 ? 2089 HOH A O   1 
HETATM 1151 O  O   . HOH G 7 .   ? 1.821   -13.682 -12.529 1.00 52.32 ? 2090 HOH A O   1 
HETATM 1152 O  O   . HOH G 7 .   ? 4.845   -10.784 -10.650 1.00 32.21 ? 2091 HOH A O   1 
HETATM 1153 O  O   . HOH G 7 .   ? 6.142   -15.197 -8.301  1.00 38.86 ? 2092 HOH A O   1 
HETATM 1154 O  O   . HOH G 7 .   ? 4.088   -16.356 -11.819 1.00 49.13 ? 2093 HOH A O   1 
HETATM 1155 O  O   . HOH G 7 .   ? 2.507   -13.652 -3.894  1.00 27.08 ? 2094 HOH A O   1 
HETATM 1156 O  O   . HOH G 7 .   ? 1.128   -17.267 -10.562 1.00 40.32 ? 2095 HOH A O   1 
HETATM 1157 O  O   . HOH G 7 .   ? -8.136  -14.750 2.031   0.33 36.65 ? 2096 HOH A O   1 
HETATM 1158 O  O   . HOH G 7 .   ? -5.833  -14.856 0.167   1.00 37.14 ? 2097 HOH A O   1 
HETATM 1159 O  O   . HOH G 7 .   ? -11.129 -11.549 12.477  1.00 27.45 ? 2098 HOH A O   1 
HETATM 1160 O  O   . HOH G 7 .   ? -1.808  -4.958  -10.051 1.00 18.83 ? 2099 HOH A O   1 
HETATM 1161 O  O   . HOH G 7 .   ? -3.156  -11.590 -5.659  1.00 29.58 ? 2100 HOH A O   1 
HETATM 1162 O  O   . HOH G 7 .   ? -0.789  -12.468 -6.417  1.00 22.64 ? 2101 HOH A O   1 
HETATM 1163 O  O   . HOH G 7 .   ? -2.249  -8.448  -11.772 1.00 35.32 ? 2102 HOH A O   1 
HETATM 1164 O  O   . HOH G 7 .   ? -3.668  -6.935  -9.228  1.00 29.23 ? 2103 HOH A O   1 
HETATM 1165 O  O   . HOH G 7 .   ? -9.496  -12.441 14.390  1.00 31.18 ? 2104 HOH A O   1 
HETATM 1166 O  O   . HOH G 7 .   ? -11.745 -9.203  16.222  1.00 31.65 ? 2105 HOH A O   1 
HETATM 1167 O  O   . HOH G 7 .   ? -9.857  -8.250  19.796  1.00 41.06 ? 2106 HOH A O   1 
HETATM 1168 O  O   . HOH G 7 .   ? -18.319 -3.458  14.075  1.00 31.44 ? 2107 HOH A O   1 
HETATM 1169 O  O   . HOH G 7 .   ? 7.146   -5.064  -10.716 1.00 33.15 ? 2108 HOH A O   1 
HETATM 1170 O  O   . HOH G 7 .   ? -1.607  -8.254  -14.797 1.00 46.99 ? 2109 HOH A O   1 
HETATM 1171 O  O   . HOH G 7 .   ? -6.667  -6.862  -16.527 1.00 43.24 ? 2110 HOH A O   1 
HETATM 1172 O  O   . HOH G 7 .   ? -4.843  -7.338  -14.225 1.00 51.95 ? 2111 HOH A O   1 
HETATM 1173 O  O   . HOH G 7 .   ? -1.613  -10.294 -22.568 1.00 44.88 ? 2112 HOH A O   1 
HETATM 1174 O  O   . HOH G 7 .   ? 7.368   7.692   -13.626 1.00 42.26 ? 2113 HOH A O   1 
HETATM 1175 O  O   . HOH G 7 .   ? 6.115   -9.262  -17.248 1.00 53.29 ? 2114 HOH A O   1 
HETATM 1176 O  O   . HOH G 7 .   ? 2.567   -11.194 -17.186 1.00 39.70 ? 2115 HOH A O   1 
HETATM 1177 O  O   . HOH G 7 .   ? 6.390   16.127  -4.827  1.00 43.13 ? 2116 HOH A O   1 
HETATM 1178 O  O   . HOH G 7 .   ? 7.241   16.867  -1.972  0.33 31.67 ? 2117 HOH A O   1 
HETATM 1179 O  O   . HOH G 7 .   ? -0.980  -2.721  -18.678 1.00 47.59 ? 2118 HOH A O   1 
HETATM 1180 O  O   . HOH G 7 .   ? 0.695   14.901  0.646   0.33 38.29 ? 2119 HOH A O   1 
HETATM 1181 O  O   . HOH G 7 .   ? 9.087   -2.975  -14.542 1.00 62.41 ? 2120 HOH A O   1 
HETATM 1182 O  O   . HOH G 7 .   ? 8.913   -2.531  -17.638 1.00 39.38 ? 2121 HOH A O   1 
HETATM 1183 O  O   . HOH G 7 .   ? 6.875   -11.509 -9.285  1.00 41.38 ? 2122 HOH A O   1 
HETATM 1184 O  O   . HOH G 7 .   ? 6.368   -1.070  -17.796 1.00 38.79 ? 2123 HOH A O   1 
HETATM 1185 O  O   . HOH G 7 .   ? 9.549   -5.833  -10.410 1.00 34.97 ? 2124 HOH A O   1 
HETATM 1186 O  O   . HOH G 7 .   ? 7.585   -5.959  -18.799 1.00 43.55 ? 2125 HOH A O   1 
HETATM 1187 O  O   . HOH G 7 .   ? 8.408   -0.676  -15.764 1.00 45.72 ? 2126 HOH A O   1 
HETATM 1188 O  O   . HOH G 7 .   ? -2.872  -3.963  -12.333 1.00 35.69 ? 2127 HOH A O   1 
HETATM 1189 O  O   . HOH G 7 .   ? 10.228  -2.100  -11.758 1.00 34.14 ? 2128 HOH A O   1 
HETATM 1190 O  O   . HOH G 7 .   ? -2.375  -0.659  -12.644 1.00 23.59 ? 2129 HOH A O   1 
HETATM 1191 O  O   . HOH G 7 .   ? 4.550   1.328   -13.996 1.00 23.61 ? 2130 HOH A O   1 
HETATM 1192 O  O   . HOH G 7 .   ? 10.885  1.865   -13.399 1.00 42.33 ? 2131 HOH A O   1 
HETATM 1193 O  O   . HOH G 7 .   ? 8.880   4.123   -12.511 1.00 31.45 ? 2132 HOH A O   1 
HETATM 1194 O  O   . HOH G 7 .   ? 5.961   3.414   -12.508 1.00 23.97 ? 2133 HOH A O   1 
HETATM 1195 O  O   . HOH G 7 .   ? 8.854   3.761   4.923   1.00 36.77 ? 2134 HOH A O   1 
HETATM 1196 O  O   . HOH G 7 .   ? 8.750   0.288   7.330   1.00 35.65 ? 2135 HOH A O   1 
HETATM 1197 O  O   . HOH G 7 .   ? -1.297  1.167   18.273  1.00 27.39 ? 2136 HOH A O   1 
HETATM 1198 O  O   . HOH G 7 .   ? 5.278   -1.636  12.893  1.00 27.97 ? 2137 HOH A O   1 
HETATM 1199 O  O   . HOH G 7 .   ? 3.315   -0.163  17.382  1.00 36.24 ? 2138 HOH A O   1 
HETATM 1200 O  O   . HOH G 7 .   ? 2.183   -2.217  11.590  1.00 21.63 ? 2139 HOH A O   1 
HETATM 1201 O  O   . HOH G 7 .   ? 3.922   -5.018  11.923  1.00 23.69 ? 2140 HOH A O   1 
HETATM 1202 O  O   . HOH G 7 .   ? -1.160  -7.072  14.953  1.00 22.97 ? 2141 HOH A O   1 
HETATM 1203 O  O   . HOH G 7 .   ? 2.497   -4.064  18.742  1.00 28.61 ? 2142 HOH A O   1 
HETATM 1204 O  O   . HOH G 7 .   ? 6.203   -7.565  14.043  1.00 31.01 ? 2143 HOH A O   1 
HETATM 1205 O  O   . HOH G 7 .   ? 0.192   -11.400 14.278  1.00 43.71 ? 2144 HOH A O   1 
HETATM 1206 O  O   . HOH G 7 .   ? -0.276  -8.840  14.111  1.00 34.99 ? 2145 HOH A O   1 
HETATM 1207 O  O   . HOH G 7 .   ? 3.107   -12.122 11.735  1.00 21.30 ? 2146 HOH A O   1 
HETATM 1208 O  O   . HOH G 7 .   ? 6.811   -8.662  8.118   1.00 35.87 ? 2147 HOH A O   1 
HETATM 1209 O  O   . HOH G 7 .   ? 5.823   -8.290  10.937  1.00 49.62 ? 2148 HOH A O   1 
HETATM 1210 O  O   . HOH G 7 .   ? 5.827   -9.081  5.737   1.00 33.04 ? 2149 HOH A O   1 
HETATM 1211 O  O   . HOH G 7 .   ? 9.466   -5.722  7.232   1.00 32.48 ? 2150 HOH A O   1 
HETATM 1212 O  O   . HOH G 7 .   ? -1.806  -12.931 1.107   1.00 30.35 ? 2151 HOH A O   1 
HETATM 1213 O  O   . HOH G 7 .   ? 0.780   -13.181 3.558   1.00 20.11 ? 2152 HOH A O   1 
HETATM 1214 O  O   . HOH G 7 .   ? -2.748  -13.249 3.258   1.00 27.73 ? 2153 HOH A O   1 
HETATM 1215 O  O   . HOH G 7 .   ? -1.195  -14.170 7.050   1.00 21.73 ? 2154 HOH A O   1 
HETATM 1216 O  O   . HOH G 7 .   ? -5.960  -9.892  -7.063  1.00 41.87 ? 2155 HOH A O   1 
HETATM 1217 O  O   . HOH G 7 .   ? -5.127  -10.444 -0.958  1.00 19.58 ? 2156 HOH A O   1 
HETATM 1218 O  O   . HOH G 7 .   ? -3.125  -6.727  -6.867  1.00 18.62 ? 2157 HOH A O   1 
HETATM 1219 O  O   . HOH G 7 .   ? -1.742  -3.182  -7.877  1.00 16.77 ? 2158 HOH A O   1 
HETATM 1220 O  O   . HOH G 7 .   ? -10.934 -4.844  -1.812  1.00 25.12 ? 2159 HOH A O   1 
HETATM 1221 O  O   . HOH G 7 .   ? -7.586  -3.539  -13.488 1.00 34.37 ? 2160 HOH A O   1 
HETATM 1222 O  O   . HOH G 7 .   ? -9.977  -5.242  -12.050 1.00 44.10 ? 2161 HOH A O   1 
HETATM 1223 O  O   . HOH G 7 .   ? -6.102  -5.730  -10.037 1.00 24.24 ? 2162 HOH A O   1 
HETATM 1224 O  O   . HOH G 7 .   ? -15.365 3.291   -8.923  1.00 31.02 ? 2163 HOH A O   1 
HETATM 1225 O  O   . HOH G 7 .   ? -7.395  -1.340  -15.015 1.00 33.68 ? 2164 HOH A O   1 
HETATM 1226 O  O   . HOH G 7 .   ? -16.118 0.662   -10.786 1.00 39.66 ? 2165 HOH A O   1 
HETATM 1227 O  O   . HOH G 7 .   ? -12.262 2.368   -11.371 1.00 24.18 ? 2166 HOH A O   1 
HETATM 1228 O  O   . HOH G 7 .   ? -15.593 1.220   -5.991  1.00 35.49 ? 2167 HOH A O   1 
HETATM 1229 O  O   . HOH G 7 .   ? -14.481 0.041   -12.711 1.00 45.85 ? 2168 HOH A O   1 
HETATM 1230 O  O   . HOH G 7 .   ? -8.445  4.317   -14.963 1.00 40.93 ? 2169 HOH A O   1 
HETATM 1231 O  O   . HOH G 7 .   ? -5.185  2.391   -12.400 1.00 33.37 ? 2170 HOH A O   1 
HETATM 1232 O  O   . HOH G 7 .   ? -15.952 6.901   -5.177  1.00 31.12 ? 2171 HOH A O   1 
HETATM 1233 O  O   . HOH G 7 .   ? -17.256 3.350   -7.003  1.00 35.59 ? 2172 HOH A O   1 
HETATM 1234 O  O   . HOH G 7 .   ? -15.626 2.960   -4.805  1.00 41.00 ? 2173 HOH A O   1 
HETATM 1235 O  O   . HOH G 7 .   ? -9.642  4.296   -4.965  1.00 20.48 ? 2174 HOH A O   1 
HETATM 1236 O  O   . HOH G 7 .   ? -16.532 -2.102  -2.703  1.00 32.10 ? 2175 HOH A O   1 
HETATM 1237 O  O   . HOH G 7 .   ? -14.805 -4.546  -2.662  1.00 32.53 ? 2176 HOH A O   1 
HETATM 1238 O  O   . HOH G 7 .   ? -10.071 0.649   -1.440  1.00 13.99 ? 2177 HOH A O   1 
HETATM 1239 O  O   . HOH G 7 .   ? -11.578 -1.755  -0.460  1.00 20.14 ? 2178 HOH A O   1 
HETATM 1240 O  O   . HOH G 7 .   ? -12.908 -7.838  -4.170  1.00 28.76 ? 2179 HOH A O   1 
HETATM 1241 O  O   . HOH G 7 .   ? -9.844  -8.385  -7.997  1.00 30.56 ? 2180 HOH A O   1 
HETATM 1242 O  O   . HOH G 7 .   ? -11.885 -8.957  -1.960  1.00 40.56 ? 2181 HOH A O   1 
HETATM 1243 O  O   . HOH G 7 .   ? -10.697 -9.513  5.043   1.00 38.76 ? 2182 HOH A O   1 
HETATM 1244 O  O   . HOH G 7 .   ? -10.470 -6.347  2.400   1.00 23.31 ? 2183 HOH A O   1 
HETATM 1245 O  O   . HOH G 7 .   ? -4.224  -9.084  1.320   1.00 33.64 ? 2184 HOH A O   1 
HETATM 1246 O  O   . HOH G 7 .   ? -4.734  -14.557 2.239   1.00 48.50 ? 2185 HOH A O   1 
HETATM 1247 O  O   . HOH G 7 .   ? -7.813  -12.455 9.339   1.00 20.54 ? 2186 HOH A O   1 
HETATM 1248 O  O   . HOH G 7 .   ? -2.929  -8.875  13.658  1.00 18.36 ? 2187 HOH A O   1 
HETATM 1249 O  O   . HOH G 7 .   ? -10.226 -10.750 9.964   1.00 25.39 ? 2188 HOH A O   1 
HETATM 1250 O  O   . HOH G 7 .   ? -11.026 -6.959  8.802   1.00 17.72 ? 2189 HOH A O   1 
HETATM 1251 O  O   . HOH G 7 .   ? -9.192  -9.806  15.332  1.00 19.61 ? 2190 HOH A O   1 
HETATM 1252 O  O   . HOH G 7 .   ? -4.943  0.410   19.431  1.00 41.85 ? 2191 HOH A O   1 
HETATM 1253 O  O   . HOH G 7 .   ? -3.195  -2.791  20.550  1.00 45.94 ? 2192 HOH A O   1 
HETATM 1254 O  O   . HOH G 7 .   ? -14.707 -5.997  14.560  1.00 41.02 ? 2193 HOH A O   1 
HETATM 1255 O  O   . HOH G 7 .   ? -12.048 -5.539  19.390  1.00 32.42 ? 2194 HOH A O   1 
HETATM 1256 O  O   . HOH G 7 .   ? -2.612  -6.071  17.029  1.00 28.07 ? 2195 HOH A O   1 
HETATM 1257 O  O   . HOH G 7 .   ? -4.699  -8.362  15.483  1.00 31.13 ? 2196 HOH A O   1 
HETATM 1258 O  O   . HOH G 7 .   ? -5.871  -1.961  20.180  1.00 37.88 ? 2197 HOH A O   1 
HETATM 1259 O  O   . HOH G 7 .   ? -6.547  -10.030 16.500  1.00 33.57 ? 2198 HOH A O   1 
HETATM 1260 O  O   . HOH G 7 .   ? -3.564  -8.297  19.028  1.00 47.29 ? 2199 HOH A O   1 
HETATM 1261 O  O   . HOH G 7 .   ? -6.211  -8.275  23.076  1.00 43.63 ? 2200 HOH A O   1 
HETATM 1262 O  O   . HOH G 7 .   ? -11.733 1.137   17.156  1.00 21.09 ? 2201 HOH A O   1 
HETATM 1263 O  O   . HOH G 7 .   ? -17.388 -4.024  11.560  1.00 31.40 ? 2202 HOH A O   1 
HETATM 1264 O  O   . HOH G 7 .   ? -17.104 -1.064  14.005  1.00 21.40 ? 2203 HOH A O   1 
HETATM 1265 O  O   . HOH G 7 .   ? -13.106 -5.822  10.388  1.00 17.42 ? 2204 HOH A O   1 
HETATM 1266 O  O   . HOH G 7 .   ? -16.847 -4.599  4.144   1.00 36.17 ? 2205 HOH A O   1 
HETATM 1267 O  O   . HOH G 7 .   ? -13.588 -3.755  3.270   1.00 23.06 ? 2206 HOH A O   1 
HETATM 1268 O  O   . HOH G 7 .   ? -18.165 -2.876  4.479   1.00 33.97 ? 2207 HOH A O   1 
HETATM 1269 O  O   . HOH G 7 .   ? -16.817 2.265   0.450   1.00 57.65 ? 2208 HOH A O   1 
HETATM 1270 O  O   . HOH G 7 .   ? -17.566 -2.154  2.391   1.00 36.79 ? 2209 HOH A O   1 
HETATM 1271 O  O   . HOH G 7 .   ? -14.002 1.511   -1.047  1.00 24.15 ? 2210 HOH A O   1 
HETATM 1272 O  O   . HOH G 7 .   ? -14.472 0.974   0.393   1.00 29.30 ? 2211 HOH A O   1 
HETATM 1273 O  O   . HOH G 7 .   ? -11.384 -4.518  7.082   1.00 15.62 ? 2212 HOH A O   1 
HETATM 1274 O  O   . HOH G 7 .   ? -13.403 -1.458  1.542   1.00 19.75 ? 2213 HOH A O   1 
HETATM 1275 O  O   . HOH G 7 .   ? -12.769 4.356   -2.071  1.00 14.82 ? 2214 HOH A O   1 
HETATM 1276 O  O   . HOH G 7 .   ? -10.257 3.218   -2.472  1.00 11.78 ? 2215 HOH A O   1 
HETATM 1277 O  O   . HOH G 7 .   ? -6.825  7.417   -6.422  1.00 10.91 ? 2216 HOH A O   1 
HETATM 1278 O  O   . HOH G 7 .   ? 2.654   13.342  -7.452  1.00 29.59 ? 2217 HOH A O   1 
HETATM 1279 O  O   . HOH G 7 .   ? 2.115   10.006  -12.404 1.00 39.02 ? 2218 HOH A O   1 
HETATM 1280 O  O   . HOH G 7 .   ? 5.643   8.555   -11.744 1.00 33.18 ? 2219 HOH A O   1 
HETATM 1281 O  O   . HOH G 7 .   ? 1.925   12.705  -11.862 1.00 38.45 ? 2220 HOH A O   1 
HETATM 1282 O  O   . HOH G 7 .   ? 2.927   17.919  -11.722 1.00 40.17 ? 2221 HOH A O   1 
HETATM 1283 O  O   . HOH G 7 .   ? 11.645  16.256  -8.953  1.00 40.27 ? 2222 HOH A O   1 
HETATM 1284 O  O   . HOH G 7 .   ? 9.079   16.348  -5.092  1.00 75.36 ? 2223 HOH A O   1 
HETATM 1285 O  O   . HOH G 7 .   ? 13.186  10.213  -6.203  1.00 30.70 ? 2224 HOH A O   1 
HETATM 1286 O  O   . HOH G 7 .   ? 3.528   12.708  -4.731  1.00 27.84 ? 2225 HOH A O   1 
HETATM 1287 O  O   . HOH G 7 .   ? 3.771   14.394  -1.059  1.00 41.61 ? 2226 HOH A O   1 
HETATM 1288 O  O   . HOH G 7 .   ? -18.000 3.030   2.709   1.00 37.62 ? 2227 HOH A O   1 
HETATM 1289 O  O   . HOH G 7 .   ? -19.851 1.096   13.778  1.00 34.75 ? 2228 HOH A O   1 
HETATM 1290 O  O   . HOH G 7 .   ? -3.395  4.161   -13.328 1.00 22.48 ? 2229 HOH A O   1 
HETATM 1291 O  O   . HOH G 7 .   ? 0.560   8.353   -12.992 1.00 42.76 ? 2230 HOH A O   1 
HETATM 1292 O  O   . HOH G 7 .   ? -7.205  5.916   -15.234 1.00 28.39 ? 2231 HOH A O   1 
HETATM 1293 O  O   . HOH G 7 .   ? -3.257  1.299   -10.984 1.00 21.23 ? 2232 HOH A O   1 
HETATM 1294 O  O   . HOH G 7 .   ? -0.351  1.628   -13.262 1.00 20.43 ? 2233 HOH A O   1 
HETATM 1295 O  O   . HOH G 7 .   ? -0.813  9.618   -14.843 1.00 30.34 ? 2234 HOH A O   1 
HETATM 1296 O  O   . HOH G 7 .   ? -2.938  13.074  -16.376 1.00 32.74 ? 2235 HOH A O   1 
HETATM 1297 O  O   . HOH G 7 .   ? 0.141   5.890   -13.355 1.00 32.27 ? 2236 HOH A O   1 
HETATM 1298 O  O   . HOH G 7 .   ? -9.735  -11.485 4.509   1.00 39.76 ? 2237 HOH A O   1 
# 
loop_
_pdbx_poly_seq_scheme.asym_id 
_pdbx_poly_seq_scheme.entity_id 
_pdbx_poly_seq_scheme.seq_id 
_pdbx_poly_seq_scheme.mon_id 
_pdbx_poly_seq_scheme.ndb_seq_num 
_pdbx_poly_seq_scheme.pdb_seq_num 
_pdbx_poly_seq_scheme.auth_seq_num 
_pdbx_poly_seq_scheme.pdb_mon_id 
_pdbx_poly_seq_scheme.auth_mon_id 
_pdbx_poly_seq_scheme.pdb_strand_id 
_pdbx_poly_seq_scheme.pdb_ins_code 
_pdbx_poly_seq_scheme.hetero 
A 1 1   MET 1   -19 ?   ?   ?   A . n 
A 1 2   GLY 2   -18 ?   ?   ?   A . n 
A 1 3   SER 3   -17 ?   ?   ?   A . n 
A 1 4   SER 4   -16 ?   ?   ?   A . n 
A 1 5   HIS 5   -15 ?   ?   ?   A . n 
A 1 6   HIS 6   -14 ?   ?   ?   A . n 
A 1 7   HIS 7   -13 ?   ?   ?   A . n 
A 1 8   HIS 8   -12 ?   ?   ?   A . n 
A 1 9   HIS 9   -11 ?   ?   ?   A . n 
A 1 10  HIS 10  -10 ?   ?   ?   A . n 
A 1 11  SER 11  -9  ?   ?   ?   A . n 
A 1 12  SER 12  -8  ?   ?   ?   A . n 
A 1 13  GLY 13  -7  ?   ?   ?   A . n 
A 1 14  LEU 14  -6  ?   ?   ?   A . n 
A 1 15  VAL 15  -5  ?   ?   ?   A . n 
A 1 16  PRO 16  -4  ?   ?   ?   A . n 
A 1 17  ARG 17  -3  ?   ?   ?   A . n 
A 1 18  GLY 18  -2  ?   ?   ?   A . n 
A 1 19  SER 19  -1  ?   ?   ?   A . n 
A 1 20  HIS 20  0   ?   ?   ?   A . n 
A 1 21  MET 21  1   1   MET MET A . n 
A 1 22  SER 22  2   2   SER SER A . n 
A 1 23  ILE 23  3   3   ILE ILE A . n 
A 1 24  ILE 24  4   4   ILE ILE A . n 
A 1 25  GLY 25  5   5   GLY GLY A . n 
A 1 26  VAL 26  6   6   VAL VAL A . n 
A 1 27  GLY 27  7   7   GLY GLY A . n 
A 1 28  ILE 28  8   8   ILE ILE A . n 
A 1 29  ASP 29  9   9   ASP ASP A . n 
A 1 30  VAL 30  10  10  VAL VAL A . n 
A 1 31  ALA 31  11  11  ALA ALA A . n 
A 1 32  GLU 32  12  12  GLU GLU A . n 
A 1 33  VAL 33  13  13  VAL VAL A . n 
A 1 34  GLU 34  14  14  GLU GLU A . n 
A 1 35  ARG 35  15  15  ARG ARG A . n 
A 1 36  PHE 36  16  16  PHE PHE A . n 
A 1 37  GLY 37  17  17  GLY GLY A . n 
A 1 38  ALA 38  18  18  ALA ALA A . n 
A 1 39  ALA 39  19  19  ALA ALA A . n 
A 1 40  LEU 40  20  20  LEU LEU A . n 
A 1 41  GLU 41  21  21  GLU GLU A . n 
A 1 42  ARG 42  22  22  ARG ARG A . n 
A 1 43  THR 43  23  23  THR THR A . n 
A 1 44  PRO 44  24  24  PRO PRO A . n 
A 1 45  ALA 45  25  25  ALA ALA A . n 
A 1 46  LEU 46  26  26  LEU LEU A . n 
A 1 47  ALA 47  27  27  ALA ALA A . n 
A 1 48  GLY 48  28  28  GLY GLY A . n 
A 1 49  ARG 49  29  29  ARG ARG A . n 
A 1 50  LEU 50  30  30  LEU LEU A . n 
A 1 51  PHE 51  31  31  PHE PHE A . n 
A 1 52  LEU 52  32  32  LEU LEU A . n 
A 1 53  GLU 53  33  33  GLU GLU A . n 
A 1 54  SER 54  34  34  SER SER A . n 
A 1 55  GLU 55  35  35  GLU GLU A . n 
A 1 56  LEU 56  36  36  LEU LEU A . n 
A 1 57  LEU 57  37  37  LEU LEU A . n 
A 1 58  LEU 58  38  38  LEU LEU A . n 
A 1 59  PRO 59  39  39  PRO PRO A . n 
A 1 60  GLY 60  40  40  GLY GLY A . n 
A 1 61  GLY 61  41  41  GLY GLY A . n 
A 1 62  GLU 62  42  42  GLU GLU A . n 
A 1 63  ARG 63  43  43  ARG ARG A . n 
A 1 64  ARG 64  44  44  ARG ARG A . n 
A 1 65  GLY 65  45  45  GLY GLY A . n 
A 1 66  VAL 66  46  46  VAL VAL A . n 
A 1 67  ALA 67  47  47  ALA ALA A . n 
A 1 68  SER 68  48  48  SER SER A . n 
A 1 69  LEU 69  49  49  LEU LEU A . n 
A 1 70  ALA 70  50  50  ALA ALA A . n 
A 1 71  ALA 71  51  51  ALA ALA A . n 
A 1 72  ARG 72  52  52  ARG ARG A . n 
A 1 73  PHE 73  53  53  PHE PHE A . n 
A 1 74  ALA 74  54  54  ALA ALA A . n 
A 1 75  ALA 75  55  55  ALA ALA A . n 
A 1 76  LYS 76  56  56  LYS LYS A . n 
A 1 77  GLU 77  57  57  GLU GLU A . n 
A 1 78  ALA 78  58  58  ALA ALA A . n 
A 1 79  LEU 79  59  59  LEU LEU A . n 
A 1 80  ALA 80  60  60  ALA ALA A . n 
A 1 81  LYS 81  61  61  LYS LYS A . n 
A 1 82  ALA 82  62  62  ALA ALA A . n 
A 1 83  LEU 83  63  63  LEU LEU A . n 
A 1 84  GLY 84  64  64  GLY GLY A . n 
A 1 85  ALA 85  65  65  ALA ALA A . n 
A 1 86  PRO 86  66  66  PRO PRO A . n 
A 1 87  ALA 87  67  67  ALA ALA A . n 
A 1 88  GLY 88  68  68  GLY GLY A . n 
A 1 89  LEU 89  69  69  LEU LEU A . n 
A 1 90  LEU 90  70  70  LEU LEU A . n 
A 1 91  TRP 91  71  71  TRP TRP A . n 
A 1 92  THR 92  72  72  THR THR A . n 
A 1 93  ASP 93  73  73  ASP ASP A . n 
A 1 94  ALA 94  74  74  ALA ALA A . n 
A 1 95  GLU 95  75  75  GLU GLU A . n 
A 1 96  VAL 96  76  76  VAL VAL A . n 
A 1 97  TRP 97  77  77  TRP TRP A . n 
A 1 98  VAL 98  78  78  VAL VAL A . n 
A 1 99  GLU 99  79  79  GLU GLU A . n 
A 1 100 ALA 100 80  80  ALA ALA A . n 
A 1 101 GLY 101 81  81  GLY GLY A . n 
A 1 102 GLY 102 82  82  GLY GLY A . n 
A 1 103 ARG 103 83  83  ARG ARG A . n 
A 1 104 PRO 104 84  84  PRO PRO A . n 
A 1 105 ARG 105 85  85  ARG ARG A . n 
A 1 106 LEU 106 86  86  LEU LEU A . n 
A 1 107 ARG 107 87  87  ARG ARG A . n 
A 1 108 VAL 108 88  88  VAL VAL A . n 
A 1 109 THR 109 89  89  THR THR A . n 
A 1 110 GLY 110 90  90  GLY GLY A . n 
A 1 111 THR 111 91  91  THR THR A . n 
A 1 112 VAL 112 92  92  VAL VAL A . n 
A 1 113 ALA 113 93  93  ALA ALA A . n 
A 1 114 ALA 114 94  94  ALA ALA A . n 
A 1 115 ARG 115 95  95  ARG ARG A . n 
A 1 116 ALA 116 96  96  ALA ALA A . n 
A 1 117 ALA 117 97  97  ALA ALA A . n 
A 1 118 GLU 118 98  98  GLU GLU A . n 
A 1 119 LEU 119 99  99  LEU LEU A . n 
A 1 120 GLY 120 100 100 GLY GLY A . n 
A 1 121 VAL 121 101 101 VAL VAL A . n 
A 1 122 ALA 122 102 102 ALA ALA A . n 
A 1 123 SER 123 103 103 SER SER A . n 
A 1 124 TRP 124 104 104 TRP TRP A . n 
A 1 125 HIS 125 105 105 HIS HIS A . n 
A 1 126 VAL 126 106 106 VAL VAL A . n 
A 1 127 SER 127 107 107 SER SER A . n 
A 1 128 LEU 128 108 108 LEU LEU A . n 
A 1 129 SER 129 109 109 SER SER A . n 
A 1 130 HIS 130 110 110 HIS HIS A . n 
A 1 131 ASP 131 111 111 ASP ASP A . n 
A 1 132 ALA 132 112 112 ALA ALA A . n 
A 1 133 GLY 133 113 113 GLY GLY A . n 
A 1 134 ILE 134 114 114 ILE ILE A . n 
A 1 135 ALA 135 115 115 ALA ALA A . n 
A 1 136 SER 136 116 116 SER SER A . n 
A 1 137 ALA 137 117 117 ALA ALA A . n 
A 1 138 VAL 138 118 118 VAL VAL A . n 
A 1 139 VAL 139 119 119 VAL VAL A . n 
A 1 140 ILE 140 120 120 ILE ILE A . n 
A 1 141 ALA 141 121 121 ALA ALA A . n 
A 1 142 GLU 142 122 122 GLU GLU A . n 
A 1 143 GLY 143 123 123 GLY GLY A . n 
# 
loop_
_pdbx_nonpoly_scheme.asym_id 
_pdbx_nonpoly_scheme.entity_id 
_pdbx_nonpoly_scheme.mon_id 
_pdbx_nonpoly_scheme.ndb_seq_num 
_pdbx_nonpoly_scheme.pdb_seq_num 
_pdbx_nonpoly_scheme.auth_seq_num 
_pdbx_nonpoly_scheme.pdb_mon_id 
_pdbx_nonpoly_scheme.auth_mon_id 
_pdbx_nonpoly_scheme.pdb_strand_id 
_pdbx_nonpoly_scheme.pdb_ins_code 
B 2 MG  1   1124 1124 MG  MG  A . 
C 3 ACO 1   1125 1125 ACO ACO A . 
D 4 COA 1   1126 1126 COA COA A . 
E 5 GOL 1   1127 1127 GOL GOL A . 
F 6 SO4 1   1128 1128 SO4 SO4 A . 
G 7 HOH 1   2001 2001 HOH HOH A . 
G 7 HOH 2   2002 2002 HOH HOH A . 
G 7 HOH 3   2003 2003 HOH HOH A . 
G 7 HOH 4   2004 2004 HOH HOH A . 
G 7 HOH 5   2005 2005 HOH HOH A . 
G 7 HOH 6   2006 2006 HOH HOH A . 
G 7 HOH 7   2007 2007 HOH HOH A . 
G 7 HOH 8   2008 2008 HOH HOH A . 
G 7 HOH 9   2009 2009 HOH HOH A . 
G 7 HOH 10  2010 2010 HOH HOH A . 
G 7 HOH 11  2011 2011 HOH HOH A . 
G 7 HOH 12  2012 2012 HOH HOH A . 
G 7 HOH 13  2013 2013 HOH HOH A . 
G 7 HOH 14  2014 2014 HOH HOH A . 
G 7 HOH 15  2015 2015 HOH HOH A . 
G 7 HOH 16  2016 2016 HOH HOH A . 
G 7 HOH 17  2017 2017 HOH HOH A . 
G 7 HOH 18  2018 2018 HOH HOH A . 
G 7 HOH 19  2019 2019 HOH HOH A . 
G 7 HOH 20  2020 2020 HOH HOH A . 
G 7 HOH 21  2021 2021 HOH HOH A . 
G 7 HOH 22  2022 2022 HOH HOH A . 
G 7 HOH 23  2023 2023 HOH HOH A . 
G 7 HOH 24  2024 2024 HOH HOH A . 
G 7 HOH 25  2025 2025 HOH HOH A . 
G 7 HOH 26  2026 2026 HOH HOH A . 
G 7 HOH 27  2027 2027 HOH HOH A . 
G 7 HOH 28  2028 2028 HOH HOH A . 
G 7 HOH 29  2029 2029 HOH HOH A . 
G 7 HOH 30  2030 2030 HOH HOH A . 
G 7 HOH 31  2031 2031 HOH HOH A . 
G 7 HOH 32  2032 2032 HOH HOH A . 
G 7 HOH 33  2033 2033 HOH HOH A . 
G 7 HOH 34  2034 2034 HOH HOH A . 
G 7 HOH 35  2035 2035 HOH HOH A . 
G 7 HOH 36  2036 2036 HOH HOH A . 
G 7 HOH 37  2037 2037 HOH HOH A . 
G 7 HOH 38  2038 2038 HOH HOH A . 
G 7 HOH 39  2039 2039 HOH HOH A . 
G 7 HOH 40  2040 2040 HOH HOH A . 
G 7 HOH 41  2041 2041 HOH HOH A . 
G 7 HOH 42  2042 2042 HOH HOH A . 
G 7 HOH 43  2043 2043 HOH HOH A . 
G 7 HOH 44  2044 2044 HOH HOH A . 
G 7 HOH 45  2045 2045 HOH HOH A . 
G 7 HOH 46  2046 2046 HOH HOH A . 
G 7 HOH 47  2047 2047 HOH HOH A . 
G 7 HOH 48  2048 2048 HOH HOH A . 
G 7 HOH 49  2049 2049 HOH HOH A . 
G 7 HOH 50  2050 2050 HOH HOH A . 
G 7 HOH 51  2051 2051 HOH HOH A . 
G 7 HOH 52  2052 2052 HOH HOH A . 
G 7 HOH 53  2053 2053 HOH HOH A . 
G 7 HOH 54  2054 2054 HOH HOH A . 
G 7 HOH 55  2055 2055 HOH HOH A . 
G 7 HOH 56  2056 2056 HOH HOH A . 
G 7 HOH 57  2057 2057 HOH HOH A . 
G 7 HOH 58  2058 2058 HOH HOH A . 
G 7 HOH 59  2059 2059 HOH HOH A . 
G 7 HOH 60  2060 2060 HOH HOH A . 
G 7 HOH 61  2061 2061 HOH HOH A . 
G 7 HOH 62  2062 2062 HOH HOH A . 
G 7 HOH 63  2063 2063 HOH HOH A . 
G 7 HOH 64  2064 2064 HOH HOH A . 
G 7 HOH 65  2065 2065 HOH HOH A . 
G 7 HOH 66  2066 2066 HOH HOH A . 
G 7 HOH 67  2067 2067 HOH HOH A . 
G 7 HOH 68  2068 2068 HOH HOH A . 
G 7 HOH 69  2069 2069 HOH HOH A . 
G 7 HOH 70  2070 2070 HOH HOH A . 
G 7 HOH 71  2071 2071 HOH HOH A . 
G 7 HOH 72  2072 2072 HOH HOH A . 
G 7 HOH 73  2073 2073 HOH HOH A . 
G 7 HOH 74  2074 2074 HOH HOH A . 
G 7 HOH 75  2075 2075 HOH HOH A . 
G 7 HOH 76  2076 2076 HOH HOH A . 
G 7 HOH 77  2077 2077 HOH HOH A . 
G 7 HOH 78  2078 2078 HOH HOH A . 
G 7 HOH 79  2079 2079 HOH HOH A . 
G 7 HOH 80  2080 2080 HOH HOH A . 
G 7 HOH 81  2081 2081 HOH HOH A . 
G 7 HOH 82  2082 2082 HOH HOH A . 
G 7 HOH 83  2083 2083 HOH HOH A . 
G 7 HOH 84  2084 2084 HOH HOH A . 
G 7 HOH 85  2085 2085 HOH HOH A . 
G 7 HOH 86  2086 2086 HOH HOH A . 
G 7 HOH 87  2087 2087 HOH HOH A . 
G 7 HOH 88  2088 2088 HOH HOH A . 
G 7 HOH 89  2089 2089 HOH HOH A . 
G 7 HOH 90  2090 2090 HOH HOH A . 
G 7 HOH 91  2091 2091 HOH HOH A . 
G 7 HOH 92  2092 2092 HOH HOH A . 
G 7 HOH 93  2093 2093 HOH HOH A . 
G 7 HOH 94  2094 2094 HOH HOH A . 
G 7 HOH 95  2095 2095 HOH HOH A . 
G 7 HOH 96  2096 2096 HOH HOH A . 
G 7 HOH 97  2097 2097 HOH HOH A . 
G 7 HOH 98  2098 2098 HOH HOH A . 
G 7 HOH 99  2099 2099 HOH HOH A . 
G 7 HOH 100 2100 2100 HOH HOH A . 
G 7 HOH 101 2101 2101 HOH HOH A . 
G 7 HOH 102 2102 2102 HOH HOH A . 
G 7 HOH 103 2103 2103 HOH HOH A . 
G 7 HOH 104 2104 2104 HOH HOH A . 
G 7 HOH 105 2105 2105 HOH HOH A . 
G 7 HOH 106 2106 2106 HOH HOH A . 
G 7 HOH 107 2107 2107 HOH HOH A . 
G 7 HOH 108 2108 2108 HOH HOH A . 
G 7 HOH 109 2109 2109 HOH HOH A . 
G 7 HOH 110 2110 2110 HOH HOH A . 
G 7 HOH 111 2111 2111 HOH HOH A . 
G 7 HOH 112 2112 2112 HOH HOH A . 
G 7 HOH 113 2113 2113 HOH HOH A . 
G 7 HOH 114 2114 2114 HOH HOH A . 
G 7 HOH 115 2115 2115 HOH HOH A . 
G 7 HOH 116 2116 2116 HOH HOH A . 
G 7 HOH 117 2117 2117 HOH HOH A . 
G 7 HOH 118 2118 2118 HOH HOH A . 
G 7 HOH 119 2119 2119 HOH HOH A . 
G 7 HOH 120 2120 2120 HOH HOH A . 
G 7 HOH 121 2121 2121 HOH HOH A . 
G 7 HOH 122 2122 2122 HOH HOH A . 
G 7 HOH 123 2123 2123 HOH HOH A . 
G 7 HOH 124 2124 2124 HOH HOH A . 
G 7 HOH 125 2125 2125 HOH HOH A . 
G 7 HOH 126 2126 2126 HOH HOH A . 
G 7 HOH 127 2127 2127 HOH HOH A . 
G 7 HOH 128 2128 2128 HOH HOH A . 
G 7 HOH 129 2129 2129 HOH HOH A . 
G 7 HOH 130 2130 2130 HOH HOH A . 
G 7 HOH 131 2131 2131 HOH HOH A . 
G 7 HOH 132 2132 2132 HOH HOH A . 
G 7 HOH 133 2133 2133 HOH HOH A . 
G 7 HOH 134 2134 2134 HOH HOH A . 
G 7 HOH 135 2135 2135 HOH HOH A . 
G 7 HOH 136 2136 2136 HOH HOH A . 
G 7 HOH 137 2137 2137 HOH HOH A . 
G 7 HOH 138 2138 2138 HOH HOH A . 
G 7 HOH 139 2139 2139 HOH HOH A . 
G 7 HOH 140 2140 2140 HOH HOH A . 
G 7 HOH 141 2141 2141 HOH HOH A . 
G 7 HOH 142 2142 2142 HOH HOH A . 
G 7 HOH 143 2143 2143 HOH HOH A . 
G 7 HOH 144 2144 2144 HOH HOH A . 
G 7 HOH 145 2145 2145 HOH HOH A . 
G 7 HOH 146 2146 2146 HOH HOH A . 
G 7 HOH 147 2147 2147 HOH HOH A . 
G 7 HOH 148 2148 2148 HOH HOH A . 
G 7 HOH 149 2149 2149 HOH HOH A . 
G 7 HOH 150 2150 2150 HOH HOH A . 
G 7 HOH 151 2151 2151 HOH HOH A . 
G 7 HOH 152 2152 2152 HOH HOH A . 
G 7 HOH 153 2153 2153 HOH HOH A . 
G 7 HOH 154 2154 2154 HOH HOH A . 
G 7 HOH 155 2155 2155 HOH HOH A . 
G 7 HOH 156 2156 2156 HOH HOH A . 
G 7 HOH 157 2157 2157 HOH HOH A . 
G 7 HOH 158 2158 2158 HOH HOH A . 
G 7 HOH 159 2159 2159 HOH HOH A . 
G 7 HOH 160 2160 2160 HOH HOH A . 
G 7 HOH 161 2161 2161 HOH HOH A . 
G 7 HOH 162 2162 2162 HOH HOH A . 
G 7 HOH 163 2163 2163 HOH HOH A . 
G 7 HOH 164 2164 2164 HOH HOH A . 
G 7 HOH 165 2165 2165 HOH HOH A . 
G 7 HOH 166 2166 2166 HOH HOH A . 
G 7 HOH 167 2167 2167 HOH HOH A . 
G 7 HOH 168 2168 2168 HOH HOH A . 
G 7 HOH 169 2169 2169 HOH HOH A . 
G 7 HOH 170 2170 2170 HOH HOH A . 
G 7 HOH 171 2171 2171 HOH HOH A . 
G 7 HOH 172 2172 2172 HOH HOH A . 
G 7 HOH 173 2173 2173 HOH HOH A . 
G 7 HOH 174 2174 2174 HOH HOH A . 
G 7 HOH 175 2175 2175 HOH HOH A . 
G 7 HOH 176 2176 2176 HOH HOH A . 
G 7 HOH 177 2177 2177 HOH HOH A . 
G 7 HOH 178 2178 2178 HOH HOH A . 
G 7 HOH 179 2179 2179 HOH HOH A . 
G 7 HOH 180 2180 2180 HOH HOH A . 
G 7 HOH 181 2181 2181 HOH HOH A . 
G 7 HOH 182 2182 2182 HOH HOH A . 
G 7 HOH 183 2183 2183 HOH HOH A . 
G 7 HOH 184 2184 2184 HOH HOH A . 
G 7 HOH 185 2185 2185 HOH HOH A . 
G 7 HOH 186 2186 2186 HOH HOH A . 
G 7 HOH 187 2187 2187 HOH HOH A . 
G 7 HOH 188 2188 2188 HOH HOH A . 
G 7 HOH 189 2189 2189 HOH HOH A . 
G 7 HOH 190 2190 2190 HOH HOH A . 
G 7 HOH 191 2191 2191 HOH HOH A . 
G 7 HOH 192 2192 2192 HOH HOH A . 
G 7 HOH 193 2193 2193 HOH HOH A . 
G 7 HOH 194 2194 2194 HOH HOH A . 
G 7 HOH 195 2195 2195 HOH HOH A . 
G 7 HOH 196 2196 2196 HOH HOH A . 
G 7 HOH 197 2197 2197 HOH HOH A . 
G 7 HOH 198 2198 2198 HOH HOH A . 
G 7 HOH 199 2199 2199 HOH HOH A . 
G 7 HOH 200 2200 2200 HOH HOH A . 
G 7 HOH 201 2201 2201 HOH HOH A . 
G 7 HOH 202 2202 2202 HOH HOH A . 
G 7 HOH 203 2203 2203 HOH HOH A . 
G 7 HOH 204 2204 2204 HOH HOH A . 
G 7 HOH 205 2205 2205 HOH HOH A . 
G 7 HOH 206 2206 2206 HOH HOH A . 
G 7 HOH 207 2207 2207 HOH HOH A . 
G 7 HOH 208 2208 2208 HOH HOH A . 
G 7 HOH 209 2209 2209 HOH HOH A . 
G 7 HOH 210 2210 2210 HOH HOH A . 
G 7 HOH 211 2211 2211 HOH HOH A . 
G 7 HOH 212 2212 2212 HOH HOH A . 
G 7 HOH 213 2213 2213 HOH HOH A . 
G 7 HOH 214 2214 2214 HOH HOH A . 
G 7 HOH 215 2215 2215 HOH HOH A . 
G 7 HOH 216 2216 2216 HOH HOH A . 
G 7 HOH 217 2217 2217 HOH HOH A . 
G 7 HOH 218 2218 2218 HOH HOH A . 
G 7 HOH 219 2219 2219 HOH HOH A . 
G 7 HOH 220 2220 2220 HOH HOH A . 
G 7 HOH 221 2221 2221 HOH HOH A . 
G 7 HOH 222 2222 2222 HOH HOH A . 
G 7 HOH 223 2223 2223 HOH HOH A . 
G 7 HOH 224 2224 2224 HOH HOH A . 
G 7 HOH 225 2225 2225 HOH HOH A . 
G 7 HOH 226 2226 2226 HOH HOH A . 
G 7 HOH 227 2227 2227 HOH HOH A . 
G 7 HOH 228 2228 2228 HOH HOH A . 
G 7 HOH 229 2229 2229 HOH HOH A . 
G 7 HOH 230 2230 2230 HOH HOH A . 
G 7 HOH 231 2231 2231 HOH HOH A . 
G 7 HOH 232 2232 2232 HOH HOH A . 
G 7 HOH 233 2233 2233 HOH HOH A . 
G 7 HOH 234 2234 2234 HOH HOH A . 
G 7 HOH 235 2235 2235 HOH HOH A . 
G 7 HOH 236 2236 2236 HOH HOH A . 
G 7 HOH 237 2237 2237 HOH HOH A . 
# 
_pdbx_struct_assembly.id                   1 
_pdbx_struct_assembly.details              software_defined_assembly 
_pdbx_struct_assembly.method_details       PISA 
_pdbx_struct_assembly.oligomeric_details   trimeric 
_pdbx_struct_assembly.oligomeric_count     3 
# 
_pdbx_struct_assembly_gen.assembly_id       1 
_pdbx_struct_assembly_gen.oper_expression   1,2,3 
_pdbx_struct_assembly_gen.asym_id_list      A,B,C,D,E,F,G 
# 
loop_
_pdbx_struct_assembly_prop.biol_id 
_pdbx_struct_assembly_prop.type 
_pdbx_struct_assembly_prop.value 
_pdbx_struct_assembly_prop.details 
1 'ABSA (A^2)' 13370  ? 
1 MORE         -111.9 ? 
1 'SSA (A^2)'  13970  ? 
# 
loop_
_pdbx_struct_oper_list.id 
_pdbx_struct_oper_list.type 
_pdbx_struct_oper_list.name 
_pdbx_struct_oper_list.symmetry_operation 
_pdbx_struct_oper_list.matrix[1][1] 
_pdbx_struct_oper_list.matrix[1][2] 
_pdbx_struct_oper_list.matrix[1][3] 
_pdbx_struct_oper_list.vector[1] 
_pdbx_struct_oper_list.matrix[2][1] 
_pdbx_struct_oper_list.matrix[2][2] 
_pdbx_struct_oper_list.matrix[2][3] 
_pdbx_struct_oper_list.vector[2] 
_pdbx_struct_oper_list.matrix[3][1] 
_pdbx_struct_oper_list.matrix[3][2] 
_pdbx_struct_oper_list.matrix[3][3] 
_pdbx_struct_oper_list.vector[3] 
1 'identity operation'         1_555  x,y,z           1.0000000000 0.0000000000 0.0000000000  0.0000000000  0.0000000000 1.0000000000  0.0000000000  0.0000000000  0.0000000000  0.0000000000  1.0000000000  0.0000000000  
2 'crystal symmetry operation' 10_545 -y,z-1/2,-x+1/2 0.6999589059 0.0488725606 -0.7125089493 -0.0511785876 0.6694303008 -0.3925048604 0.6307162650  19.8629797551 -0.2488385068 -0.9184505471 -0.3074540455 14.7135259976 
3 'crystal symmetry operation' 7_555  -z+1/2,-x,y+1/2 0.6999589059 0.6694303008 -0.2488385068 -9.5997657646 0.0488725606 -0.3925048604 -0.9184505471 21.3124633256 -0.7125089493 0.6307162650  -0.3074540455 -8.0406365136 
# 
loop_
_pdbx_struct_special_symmetry.id 
_pdbx_struct_special_symmetry.PDB_model_num 
_pdbx_struct_special_symmetry.auth_asym_id 
_pdbx_struct_special_symmetry.auth_comp_id 
_pdbx_struct_special_symmetry.auth_seq_id 
_pdbx_struct_special_symmetry.PDB_ins_code 
_pdbx_struct_special_symmetry.label_asym_id 
_pdbx_struct_special_symmetry.label_comp_id 
_pdbx_struct_special_symmetry.label_seq_id 
1 1 A GOL 1127 ? E GOL . 
2 1 A GOL 1127 ? E GOL . 
3 1 A SO4 1128 ? F SO4 . 
4 1 A SO4 1128 ? F SO4 . 
5 1 A HOH 2096 ? G HOH . 
6 1 A HOH 2117 ? G HOH . 
7 1 A HOH 2119 ? G HOH . 
# 
_pdbx_struct_conn_angle.id                    1 
_pdbx_struct_conn_angle.ptnr1_label_atom_id   O 
_pdbx_struct_conn_angle.ptnr1_label_alt_id    ? 
_pdbx_struct_conn_angle.ptnr1_label_asym_id   A 
_pdbx_struct_conn_angle.ptnr1_label_comp_id   VAL 
_pdbx_struct_conn_angle.ptnr1_label_seq_id    30 
_pdbx_struct_conn_angle.ptnr1_auth_atom_id    ? 
_pdbx_struct_conn_angle.ptnr1_auth_asym_id    A 
_pdbx_struct_conn_angle.ptnr1_auth_comp_id    VAL 
_pdbx_struct_conn_angle.ptnr1_auth_seq_id     10 
_pdbx_struct_conn_angle.ptnr1_PDB_ins_code    ? 
_pdbx_struct_conn_angle.ptnr1_symmetry        7_555 
_pdbx_struct_conn_angle.ptnr2_label_atom_id   MG 
_pdbx_struct_conn_angle.ptnr2_label_alt_id    ? 
_pdbx_struct_conn_angle.ptnr2_label_asym_id   B 
_pdbx_struct_conn_angle.ptnr2_label_comp_id   MG 
_pdbx_struct_conn_angle.ptnr2_label_seq_id    . 
_pdbx_struct_conn_angle.ptnr2_auth_atom_id    ? 
_pdbx_struct_conn_angle.ptnr2_auth_asym_id    A 
_pdbx_struct_conn_angle.ptnr2_auth_comp_id    MG 
_pdbx_struct_conn_angle.ptnr2_auth_seq_id     1124 
_pdbx_struct_conn_angle.ptnr2_PDB_ins_code    ? 
_pdbx_struct_conn_angle.ptnr2_symmetry        1_555 
_pdbx_struct_conn_angle.ptnr3_label_atom_id   O 
_pdbx_struct_conn_angle.ptnr3_label_alt_id    ? 
_pdbx_struct_conn_angle.ptnr3_label_asym_id   G 
_pdbx_struct_conn_angle.ptnr3_label_comp_id   HOH 
_pdbx_struct_conn_angle.ptnr3_label_seq_id    . 
_pdbx_struct_conn_angle.ptnr3_auth_atom_id    ? 
_pdbx_struct_conn_angle.ptnr3_auth_asym_id    A 
_pdbx_struct_conn_angle.ptnr3_auth_comp_id    HOH 
_pdbx_struct_conn_angle.ptnr3_auth_seq_id     2016 
_pdbx_struct_conn_angle.ptnr3_PDB_ins_code    ? 
_pdbx_struct_conn_angle.ptnr3_symmetry        7_555 
_pdbx_struct_conn_angle.value                 99.8 
_pdbx_struct_conn_angle.value_esd             ? 
# 
loop_
_pdbx_audit_revision_history.ordinal 
_pdbx_audit_revision_history.data_content_type 
_pdbx_audit_revision_history.major_revision 
_pdbx_audit_revision_history.minor_revision 
_pdbx_audit_revision_history.revision_date 
1 'Structure model' 1 0 2010-04-21 
2 'Structure model' 1 1 2011-11-16 
3 'Structure model' 1 2 2023-12-13 
# 
_pdbx_audit_revision_details.ordinal             1 
_pdbx_audit_revision_details.revision_ordinal    1 
_pdbx_audit_revision_details.data_content_type   'Structure model' 
_pdbx_audit_revision_details.provider            repository 
_pdbx_audit_revision_details.type                'Initial release' 
_pdbx_audit_revision_details.description         ? 
_pdbx_audit_revision_details.details             ? 
# 
loop_
_pdbx_audit_revision_group.ordinal 
_pdbx_audit_revision_group.revision_ordinal 
_pdbx_audit_revision_group.data_content_type 
_pdbx_audit_revision_group.group 
1  2 'Structure model' 'Atomic model'              
2  2 'Structure model' 'Database references'       
3  2 'Structure model' 'Derived calculations'      
4  2 'Structure model' 'Non-polymer description'   
5  2 'Structure model' Other                       
6  2 'Structure model' 'Version format compliance' 
7  3 'Structure model' 'Data collection'           
8  3 'Structure model' 'Database references'       
9  3 'Structure model' 'Derived calculations'      
10 3 'Structure model' Other                       
11 3 'Structure model' 'Refinement description'    
# 
loop_
_pdbx_audit_revision_category.ordinal 
_pdbx_audit_revision_category.revision_ordinal 
_pdbx_audit_revision_category.data_content_type 
_pdbx_audit_revision_category.category 
1 3 'Structure model' chem_comp_atom                
2 3 'Structure model' chem_comp_bond                
3 3 'Structure model' database_2                    
4 3 'Structure model' pdbx_database_status          
5 3 'Structure model' pdbx_initial_refinement_model 
6 3 'Structure model' struct_conn                   
7 3 'Structure model' struct_site                   
# 
loop_
_pdbx_audit_revision_item.ordinal 
_pdbx_audit_revision_item.revision_ordinal 
_pdbx_audit_revision_item.data_content_type 
_pdbx_audit_revision_item.item 
1  3 'Structure model' '_database_2.pdbx_DOI'                 
2  3 'Structure model' '_database_2.pdbx_database_accession'  
3  3 'Structure model' '_pdbx_database_status.status_code_sf' 
4  3 'Structure model' '_struct_conn.ptnr1_auth_comp_id'      
5  3 'Structure model' '_struct_conn.ptnr1_auth_seq_id'       
6  3 'Structure model' '_struct_conn.ptnr1_label_asym_id'     
7  3 'Structure model' '_struct_conn.ptnr1_label_atom_id'     
8  3 'Structure model' '_struct_conn.ptnr1_label_comp_id'     
9  3 'Structure model' '_struct_conn.ptnr1_label_seq_id'      
10 3 'Structure model' '_struct_conn.ptnr1_symmetry'          
11 3 'Structure model' '_struct_conn.ptnr2_auth_comp_id'      
12 3 'Structure model' '_struct_conn.ptnr2_auth_seq_id'       
13 3 'Structure model' '_struct_conn.ptnr2_label_asym_id'     
14 3 'Structure model' '_struct_conn.ptnr2_label_atom_id'     
15 3 'Structure model' '_struct_conn.ptnr2_label_comp_id'     
16 3 'Structure model' '_struct_conn.ptnr2_label_seq_id'      
17 3 'Structure model' '_struct_conn.ptnr2_symmetry'          
18 3 'Structure model' '_struct_site.pdbx_auth_asym_id'       
19 3 'Structure model' '_struct_site.pdbx_auth_comp_id'       
20 3 'Structure model' '_struct_site.pdbx_auth_seq_id'        
# 
loop_
_software.name 
_software.classification 
_software.version 
_software.citation_id 
_software.pdbx_ordinal 
REFMAC    refinement       5.2.0019 ? 1 
DENZO     'data reduction' .        ? 2 
SCALEPACK 'data scaling'   .        ? 3 
PHASER    phasing          .        ? 4 
# 
_pdbx_entry_details.entry_id                 2WDO 
_pdbx_entry_details.compound_details         ? 
_pdbx_entry_details.source_details           ? 
_pdbx_entry_details.nonpolymer_details       'COENZYME A (COA): PRESENT AS CONTAMINATION' 
_pdbx_entry_details.sequence_details         ? 
_pdbx_entry_details.has_ligand_of_interest   ? 
# 
loop_
_pdbx_validate_close_contact.id 
_pdbx_validate_close_contact.PDB_model_num 
_pdbx_validate_close_contact.auth_atom_id_1 
_pdbx_validate_close_contact.auth_asym_id_1 
_pdbx_validate_close_contact.auth_comp_id_1 
_pdbx_validate_close_contact.auth_seq_id_1 
_pdbx_validate_close_contact.PDB_ins_code_1 
_pdbx_validate_close_contact.label_alt_id_1 
_pdbx_validate_close_contact.auth_atom_id_2 
_pdbx_validate_close_contact.auth_asym_id_2 
_pdbx_validate_close_contact.auth_comp_id_2 
_pdbx_validate_close_contact.auth_seq_id_2 
_pdbx_validate_close_contact.PDB_ins_code_2 
_pdbx_validate_close_contact.label_alt_id_2 
_pdbx_validate_close_contact.dist 
1 1 O   A HOH 2210 ? ? O A HOH 2211 ? ? 1.61 
2 1 OE1 A GLU 33   ? A O A HOH 2094 ? ? 1.71 
3 1 OE2 A GLU 98   ? A O A HOH 2196 ? ? 2.01 
4 1 O   A HOH 2169 ? ? O A HOH 2231 ? ? 2.04 
5 1 O   A ARG 22   ? ? O A HOH 2059 ? ? 2.06 
6 1 O   A HOH 2052 ? ? O A HOH 2061 ? ? 2.06 
7 1 O   A HOH 2167 ? ? O A HOH 2173 ? ? 2.11 
8 1 O   A HOH 2085 ? ? O A HOH 2210 ? ? 2.15 
9 1 O   A HOH 2141 ? ? O A HOH 2145 ? ? 2.15 
# 
loop_
_pdbx_validate_symm_contact.id 
_pdbx_validate_symm_contact.PDB_model_num 
_pdbx_validate_symm_contact.auth_atom_id_1 
_pdbx_validate_symm_contact.auth_asym_id_1 
_pdbx_validate_symm_contact.auth_comp_id_1 
_pdbx_validate_symm_contact.auth_seq_id_1 
_pdbx_validate_symm_contact.PDB_ins_code_1 
_pdbx_validate_symm_contact.label_alt_id_1 
_pdbx_validate_symm_contact.site_symmetry_1 
_pdbx_validate_symm_contact.auth_atom_id_2 
_pdbx_validate_symm_contact.auth_asym_id_2 
_pdbx_validate_symm_contact.auth_comp_id_2 
_pdbx_validate_symm_contact.auth_seq_id_2 
_pdbx_validate_symm_contact.PDB_ins_code_2 
_pdbx_validate_symm_contact.label_alt_id_2 
_pdbx_validate_symm_contact.site_symmetry_2 
_pdbx_validate_symm_contact.dist 
1 1 O A HOH 2095 ? ? 1_555 O A HOH 2161 ? ? 11_455 1.98 
2 1 O A HOH 2059 ? ? 1_555 O A HOH 2143 ? ? 6_445  2.01 
3 1 O A HOH 2005 ? ? 1_555 O A HOH 2069 ? ? 2_455  2.02 
4 1 O A HOH 2094 ? ? 1_555 O A HOH 2176 ? ? 11_455 2.03 
# 
loop_
_pdbx_validate_torsion.id 
_pdbx_validate_torsion.PDB_model_num 
_pdbx_validate_torsion.auth_comp_id 
_pdbx_validate_torsion.auth_asym_id 
_pdbx_validate_torsion.auth_seq_id 
_pdbx_validate_torsion.PDB_ins_code 
_pdbx_validate_torsion.label_alt_id 
_pdbx_validate_torsion.phi 
_pdbx_validate_torsion.psi 
1 1 ALA A 65  ? ? 32.16  58.55  
2 1 ASP A 111 ? A 174.47 148.28 
# 
loop_
_pdbx_distant_solvent_atoms.id 
_pdbx_distant_solvent_atoms.PDB_model_num 
_pdbx_distant_solvent_atoms.auth_atom_id 
_pdbx_distant_solvent_atoms.label_alt_id 
_pdbx_distant_solvent_atoms.auth_asym_id 
_pdbx_distant_solvent_atoms.auth_comp_id 
_pdbx_distant_solvent_atoms.auth_seq_id 
_pdbx_distant_solvent_atoms.PDB_ins_code 
_pdbx_distant_solvent_atoms.neighbor_macromolecule_distance 
_pdbx_distant_solvent_atoms.neighbor_ligand_distance 
1 1 O ? A HOH 2015 ? 8.59 . 
2 1 O ? A HOH 2042 ? 6.53 . 
3 1 O ? A HOH 2117 ? 6.40 . 
# 
loop_
_pdbx_unobs_or_zero_occ_residues.id 
_pdbx_unobs_or_zero_occ_residues.PDB_model_num 
_pdbx_unobs_or_zero_occ_residues.polymer_flag 
_pdbx_unobs_or_zero_occ_residues.occupancy_flag 
_pdbx_unobs_or_zero_occ_residues.auth_asym_id 
_pdbx_unobs_or_zero_occ_residues.auth_comp_id 
_pdbx_unobs_or_zero_occ_residues.auth_seq_id 
_pdbx_unobs_or_zero_occ_residues.PDB_ins_code 
_pdbx_unobs_or_zero_occ_residues.label_asym_id 
_pdbx_unobs_or_zero_occ_residues.label_comp_id 
_pdbx_unobs_or_zero_occ_residues.label_seq_id 
1  1 Y 1 A MET -19 ? A MET 1  
2  1 Y 1 A GLY -18 ? A GLY 2  
3  1 Y 1 A SER -17 ? A SER 3  
4  1 Y 1 A SER -16 ? A SER 4  
5  1 Y 1 A HIS -15 ? A HIS 5  
6  1 Y 1 A HIS -14 ? A HIS 6  
7  1 Y 1 A HIS -13 ? A HIS 7  
8  1 Y 1 A HIS -12 ? A HIS 8  
9  1 Y 1 A HIS -11 ? A HIS 9  
10 1 Y 1 A HIS -10 ? A HIS 10 
11 1 Y 1 A SER -9  ? A SER 11 
12 1 Y 1 A SER -8  ? A SER 12 
13 1 Y 1 A GLY -7  ? A GLY 13 
14 1 Y 1 A LEU -6  ? A LEU 14 
15 1 Y 1 A VAL -5  ? A VAL 15 
16 1 Y 1 A PRO -4  ? A PRO 16 
17 1 Y 1 A ARG -3  ? A ARG 17 
18 1 Y 1 A GLY -2  ? A GLY 18 
19 1 Y 1 A SER -1  ? A SER 19 
20 1 Y 1 A HIS 0   ? A HIS 20 
# 
loop_
_chem_comp_atom.comp_id 
_chem_comp_atom.atom_id 
_chem_comp_atom.type_symbol 
_chem_comp_atom.pdbx_aromatic_flag 
_chem_comp_atom.pdbx_stereo_config 
_chem_comp_atom.pdbx_ordinal 
ACO N1A  N  Y N 1   
ACO C2A  C  Y N 2   
ACO N3A  N  Y N 3   
ACO C4A  C  Y N 4   
ACO C5A  C  Y N 5   
ACO C6A  C  Y N 6   
ACO N6A  N  N N 7   
ACO N7A  N  Y N 8   
ACO C8A  C  Y N 9   
ACO N9A  N  Y N 10  
ACO C1B  C  N R 11  
ACO C2B  C  N R 12  
ACO O2B  O  N N 13  
ACO C3B  C  N S 14  
ACO O3B  O  N N 15  
ACO P3B  P  N N 16  
ACO O7A  O  N N 17  
ACO O8A  O  N N 18  
ACO O9A  O  N N 19  
ACO C4B  C  N R 20  
ACO O4B  O  N N 21  
ACO C5B  C  N N 22  
ACO O5B  O  N N 23  
ACO P1A  P  N S 24  
ACO O1A  O  N N 25  
ACO O2A  O  N N 26  
ACO O3A  O  N N 27  
ACO P2A  P  N S 28  
ACO O4A  O  N N 29  
ACO O5A  O  N N 30  
ACO O6A  O  N N 31  
ACO CBP  C  N N 32  
ACO CCP  C  N N 33  
ACO CDP  C  N N 34  
ACO CEP  C  N N 35  
ACO CAP  C  N R 36  
ACO OAP  O  N N 37  
ACO C9P  C  N N 38  
ACO O9P  O  N N 39  
ACO N8P  N  N N 40  
ACO C7P  C  N N 41  
ACO C6P  C  N N 42  
ACO C5P  C  N N 43  
ACO O5P  O  N N 44  
ACO N4P  N  N N 45  
ACO C3P  C  N N 46  
ACO C2P  C  N N 47  
ACO S1P  S  N N 48  
ACO C    C  N N 49  
ACO O    O  N N 50  
ACO CH3  C  N N 51  
ACO H2A  H  N N 52  
ACO H61A H  N N 53  
ACO H62A H  N N 54  
ACO H8A  H  N N 55  
ACO H1B  H  N N 56  
ACO H2B  H  N N 57  
ACO HO2A H  N N 58  
ACO H3B  H  N N 59  
ACO HOA8 H  N N 60  
ACO HOA9 H  N N 61  
ACO H4B  H  N N 62  
ACO H51A H  N N 63  
ACO H52A H  N N 64  
ACO HOA2 H  N N 65  
ACO HOA5 H  N N 66  
ACO H121 H  N N 67  
ACO H122 H  N N 68  
ACO H131 H  N N 69  
ACO H132 H  N N 70  
ACO H133 H  N N 71  
ACO H141 H  N N 72  
ACO H142 H  N N 73  
ACO H143 H  N N 74  
ACO H10  H  N N 75  
ACO HO1  H  N N 76  
ACO HN8  H  N N 77  
ACO H71  H  N N 78  
ACO H72  H  N N 79  
ACO H61  H  N N 80  
ACO H62  H  N N 81  
ACO HN4  H  N N 82  
ACO H31  H  N N 83  
ACO H32  H  N N 84  
ACO H21  H  N N 85  
ACO H22  H  N N 86  
ACO HH31 H  N N 87  
ACO HH32 H  N N 88  
ACO HH33 H  N N 89  
ALA N    N  N N 90  
ALA CA   C  N S 91  
ALA C    C  N N 92  
ALA O    O  N N 93  
ALA CB   C  N N 94  
ALA OXT  O  N N 95  
ALA H    H  N N 96  
ALA H2   H  N N 97  
ALA HA   H  N N 98  
ALA HB1  H  N N 99  
ALA HB2  H  N N 100 
ALA HB3  H  N N 101 
ALA HXT  H  N N 102 
ARG N    N  N N 103 
ARG CA   C  N S 104 
ARG C    C  N N 105 
ARG O    O  N N 106 
ARG CB   C  N N 107 
ARG CG   C  N N 108 
ARG CD   C  N N 109 
ARG NE   N  N N 110 
ARG CZ   C  N N 111 
ARG NH1  N  N N 112 
ARG NH2  N  N N 113 
ARG OXT  O  N N 114 
ARG H    H  N N 115 
ARG H2   H  N N 116 
ARG HA   H  N N 117 
ARG HB2  H  N N 118 
ARG HB3  H  N N 119 
ARG HG2  H  N N 120 
ARG HG3  H  N N 121 
ARG HD2  H  N N 122 
ARG HD3  H  N N 123 
ARG HE   H  N N 124 
ARG HH11 H  N N 125 
ARG HH12 H  N N 126 
ARG HH21 H  N N 127 
ARG HH22 H  N N 128 
ARG HXT  H  N N 129 
ASP N    N  N N 130 
ASP CA   C  N S 131 
ASP C    C  N N 132 
ASP O    O  N N 133 
ASP CB   C  N N 134 
ASP CG   C  N N 135 
ASP OD1  O  N N 136 
ASP OD2  O  N N 137 
ASP OXT  O  N N 138 
ASP H    H  N N 139 
ASP H2   H  N N 140 
ASP HA   H  N N 141 
ASP HB2  H  N N 142 
ASP HB3  H  N N 143 
ASP HD2  H  N N 144 
ASP HXT  H  N N 145 
COA N1A  N  Y N 146 
COA C2A  C  Y N 147 
COA N3A  N  Y N 148 
COA C4A  C  Y N 149 
COA C5A  C  Y N 150 
COA C6A  C  Y N 151 
COA N6A  N  N N 152 
COA N7A  N  Y N 153 
COA C8A  C  Y N 154 
COA N9A  N  Y N 155 
COA C1B  C  N R 156 
COA C2B  C  N R 157 
COA O2B  O  N N 158 
COA C3B  C  N S 159 
COA O3B  O  N N 160 
COA P3B  P  N N 161 
COA O7A  O  N N 162 
COA O8A  O  N N 163 
COA O9A  O  N N 164 
COA C4B  C  N R 165 
COA O4B  O  N N 166 
COA C5B  C  N N 167 
COA O5B  O  N N 168 
COA P1A  P  N S 169 
COA O1A  O  N N 170 
COA O2A  O  N N 171 
COA O3A  O  N N 172 
COA P2A  P  N S 173 
COA O4A  O  N N 174 
COA O5A  O  N N 175 
COA O6A  O  N N 176 
COA CBP  C  N N 177 
COA CCP  C  N N 178 
COA CDP  C  N N 179 
COA CEP  C  N N 180 
COA CAP  C  N R 181 
COA OAP  O  N N 182 
COA C9P  C  N N 183 
COA O9P  O  N N 184 
COA N8P  N  N N 185 
COA C7P  C  N N 186 
COA C6P  C  N N 187 
COA C5P  C  N N 188 
COA O5P  O  N N 189 
COA N4P  N  N N 190 
COA C3P  C  N N 191 
COA C2P  C  N N 192 
COA S1P  S  N N 193 
COA H2A  H  N N 194 
COA H61A H  N N 195 
COA H62A H  N N 196 
COA H8A  H  N N 197 
COA H1B  H  N N 198 
COA H2B  H  N N 199 
COA HO2A H  N N 200 
COA H3B  H  N N 201 
COA HOA8 H  N N 202 
COA HOA9 H  N N 203 
COA H4B  H  N N 204 
COA H51A H  N N 205 
COA H52A H  N N 206 
COA HOA2 H  N N 207 
COA HOA5 H  N N 208 
COA H121 H  N N 209 
COA H122 H  N N 210 
COA H131 H  N N 211 
COA H132 H  N N 212 
COA H133 H  N N 213 
COA H141 H  N N 214 
COA H142 H  N N 215 
COA H143 H  N N 216 
COA H10  H  N N 217 
COA HO1  H  N N 218 
COA HN8  H  N N 219 
COA H71  H  N N 220 
COA H72  H  N N 221 
COA H61  H  N N 222 
COA H62  H  N N 223 
COA HN4  H  N N 224 
COA H31  H  N N 225 
COA H32  H  N N 226 
COA H21  H  N N 227 
COA H22  H  N N 228 
COA HS1  H  N N 229 
GLU N    N  N N 230 
GLU CA   C  N S 231 
GLU C    C  N N 232 
GLU O    O  N N 233 
GLU CB   C  N N 234 
GLU CG   C  N N 235 
GLU CD   C  N N 236 
GLU OE1  O  N N 237 
GLU OE2  O  N N 238 
GLU OXT  O  N N 239 
GLU H    H  N N 240 
GLU H2   H  N N 241 
GLU HA   H  N N 242 
GLU HB2  H  N N 243 
GLU HB3  H  N N 244 
GLU HG2  H  N N 245 
GLU HG3  H  N N 246 
GLU HE2  H  N N 247 
GLU HXT  H  N N 248 
GLY N    N  N N 249 
GLY CA   C  N N 250 
GLY C    C  N N 251 
GLY O    O  N N 252 
GLY OXT  O  N N 253 
GLY H    H  N N 254 
GLY H2   H  N N 255 
GLY HA2  H  N N 256 
GLY HA3  H  N N 257 
GLY HXT  H  N N 258 
GOL C1   C  N N 259 
GOL O1   O  N N 260 
GOL C2   C  N N 261 
GOL O2   O  N N 262 
GOL C3   C  N N 263 
GOL O3   O  N N 264 
GOL H11  H  N N 265 
GOL H12  H  N N 266 
GOL HO1  H  N N 267 
GOL H2   H  N N 268 
GOL HO2  H  N N 269 
GOL H31  H  N N 270 
GOL H32  H  N N 271 
GOL HO3  H  N N 272 
HIS N    N  N N 273 
HIS CA   C  N S 274 
HIS C    C  N N 275 
HIS O    O  N N 276 
HIS CB   C  N N 277 
HIS CG   C  Y N 278 
HIS ND1  N  Y N 279 
HIS CD2  C  Y N 280 
HIS CE1  C  Y N 281 
HIS NE2  N  Y N 282 
HIS OXT  O  N N 283 
HIS H    H  N N 284 
HIS H2   H  N N 285 
HIS HA   H  N N 286 
HIS HB2  H  N N 287 
HIS HB3  H  N N 288 
HIS HD1  H  N N 289 
HIS HD2  H  N N 290 
HIS HE1  H  N N 291 
HIS HE2  H  N N 292 
HIS HXT  H  N N 293 
HOH O    O  N N 294 
HOH H1   H  N N 295 
HOH H2   H  N N 296 
ILE N    N  N N 297 
ILE CA   C  N S 298 
ILE C    C  N N 299 
ILE O    O  N N 300 
ILE CB   C  N S 301 
ILE CG1  C  N N 302 
ILE CG2  C  N N 303 
ILE CD1  C  N N 304 
ILE OXT  O  N N 305 
ILE H    H  N N 306 
ILE H2   H  N N 307 
ILE HA   H  N N 308 
ILE HB   H  N N 309 
ILE HG12 H  N N 310 
ILE HG13 H  N N 311 
ILE HG21 H  N N 312 
ILE HG22 H  N N 313 
ILE HG23 H  N N 314 
ILE HD11 H  N N 315 
ILE HD12 H  N N 316 
ILE HD13 H  N N 317 
ILE HXT  H  N N 318 
LEU N    N  N N 319 
LEU CA   C  N S 320 
LEU C    C  N N 321 
LEU O    O  N N 322 
LEU CB   C  N N 323 
LEU CG   C  N N 324 
LEU CD1  C  N N 325 
LEU CD2  C  N N 326 
LEU OXT  O  N N 327 
LEU H    H  N N 328 
LEU H2   H  N N 329 
LEU HA   H  N N 330 
LEU HB2  H  N N 331 
LEU HB3  H  N N 332 
LEU HG   H  N N 333 
LEU HD11 H  N N 334 
LEU HD12 H  N N 335 
LEU HD13 H  N N 336 
LEU HD21 H  N N 337 
LEU HD22 H  N N 338 
LEU HD23 H  N N 339 
LEU HXT  H  N N 340 
LYS N    N  N N 341 
LYS CA   C  N S 342 
LYS C    C  N N 343 
LYS O    O  N N 344 
LYS CB   C  N N 345 
LYS CG   C  N N 346 
LYS CD   C  N N 347 
LYS CE   C  N N 348 
LYS NZ   N  N N 349 
LYS OXT  O  N N 350 
LYS H    H  N N 351 
LYS H2   H  N N 352 
LYS HA   H  N N 353 
LYS HB2  H  N N 354 
LYS HB3  H  N N 355 
LYS HG2  H  N N 356 
LYS HG3  H  N N 357 
LYS HD2  H  N N 358 
LYS HD3  H  N N 359 
LYS HE2  H  N N 360 
LYS HE3  H  N N 361 
LYS HZ1  H  N N 362 
LYS HZ2  H  N N 363 
LYS HZ3  H  N N 364 
LYS HXT  H  N N 365 
MET N    N  N N 366 
MET CA   C  N S 367 
MET C    C  N N 368 
MET O    O  N N 369 
MET CB   C  N N 370 
MET CG   C  N N 371 
MET SD   S  N N 372 
MET CE   C  N N 373 
MET OXT  O  N N 374 
MET H    H  N N 375 
MET H2   H  N N 376 
MET HA   H  N N 377 
MET HB2  H  N N 378 
MET HB3  H  N N 379 
MET HG2  H  N N 380 
MET HG3  H  N N 381 
MET HE1  H  N N 382 
MET HE2  H  N N 383 
MET HE3  H  N N 384 
MET HXT  H  N N 385 
MG  MG   MG N N 386 
PHE N    N  N N 387 
PHE CA   C  N S 388 
PHE C    C  N N 389 
PHE O    O  N N 390 
PHE CB   C  N N 391 
PHE CG   C  Y N 392 
PHE CD1  C  Y N 393 
PHE CD2  C  Y N 394 
PHE CE1  C  Y N 395 
PHE CE2  C  Y N 396 
PHE CZ   C  Y N 397 
PHE OXT  O  N N 398 
PHE H    H  N N 399 
PHE H2   H  N N 400 
PHE HA   H  N N 401 
PHE HB2  H  N N 402 
PHE HB3  H  N N 403 
PHE HD1  H  N N 404 
PHE HD2  H  N N 405 
PHE HE1  H  N N 406 
PHE HE2  H  N N 407 
PHE HZ   H  N N 408 
PHE HXT  H  N N 409 
PRO N    N  N N 410 
PRO CA   C  N S 411 
PRO C    C  N N 412 
PRO O    O  N N 413 
PRO CB   C  N N 414 
PRO CG   C  N N 415 
PRO CD   C  N N 416 
PRO OXT  O  N N 417 
PRO H    H  N N 418 
PRO HA   H  N N 419 
PRO HB2  H  N N 420 
PRO HB3  H  N N 421 
PRO HG2  H  N N 422 
PRO HG3  H  N N 423 
PRO HD2  H  N N 424 
PRO HD3  H  N N 425 
PRO HXT  H  N N 426 
SER N    N  N N 427 
SER CA   C  N S 428 
SER C    C  N N 429 
SER O    O  N N 430 
SER CB   C  N N 431 
SER OG   O  N N 432 
SER OXT  O  N N 433 
SER H    H  N N 434 
SER H2   H  N N 435 
SER HA   H  N N 436 
SER HB2  H  N N 437 
SER HB3  H  N N 438 
SER HG   H  N N 439 
SER HXT  H  N N 440 
SO4 S    S  N N 441 
SO4 O1   O  N N 442 
SO4 O2   O  N N 443 
SO4 O3   O  N N 444 
SO4 O4   O  N N 445 
THR N    N  N N 446 
THR CA   C  N S 447 
THR C    C  N N 448 
THR O    O  N N 449 
THR CB   C  N R 450 
THR OG1  O  N N 451 
THR CG2  C  N N 452 
THR OXT  O  N N 453 
THR H    H  N N 454 
THR H2   H  N N 455 
THR HA   H  N N 456 
THR HB   H  N N 457 
THR HG1  H  N N 458 
THR HG21 H  N N 459 
THR HG22 H  N N 460 
THR HG23 H  N N 461 
THR HXT  H  N N 462 
TRP N    N  N N 463 
TRP CA   C  N S 464 
TRP C    C  N N 465 
TRP O    O  N N 466 
TRP CB   C  N N 467 
TRP CG   C  Y N 468 
TRP CD1  C  Y N 469 
TRP CD2  C  Y N 470 
TRP NE1  N  Y N 471 
TRP CE2  C  Y N 472 
TRP CE3  C  Y N 473 
TRP CZ2  C  Y N 474 
TRP CZ3  C  Y N 475 
TRP CH2  C  Y N 476 
TRP OXT  O  N N 477 
TRP H    H  N N 478 
TRP H2   H  N N 479 
TRP HA   H  N N 480 
TRP HB2  H  N N 481 
TRP HB3  H  N N 482 
TRP HD1  H  N N 483 
TRP HE1  H  N N 484 
TRP HE3  H  N N 485 
TRP HZ2  H  N N 486 
TRP HZ3  H  N N 487 
TRP HH2  H  N N 488 
TRP HXT  H  N N 489 
VAL N    N  N N 490 
VAL CA   C  N S 491 
VAL C    C  N N 492 
VAL O    O  N N 493 
VAL CB   C  N N 494 
VAL CG1  C  N N 495 
VAL CG2  C  N N 496 
VAL OXT  O  N N 497 
VAL H    H  N N 498 
VAL H2   H  N N 499 
VAL HA   H  N N 500 
VAL HB   H  N N 501 
VAL HG11 H  N N 502 
VAL HG12 H  N N 503 
VAL HG13 H  N N 504 
VAL HG21 H  N N 505 
VAL HG22 H  N N 506 
VAL HG23 H  N N 507 
VAL HXT  H  N N 508 
# 
loop_
_chem_comp_bond.comp_id 
_chem_comp_bond.atom_id_1 
_chem_comp_bond.atom_id_2 
_chem_comp_bond.value_order 
_chem_comp_bond.pdbx_aromatic_flag 
_chem_comp_bond.pdbx_stereo_config 
_chem_comp_bond.pdbx_ordinal 
ACO N1A C2A  sing Y N 1   
ACO N1A C6A  doub Y N 2   
ACO C2A N3A  doub Y N 3   
ACO C2A H2A  sing N N 4   
ACO N3A C4A  sing Y N 5   
ACO C4A C5A  doub Y N 6   
ACO C4A N9A  sing Y N 7   
ACO C5A C6A  sing Y N 8   
ACO C5A N7A  sing Y N 9   
ACO C6A N6A  sing N N 10  
ACO N6A H61A sing N N 11  
ACO N6A H62A sing N N 12  
ACO N7A C8A  doub Y N 13  
ACO C8A N9A  sing Y N 14  
ACO C8A H8A  sing N N 15  
ACO N9A C1B  sing N N 16  
ACO C1B C2B  sing N N 17  
ACO C1B O4B  sing N N 18  
ACO C1B H1B  sing N N 19  
ACO C2B O2B  sing N N 20  
ACO C2B C3B  sing N N 21  
ACO C2B H2B  sing N N 22  
ACO O2B HO2A sing N N 23  
ACO C3B O3B  sing N N 24  
ACO C3B C4B  sing N N 25  
ACO C3B H3B  sing N N 26  
ACO O3B P3B  sing N N 27  
ACO P3B O7A  doub N N 28  
ACO P3B O8A  sing N N 29  
ACO P3B O9A  sing N N 30  
ACO O8A HOA8 sing N N 31  
ACO O9A HOA9 sing N N 32  
ACO C4B O4B  sing N N 33  
ACO C4B C5B  sing N N 34  
ACO C4B H4B  sing N N 35  
ACO C5B O5B  sing N N 36  
ACO C5B H51A sing N N 37  
ACO C5B H52A sing N N 38  
ACO O5B P1A  sing N N 39  
ACO P1A O1A  doub N N 40  
ACO P1A O2A  sing N N 41  
ACO P1A O3A  sing N N 42  
ACO O2A HOA2 sing N N 43  
ACO O3A P2A  sing N N 44  
ACO P2A O4A  doub N N 45  
ACO P2A O5A  sing N N 46  
ACO P2A O6A  sing N N 47  
ACO O5A HOA5 sing N N 48  
ACO O6A CCP  sing N N 49  
ACO CBP CCP  sing N N 50  
ACO CBP CDP  sing N N 51  
ACO CBP CEP  sing N N 52  
ACO CBP CAP  sing N N 53  
ACO CCP H121 sing N N 54  
ACO CCP H122 sing N N 55  
ACO CDP H131 sing N N 56  
ACO CDP H132 sing N N 57  
ACO CDP H133 sing N N 58  
ACO CEP H141 sing N N 59  
ACO CEP H142 sing N N 60  
ACO CEP H143 sing N N 61  
ACO CAP OAP  sing N N 62  
ACO CAP C9P  sing N N 63  
ACO CAP H10  sing N N 64  
ACO OAP HO1  sing N N 65  
ACO C9P O9P  doub N N 66  
ACO C9P N8P  sing N N 67  
ACO N8P C7P  sing N N 68  
ACO N8P HN8  sing N N 69  
ACO C7P C6P  sing N N 70  
ACO C7P H71  sing N N 71  
ACO C7P H72  sing N N 72  
ACO C6P C5P  sing N N 73  
ACO C6P H61  sing N N 74  
ACO C6P H62  sing N N 75  
ACO C5P O5P  doub N N 76  
ACO C5P N4P  sing N N 77  
ACO N4P C3P  sing N N 78  
ACO N4P HN4  sing N N 79  
ACO C3P C2P  sing N N 80  
ACO C3P H31  sing N N 81  
ACO C3P H32  sing N N 82  
ACO C2P S1P  sing N N 83  
ACO C2P H21  sing N N 84  
ACO C2P H22  sing N N 85  
ACO S1P C    sing N N 86  
ACO C   O    doub N N 87  
ACO C   CH3  sing N N 88  
ACO CH3 HH31 sing N N 89  
ACO CH3 HH32 sing N N 90  
ACO CH3 HH33 sing N N 91  
ALA N   CA   sing N N 92  
ALA N   H    sing N N 93  
ALA N   H2   sing N N 94  
ALA CA  C    sing N N 95  
ALA CA  CB   sing N N 96  
ALA CA  HA   sing N N 97  
ALA C   O    doub N N 98  
ALA C   OXT  sing N N 99  
ALA CB  HB1  sing N N 100 
ALA CB  HB2  sing N N 101 
ALA CB  HB3  sing N N 102 
ALA OXT HXT  sing N N 103 
ARG N   CA   sing N N 104 
ARG N   H    sing N N 105 
ARG N   H2   sing N N 106 
ARG CA  C    sing N N 107 
ARG CA  CB   sing N N 108 
ARG CA  HA   sing N N 109 
ARG C   O    doub N N 110 
ARG C   OXT  sing N N 111 
ARG CB  CG   sing N N 112 
ARG CB  HB2  sing N N 113 
ARG CB  HB3  sing N N 114 
ARG CG  CD   sing N N 115 
ARG CG  HG2  sing N N 116 
ARG CG  HG3  sing N N 117 
ARG CD  NE   sing N N 118 
ARG CD  HD2  sing N N 119 
ARG CD  HD3  sing N N 120 
ARG NE  CZ   sing N N 121 
ARG NE  HE   sing N N 122 
ARG CZ  NH1  sing N N 123 
ARG CZ  NH2  doub N N 124 
ARG NH1 HH11 sing N N 125 
ARG NH1 HH12 sing N N 126 
ARG NH2 HH21 sing N N 127 
ARG NH2 HH22 sing N N 128 
ARG OXT HXT  sing N N 129 
ASP N   CA   sing N N 130 
ASP N   H    sing N N 131 
ASP N   H2   sing N N 132 
ASP CA  C    sing N N 133 
ASP CA  CB   sing N N 134 
ASP CA  HA   sing N N 135 
ASP C   O    doub N N 136 
ASP C   OXT  sing N N 137 
ASP CB  CG   sing N N 138 
ASP CB  HB2  sing N N 139 
ASP CB  HB3  sing N N 140 
ASP CG  OD1  doub N N 141 
ASP CG  OD2  sing N N 142 
ASP OD2 HD2  sing N N 143 
ASP OXT HXT  sing N N 144 
COA N1A C2A  sing Y N 145 
COA N1A C6A  doub Y N 146 
COA C2A N3A  doub Y N 147 
COA C2A H2A  sing N N 148 
COA N3A C4A  sing Y N 149 
COA C4A C5A  doub Y N 150 
COA C4A N9A  sing Y N 151 
COA C5A C6A  sing Y N 152 
COA C5A N7A  sing Y N 153 
COA C6A N6A  sing N N 154 
COA N6A H61A sing N N 155 
COA N6A H62A sing N N 156 
COA N7A C8A  doub Y N 157 
COA C8A N9A  sing Y N 158 
COA C8A H8A  sing N N 159 
COA N9A C1B  sing N N 160 
COA C1B C2B  sing N N 161 
COA C1B O4B  sing N N 162 
COA C1B H1B  sing N N 163 
COA C2B O2B  sing N N 164 
COA C2B C3B  sing N N 165 
COA C2B H2B  sing N N 166 
COA O2B HO2A sing N N 167 
COA C3B O3B  sing N N 168 
COA C3B C4B  sing N N 169 
COA C3B H3B  sing N N 170 
COA O3B P3B  sing N N 171 
COA P3B O7A  doub N N 172 
COA P3B O8A  sing N N 173 
COA P3B O9A  sing N N 174 
COA O8A HOA8 sing N N 175 
COA O9A HOA9 sing N N 176 
COA C4B O4B  sing N N 177 
COA C4B C5B  sing N N 178 
COA C4B H4B  sing N N 179 
COA C5B O5B  sing N N 180 
COA C5B H51A sing N N 181 
COA C5B H52A sing N N 182 
COA O5B P1A  sing N N 183 
COA P1A O1A  doub N N 184 
COA P1A O2A  sing N N 185 
COA P1A O3A  sing N N 186 
COA O2A HOA2 sing N N 187 
COA O3A P2A  sing N N 188 
COA P2A O4A  doub N N 189 
COA P2A O5A  sing N N 190 
COA P2A O6A  sing N N 191 
COA O5A HOA5 sing N N 192 
COA O6A CCP  sing N N 193 
COA CBP CCP  sing N N 194 
COA CBP CDP  sing N N 195 
COA CBP CEP  sing N N 196 
COA CBP CAP  sing N N 197 
COA CCP H121 sing N N 198 
COA CCP H122 sing N N 199 
COA CDP H131 sing N N 200 
COA CDP H132 sing N N 201 
COA CDP H133 sing N N 202 
COA CEP H141 sing N N 203 
COA CEP H142 sing N N 204 
COA CEP H143 sing N N 205 
COA CAP OAP  sing N N 206 
COA CAP C9P  sing N N 207 
COA CAP H10  sing N N 208 
COA OAP HO1  sing N N 209 
COA C9P O9P  doub N N 210 
COA C9P N8P  sing N N 211 
COA N8P C7P  sing N N 212 
COA N8P HN8  sing N N 213 
COA C7P C6P  sing N N 214 
COA C7P H71  sing N N 215 
COA C7P H72  sing N N 216 
COA C6P C5P  sing N N 217 
COA C6P H61  sing N N 218 
COA C6P H62  sing N N 219 
COA C5P O5P  doub N N 220 
COA C5P N4P  sing N N 221 
COA N4P C3P  sing N N 222 
COA N4P HN4  sing N N 223 
COA C3P C2P  sing N N 224 
COA C3P H31  sing N N 225 
COA C3P H32  sing N N 226 
COA C2P S1P  sing N N 227 
COA C2P H21  sing N N 228 
COA C2P H22  sing N N 229 
COA S1P HS1  sing N N 230 
GLU N   CA   sing N N 231 
GLU N   H    sing N N 232 
GLU N   H2   sing N N 233 
GLU CA  C    sing N N 234 
GLU CA  CB   sing N N 235 
GLU CA  HA   sing N N 236 
GLU C   O    doub N N 237 
GLU C   OXT  sing N N 238 
GLU CB  CG   sing N N 239 
GLU CB  HB2  sing N N 240 
GLU CB  HB3  sing N N 241 
GLU CG  CD   sing N N 242 
GLU CG  HG2  sing N N 243 
GLU CG  HG3  sing N N 244 
GLU CD  OE1  doub N N 245 
GLU CD  OE2  sing N N 246 
GLU OE2 HE2  sing N N 247 
GLU OXT HXT  sing N N 248 
GLY N   CA   sing N N 249 
GLY N   H    sing N N 250 
GLY N   H2   sing N N 251 
GLY CA  C    sing N N 252 
GLY CA  HA2  sing N N 253 
GLY CA  HA3  sing N N 254 
GLY C   O    doub N N 255 
GLY C   OXT  sing N N 256 
GLY OXT HXT  sing N N 257 
GOL C1  O1   sing N N 258 
GOL C1  C2   sing N N 259 
GOL C1  H11  sing N N 260 
GOL C1  H12  sing N N 261 
GOL O1  HO1  sing N N 262 
GOL C2  O2   sing N N 263 
GOL C2  C3   sing N N 264 
GOL C2  H2   sing N N 265 
GOL O2  HO2  sing N N 266 
GOL C3  O3   sing N N 267 
GOL C3  H31  sing N N 268 
GOL C3  H32  sing N N 269 
GOL O3  HO3  sing N N 270 
HIS N   CA   sing N N 271 
HIS N   H    sing N N 272 
HIS N   H2   sing N N 273 
HIS CA  C    sing N N 274 
HIS CA  CB   sing N N 275 
HIS CA  HA   sing N N 276 
HIS C   O    doub N N 277 
HIS C   OXT  sing N N 278 
HIS CB  CG   sing N N 279 
HIS CB  HB2  sing N N 280 
HIS CB  HB3  sing N N 281 
HIS CG  ND1  sing Y N 282 
HIS CG  CD2  doub Y N 283 
HIS ND1 CE1  doub Y N 284 
HIS ND1 HD1  sing N N 285 
HIS CD2 NE2  sing Y N 286 
HIS CD2 HD2  sing N N 287 
HIS CE1 NE2  sing Y N 288 
HIS CE1 HE1  sing N N 289 
HIS NE2 HE2  sing N N 290 
HIS OXT HXT  sing N N 291 
HOH O   H1   sing N N 292 
HOH O   H2   sing N N 293 
ILE N   CA   sing N N 294 
ILE N   H    sing N N 295 
ILE N   H2   sing N N 296 
ILE CA  C    sing N N 297 
ILE CA  CB   sing N N 298 
ILE CA  HA   sing N N 299 
ILE C   O    doub N N 300 
ILE C   OXT  sing N N 301 
ILE CB  CG1  sing N N 302 
ILE CB  CG2  sing N N 303 
ILE CB  HB   sing N N 304 
ILE CG1 CD1  sing N N 305 
ILE CG1 HG12 sing N N 306 
ILE CG1 HG13 sing N N 307 
ILE CG2 HG21 sing N N 308 
ILE CG2 HG22 sing N N 309 
ILE CG2 HG23 sing N N 310 
ILE CD1 HD11 sing N N 311 
ILE CD1 HD12 sing N N 312 
ILE CD1 HD13 sing N N 313 
ILE OXT HXT  sing N N 314 
LEU N   CA   sing N N 315 
LEU N   H    sing N N 316 
LEU N   H2   sing N N 317 
LEU CA  C    sing N N 318 
LEU CA  CB   sing N N 319 
LEU CA  HA   sing N N 320 
LEU C   O    doub N N 321 
LEU C   OXT  sing N N 322 
LEU CB  CG   sing N N 323 
LEU CB  HB2  sing N N 324 
LEU CB  HB3  sing N N 325 
LEU CG  CD1  sing N N 326 
LEU CG  CD2  sing N N 327 
LEU CG  HG   sing N N 328 
LEU CD1 HD11 sing N N 329 
LEU CD1 HD12 sing N N 330 
LEU CD1 HD13 sing N N 331 
LEU CD2 HD21 sing N N 332 
LEU CD2 HD22 sing N N 333 
LEU CD2 HD23 sing N N 334 
LEU OXT HXT  sing N N 335 
LYS N   CA   sing N N 336 
LYS N   H    sing N N 337 
LYS N   H2   sing N N 338 
LYS CA  C    sing N N 339 
LYS CA  CB   sing N N 340 
LYS CA  HA   sing N N 341 
LYS C   O    doub N N 342 
LYS C   OXT  sing N N 343 
LYS CB  CG   sing N N 344 
LYS CB  HB2  sing N N 345 
LYS CB  HB3  sing N N 346 
LYS CG  CD   sing N N 347 
LYS CG  HG2  sing N N 348 
LYS CG  HG3  sing N N 349 
LYS CD  CE   sing N N 350 
LYS CD  HD2  sing N N 351 
LYS CD  HD3  sing N N 352 
LYS CE  NZ   sing N N 353 
LYS CE  HE2  sing N N 354 
LYS CE  HE3  sing N N 355 
LYS NZ  HZ1  sing N N 356 
LYS NZ  HZ2  sing N N 357 
LYS NZ  HZ3  sing N N 358 
LYS OXT HXT  sing N N 359 
MET N   CA   sing N N 360 
MET N   H    sing N N 361 
MET N   H2   sing N N 362 
MET CA  C    sing N N 363 
MET CA  CB   sing N N 364 
MET CA  HA   sing N N 365 
MET C   O    doub N N 366 
MET C   OXT  sing N N 367 
MET CB  CG   sing N N 368 
MET CB  HB2  sing N N 369 
MET CB  HB3  sing N N 370 
MET CG  SD   sing N N 371 
MET CG  HG2  sing N N 372 
MET CG  HG3  sing N N 373 
MET SD  CE   sing N N 374 
MET CE  HE1  sing N N 375 
MET CE  HE2  sing N N 376 
MET CE  HE3  sing N N 377 
MET OXT HXT  sing N N 378 
PHE N   CA   sing N N 379 
PHE N   H    sing N N 380 
PHE N   H2   sing N N 381 
PHE CA  C    sing N N 382 
PHE CA  CB   sing N N 383 
PHE CA  HA   sing N N 384 
PHE C   O    doub N N 385 
PHE C   OXT  sing N N 386 
PHE CB  CG   sing N N 387 
PHE CB  HB2  sing N N 388 
PHE CB  HB3  sing N N 389 
PHE CG  CD1  doub Y N 390 
PHE CG  CD2  sing Y N 391 
PHE CD1 CE1  sing Y N 392 
PHE CD1 HD1  sing N N 393 
PHE CD2 CE2  doub Y N 394 
PHE CD2 HD2  sing N N 395 
PHE CE1 CZ   doub Y N 396 
PHE CE1 HE1  sing N N 397 
PHE CE2 CZ   sing Y N 398 
PHE CE2 HE2  sing N N 399 
PHE CZ  HZ   sing N N 400 
PHE OXT HXT  sing N N 401 
PRO N   CA   sing N N 402 
PRO N   CD   sing N N 403 
PRO N   H    sing N N 404 
PRO CA  C    sing N N 405 
PRO CA  CB   sing N N 406 
PRO CA  HA   sing N N 407 
PRO C   O    doub N N 408 
PRO C   OXT  sing N N 409 
PRO CB  CG   sing N N 410 
PRO CB  HB2  sing N N 411 
PRO CB  HB3  sing N N 412 
PRO CG  CD   sing N N 413 
PRO CG  HG2  sing N N 414 
PRO CG  HG3  sing N N 415 
PRO CD  HD2  sing N N 416 
PRO CD  HD3  sing N N 417 
PRO OXT HXT  sing N N 418 
SER N   CA   sing N N 419 
SER N   H    sing N N 420 
SER N   H2   sing N N 421 
SER CA  C    sing N N 422 
SER CA  CB   sing N N 423 
SER CA  HA   sing N N 424 
SER C   O    doub N N 425 
SER C   OXT  sing N N 426 
SER CB  OG   sing N N 427 
SER CB  HB2  sing N N 428 
SER CB  HB3  sing N N 429 
SER OG  HG   sing N N 430 
SER OXT HXT  sing N N 431 
SO4 S   O1   doub N N 432 
SO4 S   O2   doub N N 433 
SO4 S   O3   sing N N 434 
SO4 S   O4   sing N N 435 
THR N   CA   sing N N 436 
THR N   H    sing N N 437 
THR N   H2   sing N N 438 
THR CA  C    sing N N 439 
THR CA  CB   sing N N 440 
THR CA  HA   sing N N 441 
THR C   O    doub N N 442 
THR C   OXT  sing N N 443 
THR CB  OG1  sing N N 444 
THR CB  CG2  sing N N 445 
THR CB  HB   sing N N 446 
THR OG1 HG1  sing N N 447 
THR CG2 HG21 sing N N 448 
THR CG2 HG22 sing N N 449 
THR CG2 HG23 sing N N 450 
THR OXT HXT  sing N N 451 
TRP N   CA   sing N N 452 
TRP N   H    sing N N 453 
TRP N   H2   sing N N 454 
TRP CA  C    sing N N 455 
TRP CA  CB   sing N N 456 
TRP CA  HA   sing N N 457 
TRP C   O    doub N N 458 
TRP C   OXT  sing N N 459 
TRP CB  CG   sing N N 460 
TRP CB  HB2  sing N N 461 
TRP CB  HB3  sing N N 462 
TRP CG  CD1  doub Y N 463 
TRP CG  CD2  sing Y N 464 
TRP CD1 NE1  sing Y N 465 
TRP CD1 HD1  sing N N 466 
TRP CD2 CE2  doub Y N 467 
TRP CD2 CE3  sing Y N 468 
TRP NE1 CE2  sing Y N 469 
TRP NE1 HE1  sing N N 470 
TRP CE2 CZ2  sing Y N 471 
TRP CE3 CZ3  doub Y N 472 
TRP CE3 HE3  sing N N 473 
TRP CZ2 CH2  doub Y N 474 
TRP CZ2 HZ2  sing N N 475 
TRP CZ3 CH2  sing Y N 476 
TRP CZ3 HZ3  sing N N 477 
TRP CH2 HH2  sing N N 478 
TRP OXT HXT  sing N N 479 
VAL N   CA   sing N N 480 
VAL N   H    sing N N 481 
VAL N   H2   sing N N 482 
VAL CA  C    sing N N 483 
VAL CA  CB   sing N N 484 
VAL CA  HA   sing N N 485 
VAL C   O    doub N N 486 
VAL C   OXT  sing N N 487 
VAL CB  CG1  sing N N 488 
VAL CB  CG2  sing N N 489 
VAL CB  HB   sing N N 490 
VAL CG1 HG11 sing N N 491 
VAL CG1 HG12 sing N N 492 
VAL CG1 HG13 sing N N 493 
VAL CG2 HG21 sing N N 494 
VAL CG2 HG22 sing N N 495 
VAL CG2 HG23 sing N N 496 
VAL OXT HXT  sing N N 497 
# 
loop_
_pdbx_entity_nonpoly.entity_id 
_pdbx_entity_nonpoly.name 
_pdbx_entity_nonpoly.comp_id 
2 'MAGNESIUM ION'      MG  
3 'ACETYL COENZYME *A' ACO 
4 'COENZYME A'         COA 
5 GLYCEROL             GOL 
6 'SULFATE ION'        SO4 
7 water                HOH 
# 
_pdbx_initial_refinement_model.id               1 
_pdbx_initial_refinement_model.entity_id_list   ? 
_pdbx_initial_refinement_model.type             'experimental model' 
_pdbx_initial_refinement_model.source_name      PDB 
_pdbx_initial_refinement_model.accession_code   2JBZ 
_pdbx_initial_refinement_model.details          'PDB ENTRY 2JBZ' 
# 
